data_8OQ2
#
_entry.id   8OQ2
#
_cell.length_a   132.265
_cell.length_b   132.265
_cell.length_c   302.952
_cell.angle_alpha   90
_cell.angle_beta   90
_cell.angle_gamma   120
#
_symmetry.space_group_name_H-M   'P 61'
#
loop_
_entity.id
_entity.type
_entity.pdbx_description
1 polymer 'Formate dehydrogenase'
2 non-polymer 'NADP NICOTINAMIDE-ADENINE-DINUCLEOTIDE PHOSPHATE'
3 non-polymer 'AZIDE ION'
4 water water
#
_entity_poly.entity_id   1
_entity_poly.type   'polypeptide(L)'
_entity_poly.pdbx_seq_one_letter_code
;SAKILCVLYDDPVDGYPKTYARDDLPKIDHYPGGQTLPTPKAIDFTPGALLGSVSGELGLRKYLEANGHTFVVTSDKDGP
DSVFERELVDADVVISQPFWPAYLTPERIAKAKNLKLALTAGIGSDHVDLQSAIDRGITVAEVTYCNSISVAEHVVMMIL
GLVRNYIPSHDWARKGGWNIADCVEHSYDLEGMTVGSVGAGRIGLAVLRRLAPFDVKLHYTQRHRLPEAVEKELGLVWHD
TREDMYPHCDVVTLNVPLHPETEHMINDETLKLFKRGAYIVNTARGKLADRDAIVRAIESGQLAGYAGDVWFPQPAPKDH
PWRTMKWEGMTPHISGTSLSAQARYAAGTREILECFFEGRPIRDEYLIVQGGALAGTGAKV
;
_entity_poly.pdbx_strand_id   A,B,C,D,E,F
#
loop_
_chem_comp.id
_chem_comp.type
_chem_comp.name
_chem_comp.formula
AZI non-polymer 'AZIDE ION' 'N3 -1'
NAP non-polymer 'NADP NICOTINAMIDE-ADENINE-DINUCLEOTIDE PHOSPHATE' 'C21 H28 N7 O17 P3'
#
# COMPACT_ATOMS: atom_id res chain seq x y z
N SER A 1 -33.81 -36.27 -0.83
CA SER A 1 -34.64 -36.75 0.27
C SER A 1 -34.25 -36.05 1.56
N ALA A 2 -33.87 -36.86 2.56
CA ALA A 2 -33.34 -36.37 3.82
C ALA A 2 -32.24 -35.37 3.54
N LYS A 3 -32.46 -34.11 3.86
CA LYS A 3 -31.48 -33.08 3.62
C LYS A 3 -30.63 -32.91 4.88
N ILE A 4 -29.33 -32.96 4.73
CA ILE A 4 -28.39 -32.68 5.81
C ILE A 4 -27.78 -31.32 5.55
N LEU A 5 -28.02 -30.38 6.46
CA LEU A 5 -27.48 -29.03 6.37
C LEU A 5 -26.27 -28.99 7.28
N CYS A 6 -25.12 -28.64 6.73
CA CYS A 6 -23.85 -28.76 7.43
C CYS A 6 -23.16 -27.40 7.39
N VAL A 7 -22.90 -26.84 8.57
CA VAL A 7 -22.32 -25.52 8.68
C VAL A 7 -20.89 -25.69 9.17
N LEU A 8 -19.94 -25.31 8.32
CA LEU A 8 -18.53 -25.45 8.61
C LEU A 8 -17.86 -24.11 8.41
N TYR A 9 -16.68 -23.95 9.01
CA TYR A 9 -16.01 -22.67 8.90
C TYR A 9 -15.23 -22.59 7.59
N ASP A 10 -14.89 -21.36 7.21
CA ASP A 10 -14.22 -21.14 5.92
C ASP A 10 -12.87 -21.84 5.87
N ASP A 11 -12.41 -22.21 4.69
CA ASP A 11 -11.07 -22.72 4.49
C ASP A 11 -10.10 -21.63 4.93
N PRO A 12 -8.81 -21.96 5.10
CA PRO A 12 -7.84 -20.91 5.37
C PRO A 12 -7.81 -19.91 4.22
N VAL A 13 -7.42 -18.67 4.54
CA VAL A 13 -7.43 -17.63 3.51
C VAL A 13 -6.43 -17.93 2.40
N ASP A 14 -5.28 -18.48 2.75
CA ASP A 14 -4.33 -18.83 1.68
C ASP A 14 -4.70 -20.15 1.03
N GLY A 15 -5.88 -20.68 1.31
CA GLY A 15 -6.43 -21.82 0.62
C GLY A 15 -6.43 -23.08 1.47
N TYR A 16 -7.30 -24.01 1.10
CA TYR A 16 -7.30 -25.32 1.73
C TYR A 16 -5.92 -25.97 1.48
N PRO A 17 -5.33 -26.53 2.57
CA PRO A 17 -4.01 -27.09 2.49
C PRO A 17 -3.76 -28.23 1.50
N LYS A 18 -2.59 -28.19 0.88
CA LYS A 18 -2.14 -29.25 -0.05
C LYS A 18 -1.01 -29.98 0.67
N THR A 19 -0.73 -29.60 1.92
CA THR A 19 0.39 -30.14 2.72
C THR A 19 0.18 -29.91 4.21
N TYR A 20 0.40 -30.92 5.05
CA TYR A 20 0.39 -30.79 6.50
C TYR A 20 1.82 -30.89 7.03
N ALA A 21 2.02 -30.37 8.24
CA ALA A 21 3.37 -30.26 8.78
C ALA A 21 3.98 -31.62 9.09
N ARG A 22 3.15 -32.66 9.19
CA ARG A 22 3.58 -33.97 9.65
C ARG A 22 2.88 -35.02 8.81
N ASP A 23 3.23 -36.28 9.05
CA ASP A 23 2.86 -37.34 8.12
C ASP A 23 1.79 -38.27 8.66
N ASP A 24 1.48 -38.23 9.96
CA ASP A 24 0.43 -39.03 10.56
C ASP A 24 0.16 -38.51 11.97
N LEU A 25 -1.04 -38.80 12.50
CA LEU A 25 -1.50 -38.49 13.85
C LEU A 25 -1.23 -39.64 14.83
N PRO A 26 -0.81 -39.34 16.08
CA PRO A 26 -0.62 -40.36 17.10
C PRO A 26 -1.87 -41.25 17.25
N LYS A 27 -1.65 -42.52 17.59
CA LYS A 27 -2.76 -43.49 17.75
C LYS A 27 -3.25 -43.40 19.19
N ILE A 28 -4.51 -43.05 19.37
CA ILE A 28 -5.14 -43.00 20.72
C ILE A 28 -6.00 -44.26 20.81
N ASP A 29 -5.67 -45.14 21.74
CA ASP A 29 -6.44 -46.41 21.91
C ASP A 29 -7.87 -46.21 22.44
N HIS A 30 -8.02 -45.47 23.55
CA HIS A 30 -9.32 -45.22 24.16
C HIS A 30 -9.19 -43.92 24.95
N TYR A 31 -10.30 -43.44 25.45
CA TYR A 31 -10.30 -42.25 26.30
C TYR A 31 -10.05 -42.64 27.76
N PRO A 32 -9.56 -41.72 28.58
CA PRO A 32 -9.39 -42.02 30.01
C PRO A 32 -10.70 -42.43 30.64
N GLY A 33 -10.67 -43.49 31.43
CA GLY A 33 -11.85 -44.05 32.03
C GLY A 33 -12.51 -45.16 31.22
N GLY A 34 -12.19 -45.27 29.94
CA GLY A 34 -12.56 -46.45 29.17
C GLY A 34 -13.53 -46.21 28.02
N GLN A 35 -14.09 -45.02 27.85
CA GLN A 35 -14.98 -44.80 26.72
C GLN A 35 -14.22 -45.06 25.42
N THR A 36 -14.84 -45.80 24.52
CA THR A 36 -14.20 -46.13 23.24
C THR A 36 -14.24 -44.93 22.30
N LEU A 37 -13.25 -44.87 21.42
CA LEU A 37 -13.23 -43.86 20.38
C LEU A 37 -14.37 -44.13 19.40
N PRO A 38 -14.75 -43.13 18.60
CA PRO A 38 -15.89 -43.32 17.69
C PRO A 38 -15.70 -44.55 16.82
N THR A 39 -16.82 -45.17 16.46
CA THR A 39 -16.83 -46.41 15.69
C THR A 39 -17.79 -46.28 14.52
N PRO A 40 -17.51 -45.39 13.57
CA PRO A 40 -18.28 -45.39 12.33
C PRO A 40 -17.99 -46.70 11.60
N LYS A 41 -18.80 -46.99 10.59
CA LYS A 41 -18.57 -48.21 9.84
C LYS A 41 -17.43 -48.08 8.84
N ALA A 42 -16.98 -46.85 8.59
CA ALA A 42 -15.85 -46.56 7.72
C ALA A 42 -15.62 -45.05 7.83
N ILE A 43 -14.49 -44.59 7.31
CA ILE A 43 -14.23 -43.16 7.22
C ILE A 43 -13.68 -42.87 5.84
N ASP A 44 -14.14 -41.78 5.24
CA ASP A 44 -13.64 -41.35 3.94
C ASP A 44 -12.70 -40.16 4.08
N PHE A 45 -11.70 -40.31 4.93
CA PHE A 45 -10.68 -39.28 5.10
C PHE A 45 -9.46 -39.91 5.74
N THR A 46 -8.33 -39.20 5.63
CA THR A 46 -7.10 -39.59 6.30
C THR A 46 -6.96 -38.80 7.59
N PRO A 47 -6.85 -39.44 8.74
CA PRO A 47 -6.63 -38.68 9.98
C PRO A 47 -5.48 -37.70 9.85
N GLY A 48 -5.71 -36.47 10.32
CA GLY A 48 -4.78 -35.38 10.15
C GLY A 48 -5.18 -34.39 9.08
N ALA A 49 -6.14 -34.74 8.24
CA ALA A 49 -6.68 -33.81 7.28
C ALA A 49 -7.52 -32.75 7.98
N LEU A 50 -7.73 -31.63 7.29
CA LEU A 50 -8.58 -30.57 7.79
C LEU A 50 -10.02 -30.96 7.44
N LEU A 51 -10.74 -31.54 8.41
CA LEU A 51 -12.10 -32.02 8.19
C LEU A 51 -13.16 -30.97 8.51
N GLY A 52 -12.84 -29.96 9.31
CA GLY A 52 -13.84 -29.06 9.84
C GLY A 52 -14.21 -27.84 9.02
N SER A 53 -13.62 -27.64 7.85
CA SER A 53 -13.94 -26.51 6.98
C SER A 53 -14.78 -26.95 5.78
N VAL A 54 -15.21 -25.98 4.99
CA VAL A 54 -16.18 -26.25 3.93
C VAL A 54 -15.61 -27.25 2.92
N SER A 55 -14.29 -27.21 2.68
CA SER A 55 -13.69 -28.18 1.78
C SER A 55 -13.44 -29.51 2.48
N GLY A 56 -13.32 -29.50 3.81
CA GLY A 56 -13.15 -30.75 4.54
C GLY A 56 -14.42 -31.57 4.60
N GLU A 57 -15.57 -30.93 4.79
CA GLU A 57 -16.88 -31.61 4.75
C GLU A 57 -17.00 -32.76 5.77
N LEU A 58 -16.11 -32.83 6.75
CA LEU A 58 -16.16 -33.85 7.83
C LEU A 58 -16.10 -35.26 7.23
N GLY A 59 -15.63 -35.39 6.00
CA GLY A 59 -15.58 -36.71 5.33
C GLY A 59 -16.95 -37.35 5.22
N LEU A 60 -18.00 -36.57 4.90
CA LEU A 60 -19.37 -37.11 4.94
C LEU A 60 -20.05 -37.16 3.57
N ARG A 61 -19.59 -36.38 2.60
CA ARG A 61 -20.29 -36.28 1.29
C ARG A 61 -20.49 -37.65 0.66
N LYS A 62 -19.42 -38.41 0.46
CA LYS A 62 -19.57 -39.65 -0.29
C LYS A 62 -20.49 -40.61 0.44
N TYR A 63 -20.40 -40.68 1.76
CA TYR A 63 -21.26 -41.57 2.55
C TYR A 63 -22.73 -41.18 2.38
N LEU A 64 -23.06 -39.92 2.63
CA LEU A 64 -24.47 -39.51 2.60
C LEU A 64 -25.02 -39.64 1.18
N GLU A 65 -24.32 -39.10 0.19
CA GLU A 65 -24.88 -39.17 -1.15
C GLU A 65 -25.04 -40.61 -1.61
N ALA A 66 -24.20 -41.52 -1.09
CA ALA A 66 -24.36 -42.93 -1.41
C ALA A 66 -25.67 -43.48 -0.90
N ASN A 67 -26.17 -42.98 0.23
CA ASN A 67 -27.45 -43.40 0.79
C ASN A 67 -28.59 -42.47 0.39
N GLY A 68 -28.39 -41.68 -0.65
CA GLY A 68 -29.49 -40.91 -1.24
C GLY A 68 -29.83 -39.61 -0.56
N HIS A 69 -29.02 -39.15 0.37
CA HIS A 69 -29.32 -37.92 1.09
C HIS A 69 -28.76 -36.72 0.36
N THR A 70 -29.43 -35.59 0.51
CA THR A 70 -28.88 -34.32 0.07
C THR A 70 -27.90 -33.84 1.15
N PHE A 71 -26.82 -33.21 0.72
CA PHE A 71 -25.77 -32.76 1.64
C PHE A 71 -25.43 -31.34 1.25
N VAL A 72 -25.71 -30.40 2.15
CA VAL A 72 -25.51 -28.98 1.89
C VAL A 72 -24.49 -28.49 2.89
N VAL A 73 -23.42 -27.86 2.39
CA VAL A 73 -22.32 -27.37 3.21
C VAL A 73 -22.22 -25.88 3.02
N THR A 74 -22.17 -25.14 4.13
CA THR A 74 -22.02 -23.70 4.03
C THR A 74 -21.31 -23.19 5.26
N SER A 75 -20.67 -22.04 5.10
CA SER A 75 -20.10 -21.28 6.21
C SER A 75 -20.94 -20.05 6.52
N ASP A 76 -21.98 -19.80 5.71
CA ASP A 76 -22.85 -18.63 5.83
C ASP A 76 -23.93 -18.98 6.85
N LYS A 77 -23.76 -18.51 8.08
CA LYS A 77 -24.58 -18.96 9.19
C LYS A 77 -25.26 -17.84 9.98
N ASP A 78 -24.77 -16.61 9.93
CA ASP A 78 -25.30 -15.53 10.74
C ASP A 78 -26.28 -14.71 9.91
N GLY A 79 -27.43 -14.38 10.49
CA GLY A 79 -28.40 -13.57 9.80
C GLY A 79 -29.66 -14.28 9.36
N PRO A 80 -30.74 -13.52 9.18
CA PRO A 80 -31.98 -14.13 8.66
C PRO A 80 -31.89 -14.47 7.19
N ASP A 81 -31.05 -13.79 6.42
CA ASP A 81 -30.89 -14.07 4.98
C ASP A 81 -29.77 -15.06 4.70
N SER A 82 -29.07 -15.54 5.71
CA SER A 82 -27.96 -16.46 5.52
C SER A 82 -28.41 -17.75 4.87
N VAL A 83 -27.48 -18.40 4.16
CA VAL A 83 -27.75 -19.69 3.54
C VAL A 83 -28.27 -20.69 4.56
N PHE A 84 -27.82 -20.58 5.81
CA PHE A 84 -28.31 -21.49 6.85
C PHE A 84 -29.81 -21.34 7.06
N GLU A 85 -30.29 -20.12 7.24
CA GLU A 85 -31.72 -19.90 7.54
C GLU A 85 -32.61 -20.24 6.35
N ARG A 86 -32.07 -20.18 5.14
CA ARG A 86 -32.85 -20.45 3.90
C ARG A 86 -32.96 -21.95 3.68
N GLU A 87 -31.89 -22.68 3.95
CA GLU A 87 -31.89 -24.15 3.73
C GLU A 87 -32.40 -24.83 5.00
N LEU A 88 -32.68 -24.05 6.04
CA LEU A 88 -33.09 -24.65 7.30
C LEU A 88 -34.53 -25.13 7.27
N VAL A 89 -35.38 -24.51 6.46
CA VAL A 89 -36.81 -24.76 6.55
C VAL A 89 -37.15 -26.23 6.36
N ASP A 90 -36.40 -26.95 5.51
CA ASP A 90 -36.71 -28.35 5.22
C ASP A 90 -35.54 -29.30 5.48
N ALA A 91 -34.57 -28.91 6.30
CA ALA A 91 -33.46 -29.81 6.65
C ALA A 91 -33.92 -30.84 7.68
N ASP A 92 -33.51 -32.10 7.47
CA ASP A 92 -33.79 -33.15 8.43
C ASP A 92 -32.75 -33.23 9.54
N VAL A 93 -31.50 -32.94 9.21
CA VAL A 93 -30.39 -32.95 10.16
C VAL A 93 -29.65 -31.64 10.02
N VAL A 94 -29.17 -31.10 11.14
CA VAL A 94 -28.29 -29.95 11.14
C VAL A 94 -27.02 -30.33 11.89
N ILE A 95 -25.88 -30.14 11.24
CA ILE A 95 -24.58 -30.35 11.86
C ILE A 95 -23.86 -29.00 11.88
N SER A 96 -23.36 -28.61 13.04
CA SER A 96 -22.48 -27.45 13.13
C SER A 96 -21.52 -27.69 14.29
N GLN A 97 -20.43 -26.96 14.27
CA GLN A 97 -19.44 -27.14 15.31
C GLN A 97 -19.45 -25.96 16.26
N PRO A 98 -19.15 -26.15 17.57
CA PRO A 98 -19.21 -25.04 18.49
C PRO A 98 -18.27 -23.89 18.09
N PHE A 99 -17.29 -24.17 17.23
CA PHE A 99 -16.25 -23.17 16.85
C PHE A 99 -16.82 -22.16 15.85
N TRP A 100 -17.69 -22.60 14.96
CA TRP A 100 -18.40 -21.71 14.01
C TRP A 100 -19.81 -22.24 14.12
N PRO A 101 -20.59 -21.83 15.13
CA PRO A 101 -21.84 -22.52 15.46
C PRO A 101 -23.01 -21.99 14.67
N ALA A 102 -23.82 -22.89 14.12
CA ALA A 102 -25.08 -22.51 13.49
C ALA A 102 -26.09 -22.33 14.62
N TYR A 103 -26.30 -21.10 15.05
CA TYR A 103 -27.19 -20.87 16.19
C TYR A 103 -28.60 -21.30 15.81
N LEU A 104 -29.09 -22.33 16.52
CA LEU A 104 -30.46 -22.80 16.39
C LEU A 104 -31.26 -22.11 17.48
N THR A 105 -31.59 -20.85 17.20
CA THR A 105 -32.38 -20.03 18.09
C THR A 105 -33.83 -20.52 18.10
N PRO A 106 -34.60 -20.13 19.11
CA PRO A 106 -36.02 -20.51 19.11
C PRO A 106 -36.76 -20.21 17.82
N GLU A 107 -36.61 -19.03 17.23
CA GLU A 107 -37.36 -18.77 16.00
C GLU A 107 -36.81 -19.58 14.82
N ARG A 108 -35.54 -19.98 14.85
CA ARG A 108 -35.03 -20.79 13.74
C ARG A 108 -35.53 -22.22 13.83
N ILE A 109 -35.57 -22.79 15.04
CA ILE A 109 -36.14 -24.13 15.17
C ILE A 109 -37.62 -24.10 14.78
N ALA A 110 -38.29 -22.97 15.01
CA ALA A 110 -39.68 -22.83 14.57
C ALA A 110 -39.78 -22.95 13.07
N LYS A 111 -38.77 -22.45 12.35
CA LYS A 111 -38.78 -22.50 10.89
C LYS A 111 -38.43 -23.88 10.36
N ALA A 112 -37.69 -24.67 11.12
CA ALA A 112 -37.17 -25.96 10.64
C ALA A 112 -38.26 -27.02 10.78
N LYS A 113 -39.13 -27.06 9.78
CA LYS A 113 -40.30 -27.91 9.86
C LYS A 113 -39.95 -29.40 9.87
N ASN A 114 -38.86 -29.78 9.20
CA ASN A 114 -38.54 -31.20 9.02
C ASN A 114 -37.43 -31.68 9.93
N LEU A 115 -36.92 -30.81 10.80
CA LEU A 115 -35.75 -31.14 11.61
C LEU A 115 -36.04 -32.26 12.58
N LYS A 116 -35.20 -33.30 12.55
CA LYS A 116 -35.30 -34.41 13.47
C LYS A 116 -34.02 -34.64 14.27
N LEU A 117 -32.88 -34.12 13.80
CA LEU A 117 -31.62 -34.29 14.50
C LEU A 117 -30.79 -33.02 14.41
N ALA A 118 -30.27 -32.59 15.55
CA ALA A 118 -29.32 -31.48 15.65
C ALA A 118 -28.03 -32.04 16.25
N LEU A 119 -26.97 -32.07 15.46
CA LEU A 119 -25.78 -32.84 15.76
C LEU A 119 -24.63 -31.87 15.99
N THR A 120 -24.05 -31.90 17.19
CA THR A 120 -22.94 -31.02 17.52
C THR A 120 -21.65 -31.77 17.17
N ALA A 121 -20.99 -31.32 16.11
CA ALA A 121 -19.67 -31.84 15.73
C ALA A 121 -18.65 -31.22 16.69
N GLY A 122 -18.53 -31.87 17.84
CA GLY A 122 -17.74 -31.34 18.93
C GLY A 122 -18.43 -31.68 20.23
N ILE A 123 -18.23 -30.85 21.24
CA ILE A 123 -18.86 -31.05 22.55
C ILE A 123 -19.52 -29.75 22.95
N GLY A 124 -20.71 -29.84 23.56
CA GLY A 124 -21.41 -28.68 24.04
C GLY A 124 -22.43 -28.15 23.07
N SER A 125 -23.72 -28.26 23.42
CA SER A 125 -24.81 -27.93 22.51
C SER A 125 -25.56 -26.67 22.93
N ASP A 126 -24.88 -25.75 23.63
CA ASP A 126 -25.52 -24.52 24.09
C ASP A 126 -25.88 -23.58 22.94
N HIS A 127 -25.43 -23.86 21.72
CA HIS A 127 -25.90 -23.09 20.57
C HIS A 127 -27.22 -23.62 20.03
N VAL A 128 -27.67 -24.76 20.52
CA VAL A 128 -28.98 -25.32 20.17
C VAL A 128 -29.87 -25.09 21.38
N ASP A 129 -30.98 -24.38 21.17
CA ASP A 129 -31.85 -24.03 22.28
C ASP A 129 -32.59 -25.27 22.77
N LEU A 130 -32.23 -25.74 23.96
CA LEU A 130 -32.77 -27.01 24.47
C LEU A 130 -34.29 -26.97 24.60
N GLN A 131 -34.83 -25.87 25.14
CA GLN A 131 -36.25 -25.78 25.39
C GLN A 131 -37.05 -26.16 24.14
N SER A 132 -36.71 -25.55 23.00
CA SER A 132 -37.43 -25.86 21.76
C SER A 132 -37.19 -27.30 21.32
N ALA A 133 -35.96 -27.79 21.43
CA ALA A 133 -35.67 -29.15 20.98
C ALA A 133 -36.46 -30.16 21.81
N ILE A 134 -36.52 -29.95 23.12
CA ILE A 134 -37.33 -30.83 23.97
C ILE A 134 -38.80 -30.72 23.58
N ASP A 135 -39.29 -29.50 23.39
CA ASP A 135 -40.69 -29.30 23.04
C ASP A 135 -41.04 -30.02 21.74
N ARG A 136 -40.15 -29.96 20.74
CA ARG A 136 -40.48 -30.41 19.39
CA ARG A 136 -40.46 -30.40 19.38
C ARG A 136 -40.02 -31.85 19.11
N GLY A 137 -39.44 -32.53 20.08
CA GLY A 137 -39.05 -33.92 19.89
C GLY A 137 -37.79 -34.12 19.08
N ILE A 138 -37.10 -33.05 18.72
CA ILE A 138 -35.86 -33.17 17.96
C ILE A 138 -34.83 -33.89 18.82
N THR A 139 -34.01 -34.73 18.20
CA THR A 139 -32.89 -35.35 18.88
C THR A 139 -31.70 -34.41 18.83
N VAL A 140 -30.98 -34.29 19.95
CA VAL A 140 -29.77 -33.48 20.02
C VAL A 140 -28.64 -34.37 20.54
N ALA A 141 -27.54 -34.45 19.79
CA ALA A 141 -26.44 -35.33 20.11
C ALA A 141 -25.11 -34.62 19.91
N GLU A 142 -24.09 -35.09 20.63
CA GLU A 142 -22.74 -34.55 20.51
C GLU A 142 -21.74 -35.68 20.70
N VAL A 143 -20.50 -35.43 20.27
CA VAL A 143 -19.46 -36.47 20.24
C VAL A 143 -18.72 -36.39 21.57
N THR A 144 -19.24 -37.08 22.56
CA THR A 144 -18.66 -37.01 23.93
C THR A 144 -17.19 -37.43 23.93
N TYR A 145 -16.33 -36.73 24.67
CA TYR A 145 -14.88 -37.04 24.88
C TYR A 145 -14.05 -36.86 23.60
N CYS A 146 -14.62 -36.34 22.54
CA CYS A 146 -13.86 -36.12 21.27
C CYS A 146 -12.71 -35.14 21.46
N ASN A 147 -12.94 -34.02 22.15
CA ASN A 147 -11.90 -32.97 22.29
C ASN A 147 -11.61 -32.68 23.75
N SER A 148 -12.05 -33.51 24.68
CA SER A 148 -11.85 -33.15 26.07
C SER A 148 -10.36 -33.10 26.42
N ILE A 149 -9.57 -34.03 25.88
CA ILE A 149 -8.14 -33.96 26.15
C ILE A 149 -7.50 -32.80 25.41
N SER A 150 -8.02 -32.48 24.21
CA SER A 150 -7.51 -31.32 23.50
C SER A 150 -7.72 -30.04 24.32
N VAL A 151 -8.91 -29.87 24.89
CA VAL A 151 -9.16 -28.68 25.69
C VAL A 151 -8.34 -28.72 26.97
N ALA A 152 -8.21 -29.90 27.57
CA ALA A 152 -7.42 -30.01 28.80
C ALA A 152 -5.99 -29.54 28.57
N GLU A 153 -5.42 -29.88 27.42
CA GLU A 153 -4.06 -29.42 27.10
C GLU A 153 -4.01 -27.91 26.91
N HIS A 154 -5.00 -27.37 26.20
CA HIS A 154 -5.09 -25.93 26.00
C HIS A 154 -5.15 -25.22 27.35
N VAL A 155 -5.88 -25.80 28.30
CA VAL A 155 -6.08 -25.14 29.59
C VAL A 155 -4.74 -25.00 30.32
N VAL A 156 -3.99 -26.08 30.43
CA VAL A 156 -2.71 -26.00 31.12
C VAL A 156 -1.79 -25.01 30.41
N MET A 157 -1.83 -25.00 29.08
CA MET A 157 -1.03 -24.06 28.31
C MET A 157 -1.36 -22.62 28.70
N MET A 158 -2.64 -22.30 28.86
CA MET A 158 -3.02 -20.90 29.09
C MET A 158 -2.78 -20.50 30.54
N ILE A 159 -2.97 -21.43 31.48
CA ILE A 159 -2.58 -21.19 32.88
C ILE A 159 -1.11 -20.79 32.95
N LEU A 160 -0.24 -21.64 32.42
CA LEU A 160 1.19 -21.33 32.41
C LEU A 160 1.44 -20.01 31.68
N GLY A 161 0.79 -19.82 30.54
CA GLY A 161 0.98 -18.59 29.79
C GLY A 161 0.60 -17.36 30.59
N LEU A 162 -0.46 -17.46 31.38
CA LEU A 162 -0.89 -16.29 32.15
C LEU A 162 0.04 -16.03 33.32
N VAL A 163 0.36 -17.06 34.09
CA VAL A 163 1.18 -16.86 35.27
C VAL A 163 2.58 -16.38 34.87
N ARG A 164 3.13 -16.94 33.79
CA ARG A 164 4.49 -16.61 33.40
C ARG A 164 4.59 -15.41 32.45
N ASN A 165 3.45 -14.89 31.95
CA ASN A 165 3.39 -13.69 31.11
C ASN A 165 3.90 -13.93 29.70
N TYR A 166 3.58 -15.10 29.15
CA TYR A 166 4.07 -15.51 27.84
C TYR A 166 3.72 -14.52 26.72
N ILE A 167 2.44 -14.17 26.57
CA ILE A 167 2.04 -13.41 25.40
C ILE A 167 2.73 -12.06 25.33
N PRO A 168 2.73 -11.23 26.38
CA PRO A 168 3.49 -9.97 26.29
C PRO A 168 4.98 -10.18 26.07
N SER A 169 5.56 -11.24 26.63
CA SER A 169 6.99 -11.48 26.45
C SER A 169 7.30 -11.81 25.00
N HIS A 170 6.48 -12.66 24.39
CA HIS A 170 6.69 -12.99 22.99
C HIS A 170 6.55 -11.74 22.11
N ASP A 171 5.65 -10.82 22.48
CA ASP A 171 5.57 -9.57 21.72
C ASP A 171 6.91 -8.85 21.72
N TRP A 172 7.58 -8.82 22.87
CA TRP A 172 8.87 -8.15 22.96
C TRP A 172 9.89 -8.82 22.05
N ALA A 173 9.86 -10.14 21.96
CA ALA A 173 10.81 -10.84 21.09
C ALA A 173 10.51 -10.54 19.62
N ARG A 174 9.25 -10.58 19.22
CA ARG A 174 8.89 -10.37 17.80
C ARG A 174 9.06 -8.90 17.43
N LYS A 175 8.96 -8.00 18.40
CA LYS A 175 8.97 -6.54 18.08
C LYS A 175 10.39 -6.00 18.12
N GLY A 176 11.37 -6.85 18.37
CA GLY A 176 12.74 -6.40 18.33
C GLY A 176 13.35 -6.03 19.67
N GLY A 177 12.70 -6.39 20.77
CA GLY A 177 13.11 -5.95 22.08
C GLY A 177 13.88 -7.02 22.84
N TRP A 178 14.13 -6.71 24.10
CA TRP A 178 14.70 -7.67 25.05
C TRP A 178 13.84 -7.54 26.30
N ASN A 179 14.08 -6.47 27.05
CA ASN A 179 13.13 -5.95 28.04
C ASN A 179 12.79 -7.00 29.09
N ILE A 180 13.82 -7.56 29.72
CA ILE A 180 13.60 -8.60 30.71
C ILE A 180 12.66 -8.09 31.80
N ALA A 181 12.98 -6.94 32.40
CA ALA A 181 12.20 -6.45 33.52
C ALA A 181 10.75 -6.19 33.14
N ASP A 182 10.51 -5.72 31.91
CA ASP A 182 9.13 -5.48 31.50
C ASP A 182 8.34 -6.77 31.44
N CYS A 183 8.98 -7.85 31.01
CA CYS A 183 8.29 -9.13 30.94
C CYS A 183 8.05 -9.70 32.33
N VAL A 184 9.07 -9.68 33.19
CA VAL A 184 8.98 -10.46 34.42
C VAL A 184 8.41 -9.68 35.60
N GLU A 185 8.17 -8.38 35.45
CA GLU A 185 7.48 -7.68 36.54
C GLU A 185 6.05 -8.18 36.74
N HIS A 186 5.56 -9.03 35.83
CA HIS A 186 4.23 -9.64 35.91
C HIS A 186 4.33 -11.14 35.69
N SER A 187 5.49 -11.74 35.99
CA SER A 187 5.76 -13.13 35.72
C SER A 187 6.07 -13.88 37.00
N TYR A 188 5.33 -14.97 37.23
CA TYR A 188 5.49 -15.80 38.42
C TYR A 188 5.63 -17.25 37.99
N ASP A 189 6.22 -18.06 38.85
CA ASP A 189 6.10 -19.50 38.69
C ASP A 189 4.69 -19.93 39.09
N LEU A 190 4.23 -21.02 38.49
CA LEU A 190 3.00 -21.62 38.95
C LEU A 190 3.24 -22.48 40.18
N GLU A 191 4.47 -22.96 40.35
CA GLU A 191 4.82 -23.86 41.45
C GLU A 191 4.33 -23.34 42.80
N GLY A 192 3.61 -24.19 43.51
CA GLY A 192 3.14 -23.89 44.84
C GLY A 192 1.82 -23.16 44.88
N MET A 193 1.36 -22.61 43.77
CA MET A 193 0.10 -21.90 43.81
C MET A 193 -1.04 -22.89 43.99
N THR A 194 -2.21 -22.33 44.29
CA THR A 194 -3.43 -23.10 44.43
C THR A 194 -4.26 -22.88 43.17
N VAL A 195 -4.66 -23.98 42.54
CA VAL A 195 -5.44 -23.93 41.32
C VAL A 195 -6.76 -24.61 41.59
N GLY A 196 -7.85 -23.98 41.18
CA GLY A 196 -9.17 -24.54 41.38
C GLY A 196 -9.91 -24.69 40.06
N SER A 197 -10.53 -25.84 39.87
CA SER A 197 -11.30 -26.13 38.67
C SER A 197 -12.78 -26.17 39.02
N VAL A 198 -13.58 -25.41 38.28
CA VAL A 198 -15.04 -25.55 38.33
C VAL A 198 -15.38 -26.67 37.36
N GLY A 199 -15.68 -27.85 37.90
CA GLY A 199 -15.92 -29.00 37.05
C GLY A 199 -14.72 -29.92 37.00
N ALA A 200 -14.94 -31.17 37.38
CA ALA A 200 -13.95 -32.24 37.25
C ALA A 200 -14.50 -33.31 36.33
N GLY A 201 -15.12 -32.90 35.24
CA GLY A 201 -15.62 -33.83 34.24
C GLY A 201 -14.48 -34.38 33.42
N ARG A 202 -14.75 -34.61 32.14
CA ARG A 202 -13.71 -35.15 31.27
C ARG A 202 -12.59 -34.15 31.03
N ILE A 203 -12.94 -32.88 30.80
CA ILE A 203 -11.92 -31.85 30.66
C ILE A 203 -11.33 -31.50 32.02
N GLY A 204 -12.20 -31.25 33.00
CA GLY A 204 -11.72 -30.77 34.29
C GLY A 204 -10.76 -31.73 34.95
N LEU A 205 -11.12 -33.01 34.98
CA LEU A 205 -10.26 -33.99 35.64
C LEU A 205 -8.97 -34.21 34.85
N ALA A 206 -9.04 -34.11 33.52
CA ALA A 206 -7.84 -34.18 32.71
C ALA A 206 -6.92 -33.02 33.02
N VAL A 207 -7.48 -31.83 33.21
CA VAL A 207 -6.68 -30.68 33.61
C VAL A 207 -6.04 -30.94 34.97
N LEU A 208 -6.80 -31.51 35.90
CA LEU A 208 -6.28 -31.70 37.25
C LEU A 208 -5.19 -32.76 37.28
N ARG A 209 -5.36 -33.85 36.52
CA ARG A 209 -4.30 -34.84 36.43
C ARG A 209 -3.03 -34.24 35.84
N ARG A 210 -3.18 -33.34 34.86
CA ARG A 210 -2.01 -32.77 34.23
C ARG A 210 -1.35 -31.72 35.10
N LEU A 211 -2.11 -31.08 35.99
CA LEU A 211 -1.51 -30.09 36.88
C LEU A 211 -0.82 -30.69 38.08
N ALA A 212 -1.20 -31.90 38.49
CA ALA A 212 -0.64 -32.50 39.69
C ALA A 212 0.88 -32.38 39.77
N PRO A 213 1.65 -32.79 38.74
CA PRO A 213 3.11 -32.74 38.87
C PRO A 213 3.71 -31.34 38.87
N PHE A 214 2.94 -30.28 38.70
CA PHE A 214 3.50 -28.95 38.82
C PHE A 214 3.67 -28.53 40.28
N ASP A 215 3.37 -29.43 41.21
CA ASP A 215 3.48 -29.13 42.64
C ASP A 215 2.60 -27.93 42.99
N VAL A 216 1.34 -28.01 42.54
CA VAL A 216 0.32 -27.04 42.88
C VAL A 216 -0.70 -27.70 43.80
N LYS A 217 -1.41 -26.87 44.56
CA LYS A 217 -2.54 -27.32 45.36
C LYS A 217 -3.81 -27.27 44.53
N LEU A 218 -4.40 -28.45 44.33
CA LEU A 218 -5.56 -28.62 43.43
C LEU A 218 -6.86 -28.63 44.22
N HIS A 219 -7.80 -27.76 43.84
CA HIS A 219 -9.13 -27.68 44.48
C HIS A 219 -10.15 -27.87 43.36
N TYR A 220 -11.36 -28.33 43.68
CA TYR A 220 -12.39 -28.46 42.63
C TYR A 220 -13.81 -28.42 43.19
N THR A 221 -14.78 -28.19 42.31
CA THR A 221 -16.17 -28.21 42.72
C THR A 221 -17.05 -28.69 41.57
N GLN A 222 -18.21 -29.20 41.93
CA GLN A 222 -19.27 -29.58 41.00
C GLN A 222 -20.43 -30.09 41.86
N ARG A 223 -21.51 -30.56 41.23
CA ARG A 223 -22.69 -30.92 42.01
C ARG A 223 -22.50 -32.25 42.76
N HIS A 224 -21.88 -33.23 42.11
CA HIS A 224 -21.66 -34.54 42.73
C HIS A 224 -20.17 -34.76 42.88
N ARG A 225 -19.75 -34.96 44.13
CA ARG A 225 -18.36 -35.09 44.49
C ARG A 225 -17.74 -36.33 43.87
N LEU A 226 -16.44 -36.27 43.66
CA LEU A 226 -15.75 -37.40 43.07
C LEU A 226 -15.48 -38.46 44.12
N PRO A 227 -15.19 -39.71 43.68
CA PRO A 227 -14.83 -40.77 44.61
C PRO A 227 -13.53 -40.43 45.35
N GLU A 228 -13.52 -40.66 46.66
CA GLU A 228 -12.34 -40.34 47.49
C GLU A 228 -11.06 -40.83 46.81
N ALA A 229 -11.06 -42.05 46.31
CA ALA A 229 -9.82 -42.61 45.72
C ALA A 229 -9.24 -41.60 44.71
N VAL A 230 -10.05 -41.14 43.78
CA VAL A 230 -9.60 -40.14 42.78
C VAL A 230 -9.12 -38.92 43.56
N GLU A 231 -9.93 -38.46 44.50
CA GLU A 231 -9.49 -37.23 45.17
C GLU A 231 -8.11 -37.43 45.79
N LYS A 232 -7.84 -38.63 46.27
CA LYS A 232 -6.59 -38.90 47.03
C LYS A 232 -5.42 -39.13 46.08
N GLU A 233 -5.65 -39.74 44.93
CA GLU A 233 -4.59 -39.94 43.91
C GLU A 233 -3.99 -38.59 43.58
N LEU A 234 -4.81 -37.60 43.29
CA LEU A 234 -4.36 -36.27 42.85
C LEU A 234 -4.19 -35.33 44.04
N GLY A 235 -4.81 -35.64 45.18
CA GLY A 235 -4.77 -34.77 46.36
C GLY A 235 -5.76 -33.65 46.20
N LEU A 236 -6.96 -33.95 45.71
CA LEU A 236 -7.95 -32.93 45.42
C LEU A 236 -8.62 -32.46 46.71
N VAL A 237 -8.98 -31.18 46.74
CA VAL A 237 -9.69 -30.59 47.85
C VAL A 237 -11.07 -30.15 47.35
N TRP A 238 -12.11 -30.68 47.97
CA TRP A 238 -13.50 -30.53 47.52
C TRP A 238 -14.19 -29.33 48.16
N HIS A 239 -15.15 -28.78 47.41
CA HIS A 239 -15.98 -27.67 47.86
C HIS A 239 -17.44 -27.90 47.45
N ASP A 240 -18.36 -27.66 48.37
CA ASP A 240 -19.78 -27.79 48.06
C ASP A 240 -20.19 -26.81 46.97
N THR A 241 -19.66 -25.59 47.03
CA THR A 241 -20.08 -24.52 46.16
C THR A 241 -18.84 -23.88 45.53
N ARG A 242 -19.07 -23.18 44.41
CA ARG A 242 -18.00 -22.42 43.77
C ARG A 242 -17.55 -21.29 44.68
N GLU A 243 -18.51 -20.56 45.23
CA GLU A 243 -18.20 -19.38 46.02
C GLU A 243 -17.37 -19.72 47.25
N ASP A 244 -17.50 -20.94 47.79
CA ASP A 244 -16.66 -21.40 48.88
C ASP A 244 -15.23 -21.63 48.43
N MET A 245 -15.01 -21.81 47.13
CA MET A 245 -13.71 -22.18 46.58
C MET A 245 -12.87 -20.98 46.16
N TYR A 246 -13.49 -19.99 45.52
CA TYR A 246 -12.71 -18.90 44.91
C TYR A 246 -11.69 -18.24 45.83
N PRO A 247 -11.98 -17.93 47.09
CA PRO A 247 -11.00 -17.18 47.90
C PRO A 247 -9.70 -17.95 48.14
N HIS A 248 -9.68 -19.25 47.89
CA HIS A 248 -8.49 -20.06 48.11
C HIS A 248 -7.54 -20.05 46.92
N CYS A 249 -8.02 -19.68 45.74
CA CYS A 249 -7.37 -19.99 44.48
C CYS A 249 -6.52 -18.85 43.96
N ASP A 250 -5.28 -19.16 43.60
CA ASP A 250 -4.46 -18.25 42.80
C ASP A 250 -4.88 -18.26 41.34
N VAL A 251 -5.39 -19.41 40.88
CA VAL A 251 -5.82 -19.63 39.51
C VAL A 251 -7.15 -20.36 39.56
N VAL A 252 -8.10 -19.97 38.71
CA VAL A 252 -9.37 -20.69 38.58
C VAL A 252 -9.62 -20.99 37.12
N THR A 253 -9.96 -22.25 36.82
CA THR A 253 -10.28 -22.69 35.47
C THR A 253 -11.71 -23.20 35.44
N LEU A 254 -12.42 -22.85 34.38
CA LEU A 254 -13.84 -23.19 34.21
C LEU A 254 -13.95 -24.37 33.24
N ASN A 255 -14.69 -25.40 33.64
CA ASN A 255 -14.77 -26.63 32.86
C ASN A 255 -16.14 -27.27 33.03
N VAL A 256 -17.20 -26.47 32.84
CA VAL A 256 -18.57 -26.94 32.99
C VAL A 256 -19.33 -26.58 31.73
N PRO A 257 -20.45 -27.27 31.46
CA PRO A 257 -21.27 -26.89 30.31
C PRO A 257 -21.99 -25.58 30.57
N LEU A 258 -22.53 -25.00 29.49
CA LEU A 258 -23.34 -23.79 29.59
C LEU A 258 -24.81 -24.16 29.58
N HIS A 259 -25.46 -24.08 30.73
CA HIS A 259 -26.92 -24.04 30.80
C HIS A 259 -27.31 -22.96 31.81
N PRO A 260 -28.60 -22.64 32.01
CA PRO A 260 -28.98 -21.52 32.89
C PRO A 260 -28.38 -21.49 34.30
N GLU A 261 -28.17 -22.65 34.92
CA GLU A 261 -27.65 -22.75 36.31
C GLU A 261 -26.22 -22.22 36.36
N THR A 262 -25.49 -22.26 35.25
CA THR A 262 -24.06 -21.87 35.20
C THR A 262 -23.82 -20.62 34.36
N GLU A 263 -24.85 -20.00 33.76
CA GLU A 263 -24.61 -18.79 33.00
C GLU A 263 -24.26 -17.62 33.90
N HIS A 264 -23.25 -16.85 33.49
CA HIS A 264 -22.74 -15.69 34.22
C HIS A 264 -22.36 -16.01 35.67
N MET A 265 -21.82 -17.20 35.90
CA MET A 265 -21.33 -17.52 37.23
C MET A 265 -20.10 -16.71 37.62
N ILE A 266 -19.41 -16.13 36.65
CA ILE A 266 -18.33 -15.18 36.90
C ILE A 266 -18.85 -13.80 36.51
N ASN A 267 -19.02 -12.94 37.50
CA ASN A 267 -19.62 -11.63 37.30
C ASN A 267 -19.07 -10.67 38.34
N ASP A 268 -19.51 -9.41 38.28
CA ASP A 268 -18.99 -8.41 39.19
C ASP A 268 -19.17 -8.79 40.65
N GLU A 269 -20.22 -9.55 40.97
CA GLU A 269 -20.42 -9.94 42.37
C GLU A 269 -19.42 -11.01 42.79
N THR A 270 -19.45 -12.15 42.09
CA THR A 270 -18.56 -13.26 42.42
C THR A 270 -17.09 -12.88 42.27
N LEU A 271 -16.77 -11.98 41.35
CA LEU A 271 -15.37 -11.62 41.13
C LEU A 271 -14.74 -10.99 42.37
N LYS A 272 -15.55 -10.44 43.26
CA LYS A 272 -15.05 -9.87 44.50
C LYS A 272 -14.47 -10.93 45.43
N LEU A 273 -14.85 -12.19 45.26
CA LEU A 273 -14.41 -13.27 46.13
C LEU A 273 -13.01 -13.76 45.83
N PHE A 274 -12.43 -13.33 44.72
CA PHE A 274 -11.13 -13.82 44.28
C PHE A 274 -10.01 -13.07 44.98
N LYS A 275 -8.87 -13.75 45.14
CA LYS A 275 -7.68 -13.07 45.63
C LYS A 275 -7.29 -12.00 44.62
N ARG A 276 -6.54 -11.00 45.09
CA ARG A 276 -6.00 -10.02 44.16
C ARG A 276 -4.97 -10.67 43.27
N GLY A 277 -5.04 -10.36 41.98
CA GLY A 277 -4.15 -10.98 41.02
C GLY A 277 -4.51 -12.40 40.69
N ALA A 278 -5.77 -12.78 40.82
CA ALA A 278 -6.16 -14.12 40.46
C ALA A 278 -6.14 -14.25 38.94
N TYR A 279 -6.01 -15.48 38.48
CA TYR A 279 -6.02 -15.80 37.05
C TYR A 279 -7.24 -16.66 36.77
N ILE A 280 -7.92 -16.37 35.67
CA ILE A 280 -9.02 -17.20 35.21
C ILE A 280 -8.73 -17.68 33.80
N VAL A 281 -8.88 -18.97 33.57
CA VAL A 281 -8.83 -19.57 32.24
C VAL A 281 -10.21 -20.16 31.98
N ASN A 282 -10.84 -19.76 30.88
CA ASN A 282 -12.18 -20.23 30.56
C ASN A 282 -12.17 -20.81 29.15
N THR A 283 -12.09 -22.14 29.09
CA THR A 283 -12.15 -22.88 27.84
C THR A 283 -13.49 -23.60 27.70
N ALA A 284 -14.48 -23.20 28.49
CA ALA A 284 -15.77 -23.91 28.54
C ALA A 284 -16.79 -23.28 27.59
N ARG A 285 -17.24 -22.07 27.93
CA ARG A 285 -18.11 -21.24 27.11
C ARG A 285 -17.99 -19.80 27.56
N GLY A 286 -18.16 -18.88 26.62
CA GLY A 286 -17.97 -17.47 26.93
C GLY A 286 -18.99 -16.95 27.93
N LYS A 287 -20.23 -17.40 27.82
CA LYS A 287 -21.31 -16.85 28.65
C LYS A 287 -21.24 -17.29 30.10
N LEU A 288 -20.31 -18.19 30.46
CA LEU A 288 -20.07 -18.45 31.87
C LEU A 288 -19.55 -17.24 32.61
N ALA A 289 -19.01 -16.27 31.87
CA ALA A 289 -18.38 -15.09 32.46
C ALA A 289 -19.03 -13.86 31.87
N ASP A 290 -19.50 -12.97 32.73
CA ASP A 290 -20.02 -11.69 32.27
C ASP A 290 -18.88 -10.96 31.57
N ARG A 291 -19.08 -10.64 30.30
CA ARG A 291 -18.00 -10.10 29.49
C ARG A 291 -17.36 -8.87 30.13
N ASP A 292 -18.17 -7.84 30.39
CA ASP A 292 -17.61 -6.58 30.85
C ASP A 292 -17.09 -6.66 32.27
N ALA A 293 -17.62 -7.60 33.07
CA ALA A 293 -17.08 -7.81 34.41
C ALA A 293 -15.64 -8.28 34.37
N ILE A 294 -15.31 -9.15 33.41
CA ILE A 294 -13.93 -9.58 33.24
C ILE A 294 -13.05 -8.38 32.92
N VAL A 295 -13.48 -7.55 31.97
CA VAL A 295 -12.70 -6.38 31.59
C VAL A 295 -12.47 -5.49 32.81
N ARG A 296 -13.55 -5.11 33.49
CA ARG A 296 -13.44 -4.24 34.66
C ARG A 296 -12.52 -4.85 35.71
N ALA A 297 -12.63 -6.17 35.92
CA ALA A 297 -11.79 -6.83 36.92
C ALA A 297 -10.33 -6.87 36.45
N ILE A 298 -10.12 -6.92 35.14
CA ILE A 298 -8.76 -6.79 34.62
C ILE A 298 -8.26 -5.37 34.84
N GLU A 299 -9.08 -4.37 34.47
CA GLU A 299 -8.63 -2.98 34.58
C GLU A 299 -8.36 -2.59 36.03
N SER A 300 -9.10 -3.15 36.97
CA SER A 300 -8.89 -2.76 38.36
C SER A 300 -7.73 -3.52 39.00
N GLY A 301 -7.34 -4.66 38.47
CA GLY A 301 -6.25 -5.48 39.05
C GLY A 301 -6.78 -6.62 39.89
N GLN A 302 -8.10 -6.77 40.00
CA GLN A 302 -8.70 -7.92 40.71
C GLN A 302 -8.16 -9.16 40.03
N LEU A 303 -8.01 -9.11 38.71
CA LEU A 303 -7.50 -10.23 37.95
C LEU A 303 -6.14 -9.85 37.37
N ALA A 304 -5.18 -10.76 37.49
CA ALA A 304 -3.89 -10.60 36.84
C ALA A 304 -3.86 -11.25 35.47
N GLY A 305 -4.93 -11.93 35.07
CA GLY A 305 -4.99 -12.51 33.75
C GLY A 305 -6.30 -13.23 33.46
N TYR A 306 -6.72 -13.14 32.20
CA TYR A 306 -7.82 -13.91 31.67
C TYR A 306 -7.41 -14.52 30.34
N ALA A 307 -7.74 -15.78 30.13
CA ALA A 307 -7.40 -16.47 28.90
C ALA A 307 -8.47 -17.49 28.58
N GLY A 308 -8.73 -17.68 27.29
CA GLY A 308 -9.61 -18.75 26.87
C GLY A 308 -9.71 -18.78 25.38
N ASP A 309 -10.51 -19.71 24.87
CA ASP A 309 -10.74 -19.80 23.41
C ASP A 309 -12.23 -19.61 23.16
N VAL A 310 -13.03 -19.57 24.22
CA VAL A 310 -14.50 -19.49 24.06
C VAL A 310 -14.97 -18.05 24.27
N TRP A 311 -15.87 -17.59 23.40
CA TRP A 311 -16.40 -16.22 23.46
C TRP A 311 -17.90 -16.27 23.20
N PHE A 312 -18.57 -15.13 23.29
CA PHE A 312 -19.99 -15.05 22.87
C PHE A 312 -20.22 -13.61 22.39
N PRO A 313 -20.70 -13.33 21.17
CA PRO A 313 -21.22 -14.34 20.25
C PRO A 313 -20.09 -15.13 19.60
N GLN A 314 -20.16 -16.46 19.58
CA GLN A 314 -19.02 -17.29 19.09
C GLN A 314 -18.18 -16.51 18.06
N PRO A 315 -18.59 -16.26 16.78
CA PRO A 315 -17.75 -15.44 15.90
C PRO A 315 -17.72 -14.09 16.61
N ALA A 316 -16.77 -13.90 17.53
CA ALA A 316 -16.72 -12.68 18.35
C ALA A 316 -16.54 -11.44 17.47
N PRO A 317 -17.26 -10.33 17.77
CA PRO A 317 -17.11 -9.13 16.98
C PRO A 317 -15.68 -8.58 17.05
N LYS A 318 -15.25 -7.89 16.01
CA LYS A 318 -13.86 -7.34 15.92
C LYS A 318 -13.59 -6.41 17.09
N ASP A 319 -14.64 -5.92 17.72
CA ASP A 319 -14.52 -4.94 18.82
C ASP A 319 -14.62 -5.63 20.17
N HIS A 320 -14.72 -6.96 20.18
CA HIS A 320 -14.91 -7.69 21.46
C HIS A 320 -13.83 -7.24 22.43
N PRO A 321 -14.20 -6.68 23.60
CA PRO A 321 -13.20 -6.13 24.51
C PRO A 321 -12.12 -7.10 25.00
N TRP A 322 -12.40 -8.41 25.01
CA TRP A 322 -11.42 -9.39 25.53
C TRP A 322 -10.22 -9.49 24.60
N ARG A 323 -10.38 -9.07 23.34
CA ARG A 323 -9.30 -9.22 22.34
C ARG A 323 -8.14 -8.29 22.67
N THR A 324 -8.41 -7.16 23.33
CA THR A 324 -7.37 -6.12 23.50
C THR A 324 -7.14 -5.75 24.96
N MET A 325 -7.74 -6.47 25.89
CA MET A 325 -7.59 -6.04 27.29
C MET A 325 -6.17 -6.36 27.75
N LYS A 326 -5.75 -5.76 28.84
CA LYS A 326 -4.40 -6.06 29.37
C LYS A 326 -4.43 -7.47 29.94
N TRP A 327 -3.27 -8.14 29.96
CA TRP A 327 -3.17 -9.48 30.61
C TRP A 327 -4.16 -10.47 30.00
N GLU A 328 -4.29 -10.46 28.67
CA GLU A 328 -5.15 -11.44 27.97
C GLU A 328 -4.26 -12.46 27.26
N GLY A 329 -4.68 -13.71 27.19
CA GLY A 329 -3.95 -14.75 26.46
C GLY A 329 -4.97 -15.50 25.65
N MET A 330 -5.87 -14.75 25.02
CA MET A 330 -6.99 -15.39 24.32
C MET A 330 -6.60 -15.96 22.97
N THR A 331 -7.41 -16.88 22.46
CA THR A 331 -7.21 -17.42 21.10
C THR A 331 -8.63 -17.54 20.54
N PRO A 332 -8.83 -17.71 19.23
CA PRO A 332 -10.17 -17.97 18.74
C PRO A 332 -10.60 -19.36 19.25
N HIS A 333 -11.84 -19.74 19.01
CA HIS A 333 -12.34 -21.03 19.53
C HIS A 333 -11.68 -22.13 18.71
N ILE A 334 -10.53 -22.62 19.18
CA ILE A 334 -9.76 -23.59 18.38
C ILE A 334 -9.40 -24.83 19.18
N SER A 335 -9.45 -24.80 20.51
CA SER A 335 -8.95 -25.92 21.32
C SER A 335 -9.56 -27.26 20.89
N GLY A 336 -10.84 -27.25 20.62
CA GLY A 336 -11.55 -28.47 20.32
C GLY A 336 -11.56 -28.88 18.88
N THR A 337 -10.89 -28.10 18.02
CA THR A 337 -10.85 -28.37 16.59
C THR A 337 -9.42 -28.50 16.07
N SER A 338 -8.47 -28.82 16.96
CA SER A 338 -7.17 -29.28 16.53
C SER A 338 -7.33 -30.42 15.53
N LEU A 339 -6.33 -30.57 14.66
CA LEU A 339 -6.42 -31.59 13.62
C LEU A 339 -6.56 -32.98 14.21
N SER A 340 -6.00 -33.20 15.40
CA SER A 340 -6.16 -34.47 16.09
C SER A 340 -7.60 -34.65 16.56
N ALA A 341 -8.23 -33.57 17.04
CA ALA A 341 -9.60 -33.67 17.53
C ALA A 341 -10.57 -33.86 16.37
N GLN A 342 -10.33 -33.17 15.25
CA GLN A 342 -11.21 -33.26 14.11
C GLN A 342 -11.34 -34.69 13.60
N ALA A 343 -10.23 -35.44 13.60
CA ALA A 343 -10.29 -36.83 13.18
C ALA A 343 -11.28 -37.63 14.01
N ARG A 344 -11.36 -37.33 15.32
CA ARG A 344 -12.24 -38.11 16.18
C ARG A 344 -13.69 -37.66 16.06
N TYR A 345 -13.96 -36.36 16.08
CA TYR A 345 -15.36 -35.94 16.06
C TYR A 345 -15.96 -35.98 14.67
N ALA A 346 -15.15 -36.07 13.61
CA ALA A 346 -15.68 -36.35 12.29
C ALA A 346 -16.10 -37.81 12.14
N ALA A 347 -15.39 -38.73 12.79
CA ALA A 347 -15.84 -40.11 12.84
C ALA A 347 -17.07 -40.25 13.74
N GLY A 348 -17.04 -39.59 14.89
CA GLY A 348 -18.22 -39.57 15.76
C GLY A 348 -19.45 -39.00 15.07
N THR A 349 -19.28 -37.91 14.31
CA THR A 349 -20.40 -37.38 13.55
C THR A 349 -20.97 -38.44 12.62
N ARG A 350 -20.09 -39.16 11.92
CA ARG A 350 -20.55 -40.21 11.01
C ARG A 350 -21.18 -41.38 11.77
N GLU A 351 -20.60 -41.75 12.91
CA GLU A 351 -21.20 -42.83 13.70
C GLU A 351 -22.64 -42.49 14.05
N ILE A 352 -22.89 -41.26 14.48
CA ILE A 352 -24.23 -40.86 14.89
C ILE A 352 -25.16 -40.86 13.69
N LEU A 353 -24.70 -40.33 12.54
CA LEU A 353 -25.53 -40.31 11.35
C LEU A 353 -25.88 -41.74 10.92
N GLU A 354 -24.91 -42.65 10.95
CA GLU A 354 -25.19 -44.04 10.62
C GLU A 354 -26.23 -44.62 11.57
N CYS A 355 -26.02 -44.45 12.88
CA CYS A 355 -26.98 -44.93 13.86
C CYS A 355 -28.34 -44.30 13.65
N PHE A 356 -28.38 -42.98 13.43
CA PHE A 356 -29.65 -42.29 13.25
C PHE A 356 -30.41 -42.87 12.06
N PHE A 357 -29.74 -42.98 10.92
CA PHE A 357 -30.43 -43.38 9.69
C PHE A 357 -30.70 -44.87 9.61
N GLU A 358 -29.91 -45.70 10.29
CA GLU A 358 -30.11 -47.17 10.15
C GLU A 358 -31.06 -47.68 11.23
N GLY A 359 -31.56 -46.80 12.09
CA GLY A 359 -32.48 -47.20 13.18
C GLY A 359 -31.77 -47.86 14.33
N ARG A 360 -30.47 -47.61 14.46
CA ARG A 360 -29.69 -48.16 15.59
C ARG A 360 -29.56 -47.08 16.65
N PRO A 361 -29.41 -47.43 17.94
CA PRO A 361 -29.38 -46.45 19.01
C PRO A 361 -28.11 -45.61 19.02
N ILE A 362 -28.27 -44.29 19.08
CA ILE A 362 -27.11 -43.37 19.22
C ILE A 362 -26.56 -43.65 20.62
N ARG A 363 -25.24 -43.71 20.76
CA ARG A 363 -24.60 -44.00 22.05
C ARG A 363 -25.27 -43.15 23.10
N ASP A 364 -25.43 -43.68 24.29
CA ASP A 364 -26.11 -42.95 25.39
C ASP A 364 -25.19 -41.83 25.80
N GLU A 365 -23.88 -42.04 25.73
CA GLU A 365 -22.89 -40.98 26.02
C GLU A 365 -23.20 -39.83 25.07
N TYR A 366 -23.47 -40.09 23.84
CA TYR A 366 -23.64 -39.05 22.83
C TYR A 366 -24.92 -38.26 23.01
N LEU A 367 -25.92 -38.78 23.71
CA LEU A 367 -27.24 -38.19 23.64
C LEU A 367 -27.36 -37.01 24.61
N ILE A 368 -28.01 -35.95 24.14
CA ILE A 368 -28.39 -34.82 24.97
C ILE A 368 -29.90 -34.76 25.12
N VAL A 369 -30.61 -34.80 24.00
CA VAL A 369 -32.07 -34.82 23.96
C VAL A 369 -32.49 -35.96 23.05
N GLN A 370 -33.48 -36.73 23.49
CA GLN A 370 -34.08 -37.74 22.62
C GLN A 370 -35.48 -38.01 23.13
N GLY A 371 -36.41 -38.18 22.19
CA GLY A 371 -37.79 -38.49 22.51
C GLY A 371 -38.44 -37.46 23.40
N GLY A 372 -38.16 -36.18 23.18
CA GLY A 372 -38.87 -35.13 23.88
C GLY A 372 -38.46 -34.95 25.31
N ALA A 373 -37.29 -35.45 25.70
CA ALA A 373 -36.81 -35.26 27.06
C ALA A 373 -35.30 -35.42 27.06
N LEU A 374 -34.67 -34.96 28.13
CA LEU A 374 -33.23 -35.13 28.24
C LEU A 374 -32.90 -36.61 28.31
N ALA A 375 -31.72 -36.96 27.80
CA ALA A 375 -31.36 -38.34 27.62
C ALA A 375 -29.86 -38.48 27.77
N GLY A 376 -29.43 -39.68 28.16
CA GLY A 376 -28.03 -40.00 28.27
C GLY A 376 -27.13 -39.03 28.97
N THR A 377 -26.21 -38.36 28.27
CA THR A 377 -25.28 -37.36 28.86
C THR A 377 -26.03 -36.05 29.15
N GLY A 378 -27.15 -35.82 28.47
CA GLY A 378 -27.96 -34.60 28.63
C GLY A 378 -28.72 -34.60 29.94
N ALA A 379 -29.19 -35.76 30.39
CA ALA A 379 -29.92 -35.89 31.67
C ALA A 379 -28.99 -35.49 32.81
N LYS A 380 -27.67 -35.61 32.60
CA LYS A 380 -26.64 -35.32 33.64
C LYS A 380 -26.05 -33.94 33.33
N VAL A 381 -26.54 -33.26 32.30
CA VAL A 381 -26.03 -31.93 31.84
C VAL A 381 -24.74 -31.60 32.59
N SER B 1 39.37 -1.21 48.94
CA SER B 1 39.09 -2.35 49.82
C SER B 1 38.79 -3.59 49.01
N ALA B 2 37.50 -3.88 48.80
CA ALA B 2 37.07 -5.04 48.03
C ALA B 2 35.84 -4.65 47.22
N LYS B 3 36.00 -4.59 45.90
CA LYS B 3 34.93 -4.14 45.02
C LYS B 3 34.14 -5.31 44.46
N ILE B 4 32.82 -5.24 44.58
CA ILE B 4 31.90 -6.19 43.96
C ILE B 4 31.22 -5.48 42.79
N LEU B 5 31.42 -6.00 41.58
CA LEU B 5 30.84 -5.44 40.37
C LEU B 5 29.62 -6.28 39.99
N CYS B 6 28.47 -5.63 39.84
CA CYS B 6 27.20 -6.33 39.65
C CYS B 6 26.51 -5.76 38.41
N VAL B 7 26.19 -6.63 37.47
CA VAL B 7 25.57 -6.24 36.21
C VAL B 7 24.14 -6.78 36.22
N LEU B 8 23.17 -5.87 36.16
CA LEU B 8 21.75 -6.19 36.21
C LEU B 8 21.05 -5.53 35.03
N TYR B 9 19.85 -6.01 34.71
CA TYR B 9 19.15 -5.44 33.57
C TYR B 9 18.39 -4.18 33.96
N ASP B 10 18.00 -3.40 32.95
CA ASP B 10 17.32 -2.14 33.19
C ASP B 10 16.02 -2.34 33.95
N ASP B 11 15.54 -1.27 34.57
CA ASP B 11 14.20 -1.25 35.13
C ASP B 11 13.19 -1.31 33.99
N PRO B 12 11.93 -1.59 34.28
CA PRO B 12 10.92 -1.54 33.23
C PRO B 12 10.89 -0.16 32.58
N VAL B 13 10.41 -0.14 31.33
CA VAL B 13 10.46 1.09 30.54
C VAL B 13 9.58 2.16 31.18
N ASP B 14 8.44 1.78 31.74
CA ASP B 14 7.56 2.70 32.43
C ASP B 14 7.89 2.87 33.91
N GLY B 15 9.02 2.36 34.37
CA GLY B 15 9.49 2.64 35.72
C GLY B 15 9.44 1.41 36.62
N TYR B 16 10.27 1.43 37.66
CA TYR B 16 10.35 0.31 38.62
C TYR B 16 9.00 0.11 39.31
N PRO B 17 8.49 -1.14 39.44
CA PRO B 17 7.14 -1.34 39.96
C PRO B 17 6.91 -0.87 41.41
N LYS B 18 5.75 -0.28 41.64
CA LYS B 18 5.37 0.14 43.00
C LYS B 18 4.23 -0.75 43.47
N THR B 19 3.33 -1.10 42.54
CA THR B 19 2.19 -2.00 42.88
C THR B 19 2.36 -3.32 42.14
N TYR B 20 2.68 -4.40 42.88
CA TYR B 20 2.81 -5.74 42.25
C TYR B 20 1.43 -6.35 42.07
N ALA B 21 1.28 -7.29 41.14
CA ALA B 21 -0.02 -7.88 40.79
C ALA B 21 -0.58 -8.75 41.90
N ARG B 22 0.29 -9.29 42.73
CA ARG B 22 -0.16 -10.21 43.79
C ARG B 22 0.41 -9.72 45.10
N ASP B 23 0.06 -10.39 46.19
CA ASP B 23 0.50 -9.95 47.53
C ASP B 23 1.63 -10.82 48.06
N ASP B 24 1.85 -12.02 47.52
CA ASP B 24 2.83 -12.91 48.11
C ASP B 24 3.10 -14.11 47.22
N LEU B 25 4.33 -14.55 47.25
CA LEU B 25 4.78 -15.74 46.55
C LEU B 25 4.54 -17.00 47.41
N PRO B 26 4.14 -18.10 46.73
CA PRO B 26 4.00 -19.37 47.40
C PRO B 26 5.28 -19.76 48.10
N LYS B 27 5.21 -20.51 49.20
CA LYS B 27 6.41 -20.88 49.99
C LYS B 27 6.89 -22.25 49.51
N ILE B 28 8.12 -22.34 48.99
CA ILE B 28 8.71 -23.64 48.55
C ILE B 28 9.62 -24.09 49.68
N ASP B 29 9.46 -25.32 50.17
CA ASP B 29 10.19 -25.83 51.33
C ASP B 29 11.60 -26.27 50.97
N HIS B 30 11.73 -27.08 49.93
CA HIS B 30 13.01 -27.62 49.48
C HIS B 30 12.86 -27.84 47.98
N TYR B 31 13.96 -28.13 47.32
CA TYR B 31 13.81 -28.48 45.91
C TYR B 31 13.52 -29.96 45.76
N PRO B 32 12.91 -30.36 44.64
CA PRO B 32 12.68 -31.79 44.42
C PRO B 32 13.99 -32.56 44.46
N GLY B 33 13.98 -33.67 45.19
CA GLY B 33 15.19 -34.42 45.44
C GLY B 33 15.90 -34.07 46.74
N GLY B 34 15.56 -32.94 47.36
CA GLY B 34 15.97 -32.68 48.74
C GLY B 34 16.92 -31.53 48.93
N GLN B 35 17.47 -30.94 47.87
CA GLN B 35 18.37 -29.82 48.06
C GLN B 35 17.66 -28.69 48.79
N THR B 36 18.32 -28.15 49.81
CA THR B 36 17.73 -27.06 50.56
C THR B 36 17.74 -25.78 49.72
N LEU B 37 16.74 -24.94 49.96
CA LEU B 37 16.72 -23.63 49.32
C LEU B 37 17.87 -22.80 49.88
N PRO B 38 18.23 -21.70 49.22
CA PRO B 38 19.39 -20.92 49.68
C PRO B 38 19.27 -20.58 51.15
N THR B 39 20.43 -20.46 51.81
CA THR B 39 20.49 -20.25 53.26
C THR B 39 21.40 -19.09 53.62
N PRO B 40 21.07 -17.87 53.21
CA PRO B 40 21.81 -16.71 53.71
C PRO B 40 21.53 -16.43 55.18
N LYS B 41 22.36 -15.52 55.74
CA LYS B 41 22.15 -15.07 57.13
C LYS B 41 21.00 -14.09 57.26
N ALA B 42 20.52 -13.53 56.16
CA ALA B 42 19.36 -12.65 56.20
C ALA B 42 19.08 -12.26 54.75
N ILE B 43 17.93 -11.66 54.50
CA ILE B 43 17.62 -11.10 53.19
C ILE B 43 17.05 -9.71 53.42
N ASP B 44 17.52 -8.74 52.63
CA ASP B 44 17.07 -7.36 52.74
C ASP B 44 16.14 -7.01 51.59
N PHE B 45 15.11 -7.83 51.40
CA PHE B 45 14.09 -7.63 50.39
C PHE B 45 12.89 -8.48 50.76
N THR B 46 11.77 -8.20 50.12
CA THR B 46 10.57 -9.03 50.25
C THR B 46 10.44 -9.95 49.05
N PRO B 47 10.33 -11.27 49.24
CA PRO B 47 10.07 -12.15 48.09
C PRO B 47 8.87 -11.65 47.28
N GLY B 48 9.03 -11.61 45.97
CA GLY B 48 8.06 -11.03 45.09
C GLY B 48 8.44 -9.67 44.57
N ALA B 49 9.44 -9.04 45.17
CA ALA B 49 10.00 -7.80 44.65
C ALA B 49 10.81 -8.10 43.39
N LEU B 50 11.12 -7.07 42.59
CA LEU B 50 11.90 -7.20 41.33
C LEU B 50 13.40 -7.04 41.63
N LEU B 51 14.07 -8.12 41.99
CA LEU B 51 15.44 -8.02 42.55
C LEU B 51 16.49 -8.00 41.43
N GLY B 52 16.15 -8.39 40.20
CA GLY B 52 17.17 -8.56 39.15
C GLY B 52 17.45 -7.35 38.27
N SER B 53 16.77 -6.24 38.48
CA SER B 53 17.06 -5.05 37.72
C SER B 53 17.87 -4.08 38.56
N VAL B 54 18.36 -3.01 37.93
CA VAL B 54 19.36 -2.18 38.57
C VAL B 54 18.84 -1.55 39.86
N SER B 55 17.54 -1.26 39.94
CA SER B 55 17.04 -0.68 41.19
C SER B 55 16.86 -1.74 42.27
N GLY B 56 16.62 -3.00 41.87
CA GLY B 56 16.48 -4.06 42.85
C GLY B 56 17.79 -4.39 43.53
N GLU B 57 18.89 -4.35 42.79
CA GLU B 57 20.24 -4.60 43.28
C GLU B 57 20.39 -5.97 43.95
N LEU B 58 19.46 -6.89 43.69
CA LEU B 58 19.47 -8.21 44.32
C LEU B 58 19.41 -8.13 45.84
N GLY B 59 18.99 -6.99 46.37
CA GLY B 59 18.90 -6.83 47.82
C GLY B 59 20.25 -6.92 48.52
N LEU B 60 21.31 -6.43 47.87
CA LEU B 60 22.69 -6.66 48.36
C LEU B 60 23.43 -5.41 48.83
N ARG B 61 22.96 -4.19 48.60
CA ARG B 61 23.80 -3.02 48.91
C ARG B 61 24.01 -2.85 50.41
N LYS B 62 22.94 -2.99 51.20
CA LYS B 62 23.06 -2.73 52.63
C LYS B 62 24.00 -3.75 53.29
N TYR B 63 23.84 -5.02 52.93
CA TYR B 63 24.76 -6.05 53.42
C TYR B 63 26.20 -5.72 53.07
N LEU B 64 26.46 -5.40 51.80
CA LEU B 64 27.85 -5.28 51.35
C LEU B 64 28.52 -4.06 51.98
N GLU B 65 27.86 -2.90 51.93
CA GLU B 65 28.46 -1.70 52.52
C GLU B 65 28.59 -1.83 54.03
N ALA B 66 27.76 -2.67 54.66
CA ALA B 66 27.89 -2.90 56.09
C ALA B 66 29.23 -3.56 56.43
N ASN B 67 29.73 -4.42 55.55
CA ASN B 67 31.00 -5.10 55.76
C ASN B 67 32.16 -4.41 55.04
N GLY B 68 32.00 -3.17 54.64
CA GLY B 68 33.10 -2.40 54.12
C GLY B 68 33.45 -2.67 52.67
N HIS B 69 32.63 -3.40 51.95
CA HIS B 69 32.91 -3.70 50.55
C HIS B 69 32.30 -2.60 49.69
N THR B 70 32.96 -2.29 48.58
CA THR B 70 32.39 -1.39 47.60
C THR B 70 31.44 -2.18 46.70
N PHE B 71 30.34 -1.55 46.30
CA PHE B 71 29.28 -2.22 45.55
C PHE B 71 28.94 -1.35 44.35
N VAL B 72 29.16 -1.89 43.15
CA VAL B 72 28.97 -1.17 41.90
C VAL B 72 27.92 -1.92 41.10
N VAL B 73 26.86 -1.22 40.71
CA VAL B 73 25.76 -1.79 39.95
C VAL B 73 25.62 -1.03 38.63
N THR B 74 25.57 -1.76 37.53
CA THR B 74 25.39 -1.15 36.22
C THR B 74 24.65 -2.11 35.32
N SER B 75 23.99 -1.56 34.30
CA SER B 75 23.44 -2.35 33.21
C SER B 75 24.25 -2.19 31.93
N ASP B 76 25.26 -1.31 31.93
CA ASP B 76 26.09 -1.03 30.77
C ASP B 76 27.21 -2.06 30.73
N LYS B 77 27.06 -3.08 29.91
CA LYS B 77 27.93 -4.24 30.00
C LYS B 77 28.64 -4.62 28.72
N ASP B 78 28.10 -4.30 27.56
CA ASP B 78 28.72 -4.67 26.29
C ASP B 78 29.45 -3.47 25.69
N GLY B 79 30.63 -3.74 25.15
CA GLY B 79 31.46 -2.74 24.54
C GLY B 79 32.73 -2.52 25.35
N PRO B 80 33.80 -2.09 24.69
CA PRO B 80 35.04 -1.82 25.45
C PRO B 80 34.96 -0.56 26.28
N ASP B 81 34.09 0.39 25.92
CA ASP B 81 33.90 1.62 26.66
C ASP B 81 32.78 1.51 27.70
N SER B 82 32.16 0.34 27.83
CA SER B 82 31.07 0.17 28.78
C SER B 82 31.55 0.35 30.22
N VAL B 83 30.63 0.78 31.09
CA VAL B 83 30.95 0.90 32.51
C VAL B 83 31.44 -0.43 33.08
N PHE B 84 30.90 -1.55 32.60
CA PHE B 84 31.30 -2.85 33.19
C PHE B 84 32.79 -3.11 32.92
N GLU B 85 33.22 -2.90 31.67
CA GLU B 85 34.62 -3.22 31.30
C GLU B 85 35.58 -2.24 31.98
N ARG B 86 35.12 -1.04 32.32
CA ARG B 86 36.01 -0.03 32.93
C ARG B 86 36.06 -0.23 34.45
N GLU B 87 35.12 -1.00 35.01
CA GLU B 87 35.08 -1.24 36.47
C GLU B 87 35.63 -2.64 36.76
N LEU B 88 35.84 -3.44 35.72
CA LEU B 88 36.27 -4.85 35.90
C LEU B 88 37.77 -4.86 36.20
N VAL B 89 38.45 -3.80 35.83
CA VAL B 89 39.93 -3.73 35.98
C VAL B 89 40.37 -4.11 37.40
N ASP B 90 39.65 -3.67 38.43
CA ASP B 90 40.06 -3.94 39.80
C ASP B 90 38.94 -4.55 40.65
N ALA B 91 37.92 -5.13 40.03
CA ALA B 91 36.86 -5.76 40.80
C ALA B 91 37.33 -7.07 41.41
N ASP B 92 36.98 -7.31 42.67
CA ASP B 92 37.26 -8.57 43.33
C ASP B 92 36.21 -9.63 43.03
N VAL B 93 34.95 -9.22 42.85
CA VAL B 93 33.86 -10.12 42.50
C VAL B 93 33.09 -9.53 41.31
N VAL B 94 32.60 -10.40 40.44
CA VAL B 94 31.69 -10.02 39.36
C VAL B 94 30.42 -10.84 39.49
N ILE B 95 29.28 -10.16 39.52
CA ILE B 95 27.96 -10.81 39.51
C ILE B 95 27.22 -10.37 38.26
N SER B 96 26.68 -11.32 37.52
CA SER B 96 25.76 -10.99 36.44
C SER B 96 24.77 -12.13 36.29
N GLN B 97 23.66 -11.85 35.62
CA GLN B 97 22.65 -12.88 35.44
C GLN B 97 22.64 -13.36 33.99
N PRO B 98 22.38 -14.65 33.75
CA PRO B 98 22.33 -15.14 32.37
C PRO B 98 21.45 -14.31 31.46
N PHE B 99 20.39 -13.72 32.00
CA PHE B 99 19.39 -13.02 31.20
C PHE B 99 19.91 -11.68 30.70
N TRP B 100 20.92 -11.14 31.36
CA TRP B 100 21.59 -9.91 30.95
C TRP B 100 23.05 -10.13 31.33
N PRO B 101 23.79 -10.90 30.52
CA PRO B 101 25.06 -11.44 30.98
C PRO B 101 26.25 -10.52 30.78
N ALA B 102 27.06 -10.35 31.82
CA ALA B 102 28.35 -9.68 31.70
C ALA B 102 29.34 -10.71 31.19
N TYR B 103 29.60 -10.68 29.89
CA TYR B 103 30.46 -11.68 29.26
C TYR B 103 31.89 -11.53 29.76
N LEU B 104 32.38 -12.56 30.45
CA LEU B 104 33.77 -12.61 30.90
C LEU B 104 34.56 -13.39 29.85
N THR B 105 34.82 -12.71 28.75
CA THR B 105 35.60 -13.25 27.67
C THR B 105 37.05 -13.39 28.09
N PRO B 106 37.83 -14.21 27.38
CA PRO B 106 39.27 -14.29 27.68
C PRO B 106 39.95 -12.93 27.76
N GLU B 107 39.62 -12.01 26.85
CA GLU B 107 40.27 -10.71 26.85
C GLU B 107 39.91 -9.89 28.08
N ARG B 108 38.68 -10.06 28.59
CA ARG B 108 38.25 -9.29 29.76
C ARG B 108 38.80 -9.88 31.05
N ILE B 109 38.82 -11.21 31.16
CA ILE B 109 39.41 -11.85 32.33
C ILE B 109 40.89 -11.49 32.43
N ALA B 110 41.55 -11.25 31.29
CA ALA B 110 42.95 -10.80 31.33
C ALA B 110 43.08 -9.43 31.98
N LYS B 111 42.14 -8.52 31.70
CA LYS B 111 42.17 -7.18 32.28
C LYS B 111 41.78 -7.18 33.75
N ALA B 112 41.09 -8.23 34.22
CA ALA B 112 40.54 -8.27 35.57
C ALA B 112 41.64 -8.69 36.55
N LYS B 113 42.44 -7.70 36.96
CA LYS B 113 43.62 -7.99 37.78
C LYS B 113 43.25 -8.51 39.17
N ASN B 114 42.13 -8.08 39.73
CA ASN B 114 41.83 -8.47 41.12
C ASN B 114 40.71 -9.51 41.20
N LEU B 115 40.25 -10.03 40.07
CA LEU B 115 39.08 -10.94 40.09
C LEU B 115 39.41 -12.24 40.83
N LYS B 116 38.49 -12.67 41.69
CA LYS B 116 38.68 -13.91 42.47
C LYS B 116 37.38 -14.71 42.45
N LEU B 117 36.24 -14.02 42.27
CA LEU B 117 34.94 -14.74 42.19
C LEU B 117 34.06 -14.21 41.06
N ALA B 118 33.50 -15.12 40.28
CA ALA B 118 32.54 -14.80 39.21
C ALA B 118 31.24 -15.50 39.62
N LEU B 119 30.28 -14.78 40.18
CA LEU B 119 29.04 -15.35 40.74
C LEU B 119 27.90 -15.24 39.74
N THR B 120 27.38 -16.37 39.28
CA THR B 120 26.27 -16.41 38.34
C THR B 120 24.98 -16.38 39.17
N ALA B 121 24.27 -15.26 39.11
CA ALA B 121 22.95 -15.15 39.74
C ALA B 121 21.97 -15.85 38.82
N GLY B 122 21.91 -17.17 38.95
CA GLY B 122 21.14 -18.02 38.06
C GLY B 122 21.87 -19.34 37.87
N ILE B 123 21.61 -19.99 36.74
CA ILE B 123 22.21 -21.28 36.44
C ILE B 123 22.85 -21.23 35.06
N GLY B 124 24.05 -21.80 34.95
CA GLY B 124 24.77 -21.83 33.70
C GLY B 124 25.79 -20.70 33.61
N SER B 125 27.08 -21.05 33.56
CA SER B 125 28.15 -20.07 33.62
C SER B 125 28.87 -19.93 32.27
N ASP B 126 28.16 -20.21 31.17
CA ASP B 126 28.75 -20.18 29.84
C ASP B 126 29.08 -18.78 29.34
N HIS B 127 28.64 -17.72 30.05
CA HIS B 127 29.04 -16.37 29.72
C HIS B 127 30.41 -16.03 30.27
N VAL B 128 30.95 -16.91 31.11
CA VAL B 128 32.30 -16.82 31.67
C VAL B 128 33.14 -17.87 30.96
N ASP B 129 34.25 -17.46 30.35
CA ASP B 129 35.05 -18.44 29.63
C ASP B 129 35.70 -19.41 30.62
N LEU B 130 35.30 -20.67 30.53
CA LEU B 130 35.72 -21.68 31.51
C LEU B 130 37.24 -21.82 31.54
N GLN B 131 37.86 -21.90 30.37
CA GLN B 131 39.31 -22.12 30.28
C GLN B 131 40.08 -21.07 31.08
N SER B 132 39.79 -19.80 30.83
CA SER B 132 40.52 -18.74 31.51
C SER B 132 40.32 -18.80 33.02
N ALA B 133 39.11 -19.14 33.46
CA ALA B 133 38.86 -19.23 34.89
C ALA B 133 39.71 -20.33 35.51
N ILE B 134 39.80 -21.48 34.86
CA ILE B 134 40.64 -22.56 35.35
C ILE B 134 42.10 -22.13 35.35
N ASP B 135 42.55 -21.53 34.25
CA ASP B 135 43.93 -21.10 34.16
C ASP B 135 44.30 -20.09 35.24
N ARG B 136 43.33 -19.38 35.81
CA ARG B 136 43.62 -18.23 36.65
C ARG B 136 43.19 -18.42 38.10
N GLY B 137 42.73 -19.61 38.49
CA GLY B 137 42.35 -19.84 39.86
C GLY B 137 41.11 -19.11 40.32
N ILE B 138 40.42 -18.41 39.42
CA ILE B 138 39.19 -17.74 39.79
C ILE B 138 38.15 -18.79 40.17
N THR B 139 37.34 -18.47 41.18
CA THR B 139 36.22 -19.31 41.55
C THR B 139 35.00 -18.92 40.71
N VAL B 140 34.27 -19.92 40.22
CA VAL B 140 33.05 -19.71 39.44
C VAL B 140 31.95 -20.52 40.12
N ALA B 141 30.88 -19.83 40.51
CA ALA B 141 29.79 -20.44 41.26
C ALA B 141 28.46 -19.95 40.71
N GLU B 142 27.41 -20.76 40.91
CA GLU B 142 26.08 -20.43 40.46
C GLU B 142 25.07 -20.99 41.44
N VAL B 143 23.85 -20.46 41.40
CA VAL B 143 22.82 -20.82 42.40
C VAL B 143 22.08 -22.01 41.83
N THR B 144 22.71 -23.18 41.97
CA THR B 144 22.12 -24.39 41.40
C THR B 144 20.70 -24.58 41.89
N TYR B 145 19.83 -24.99 40.97
CA TYR B 145 18.44 -25.39 41.21
C TYR B 145 17.54 -24.18 41.42
N CYS B 146 18.07 -22.96 41.47
CA CYS B 146 17.26 -21.81 41.89
C CYS B 146 16.06 -21.62 40.99
N ASN B 147 16.18 -21.92 39.69
CA ASN B 147 15.05 -21.73 38.79
C ASN B 147 14.89 -22.91 37.85
N SER B 148 15.39 -24.09 38.22
CA SER B 148 15.24 -25.26 37.35
C SER B 148 13.76 -25.60 37.17
N ILE B 149 12.97 -25.48 38.23
CA ILE B 149 11.54 -25.75 38.12
C ILE B 149 10.84 -24.65 37.33
N SER B 150 11.30 -23.40 37.48
CA SER B 150 10.74 -22.32 36.68
C SER B 150 10.91 -22.61 35.19
N VAL B 151 12.10 -23.08 34.79
CA VAL B 151 12.33 -23.39 33.39
C VAL B 151 11.49 -24.59 32.97
N ALA B 152 11.33 -25.58 33.85
CA ALA B 152 10.53 -26.75 33.51
C ALA B 152 9.11 -26.34 33.16
N GLU B 153 8.57 -25.33 33.86
CA GLU B 153 7.25 -24.83 33.52
C GLU B 153 7.25 -24.14 32.16
N HIS B 154 8.27 -23.30 31.90
CA HIS B 154 8.38 -22.61 30.62
C HIS B 154 8.47 -23.59 29.46
N VAL B 155 9.18 -24.71 29.67
CA VAL B 155 9.35 -25.69 28.61
C VAL B 155 8.02 -26.30 28.23
N VAL B 156 7.28 -26.82 29.21
CA VAL B 156 5.99 -27.50 28.97
C VAL B 156 5.01 -26.49 28.39
N MET B 157 5.06 -25.23 28.83
CA MET B 157 4.17 -24.17 28.30
C MET B 157 4.51 -23.92 26.84
N MET B 158 5.79 -24.02 26.45
CA MET B 158 6.27 -23.74 25.08
C MET B 158 6.09 -24.97 24.20
N ILE B 159 6.20 -26.19 24.72
CA ILE B 159 5.86 -27.40 23.96
C ILE B 159 4.40 -27.34 23.54
N LEU B 160 3.50 -27.17 24.51
CA LEU B 160 2.08 -27.03 24.19
C LEU B 160 1.87 -25.85 23.25
N GLY B 161 2.56 -24.74 23.52
CA GLY B 161 2.39 -23.56 22.68
C GLY B 161 2.72 -23.82 21.23
N LEU B 162 3.75 -24.63 20.97
CA LEU B 162 4.13 -24.94 19.60
C LEU B 162 3.22 -25.99 18.97
N VAL B 163 2.96 -27.08 19.68
CA VAL B 163 2.19 -28.17 19.10
C VAL B 163 0.79 -27.68 18.74
N ARG B 164 0.22 -26.82 19.59
CA ARG B 164 -1.14 -26.36 19.42
C ARG B 164 -1.27 -25.07 18.61
N ASN B 165 -0.16 -24.39 18.30
CA ASN B 165 -0.17 -23.18 17.46
C ASN B 165 -0.80 -22.00 18.20
N TYR B 166 -0.38 -21.84 19.46
CA TYR B 166 -0.90 -20.78 20.34
C TYR B 166 -0.60 -19.38 19.82
N ILE B 167 0.68 -19.10 19.53
CA ILE B 167 1.07 -17.73 19.22
C ILE B 167 0.39 -17.20 17.96
N PRO B 168 0.43 -17.91 16.82
CA PRO B 168 -0.28 -17.39 15.64
C PRO B 168 -1.77 -17.23 15.88
N SER B 169 -2.35 -18.13 16.67
CA SER B 169 -3.77 -18.06 16.97
C SER B 169 -4.08 -16.83 17.81
N HIS B 170 -3.24 -16.55 18.80
CA HIS B 170 -3.47 -15.35 19.59
C HIS B 170 -3.35 -14.10 18.73
N ASP B 171 -2.45 -14.10 17.75
CA ASP B 171 -2.37 -12.97 16.83
C ASP B 171 -3.69 -12.77 16.09
N TRP B 172 -4.34 -13.88 15.71
CA TRP B 172 -5.65 -13.78 15.07
C TRP B 172 -6.68 -13.19 16.02
N ALA B 173 -6.62 -13.57 17.30
CA ALA B 173 -7.51 -12.99 18.29
C ALA B 173 -7.25 -11.50 18.45
N ARG B 174 -6.02 -11.09 18.71
CA ARG B 174 -5.75 -9.65 19.00
C ARG B 174 -6.00 -8.75 17.78
N LYS B 175 -5.91 -9.30 16.58
CA LYS B 175 -6.01 -8.47 15.34
C LYS B 175 -7.46 -8.32 14.87
N GLY B 176 -8.40 -8.93 15.57
CA GLY B 176 -9.78 -8.78 15.20
C GLY B 176 -10.35 -9.90 14.36
N GLY B 177 -9.63 -11.02 14.25
CA GLY B 177 -10.03 -12.08 13.37
C GLY B 177 -10.70 -13.22 14.13
N TRP B 178 -11.02 -14.26 13.37
CA TRP B 178 -11.56 -15.49 13.93
C TRP B 178 -10.73 -16.61 13.31
N ASN B 179 -10.99 -16.91 12.04
CA ASN B 179 -10.04 -17.63 11.20
C ASN B 179 -9.67 -18.97 11.82
N ILE B 180 -10.69 -19.76 12.13
CA ILE B 180 -10.43 -21.04 12.78
C ILE B 180 -9.50 -21.87 11.91
N ALA B 181 -9.85 -22.06 10.64
CA ALA B 181 -9.07 -22.92 9.77
C ALA B 181 -7.64 -22.42 9.62
N ASP B 182 -7.43 -21.11 9.63
CA ASP B 182 -6.06 -20.58 9.57
C ASP B 182 -5.27 -20.98 10.81
N CYS B 183 -5.94 -21.02 11.97
CA CYS B 183 -5.25 -21.40 13.20
C CYS B 183 -4.93 -22.89 13.22
N VAL B 184 -5.94 -23.73 12.92
CA VAL B 184 -5.82 -25.17 13.19
C VAL B 184 -5.29 -25.95 12.02
N GLU B 185 -5.09 -25.33 10.85
CA GLU B 185 -4.40 -26.07 9.80
C GLU B 185 -2.97 -26.42 10.23
N HIS B 186 -2.54 -25.93 11.40
CA HIS B 186 -1.23 -26.22 11.97
C HIS B 186 -1.31 -26.54 13.47
N SER B 187 -2.43 -27.08 13.95
CA SER B 187 -2.65 -27.33 15.37
C SER B 187 -2.95 -28.80 15.65
N TYR B 188 -2.18 -29.39 16.58
CA TYR B 188 -2.35 -30.79 16.94
C TYR B 188 -2.46 -30.92 18.46
N ASP B 189 -3.06 -32.04 18.90
CA ASP B 189 -2.97 -32.41 20.31
C ASP B 189 -1.57 -32.94 20.60
N LEU B 190 -1.13 -32.79 21.84
CA LEU B 190 0.11 -33.41 22.27
C LEU B 190 -0.09 -34.87 22.63
N GLU B 191 -1.28 -35.23 23.09
CA GLU B 191 -1.55 -36.59 23.56
C GLU B 191 -1.08 -37.64 22.57
N GLY B 192 -0.28 -38.59 23.06
CA GLY B 192 0.20 -39.69 22.26
C GLY B 192 1.51 -39.45 21.55
N MET B 193 1.98 -38.22 21.48
CA MET B 193 3.23 -37.95 20.80
C MET B 193 4.41 -38.47 21.62
N THR B 194 5.59 -38.50 21.00
CA THR B 194 6.82 -38.90 21.67
C THR B 194 7.67 -37.65 21.90
N VAL B 195 8.06 -37.46 23.16
CA VAL B 195 8.86 -36.30 23.57
C VAL B 195 10.19 -36.81 24.11
N GLY B 196 11.27 -36.21 23.66
CA GLY B 196 12.61 -36.58 24.10
C GLY B 196 13.32 -35.39 24.69
N SER B 197 13.99 -35.61 25.82
CA SER B 197 14.76 -34.58 26.48
C SER B 197 16.24 -34.91 26.31
N VAL B 198 17.01 -33.92 25.87
CA VAL B 198 18.47 -34.01 25.95
C VAL B 198 18.83 -33.55 27.36
N GLY B 199 19.13 -34.50 28.24
CA GLY B 199 19.38 -34.13 29.61
C GLY B 199 18.20 -34.38 30.53
N ALA B 200 18.43 -35.16 31.59
CA ALA B 200 17.43 -35.37 32.61
C ALA B 200 17.95 -34.85 33.94
N GLY B 201 18.55 -33.67 33.93
CA GLY B 201 19.05 -33.04 35.13
C GLY B 201 17.93 -32.48 35.98
N ARG B 202 18.22 -31.37 36.65
CA ARG B 202 17.21 -30.75 37.51
C ARG B 202 16.06 -30.20 36.68
N ILE B 203 16.35 -29.55 35.56
CA ILE B 203 15.29 -29.10 34.66
C ILE B 203 14.71 -30.27 33.88
N GLY B 204 15.57 -31.06 33.25
CA GLY B 204 15.09 -32.08 32.34
C GLY B 204 14.11 -33.03 33.00
N LEU B 205 14.48 -33.52 34.19
CA LEU B 205 13.63 -34.47 34.87
C LEU B 205 12.34 -33.81 35.37
N ALA B 206 12.43 -32.53 35.75
CA ALA B 206 11.22 -31.80 36.12
C ALA B 206 10.29 -31.66 34.92
N VAL B 207 10.86 -31.43 33.74
CA VAL B 207 10.06 -31.39 32.52
C VAL B 207 9.40 -32.75 32.28
N LEU B 208 10.15 -33.84 32.48
CA LEU B 208 9.61 -35.16 32.16
C LEU B 208 8.52 -35.56 33.14
N ARG B 209 8.68 -35.24 34.43
CA ARG B 209 7.62 -35.50 35.38
C ARG B 209 6.35 -34.75 35.02
N ARG B 210 6.49 -33.52 34.50
CA ARG B 210 5.32 -32.72 34.19
C ARG B 210 4.64 -33.18 32.91
N LEU B 211 5.38 -33.84 32.02
CA LEU B 211 4.80 -34.33 30.78
C LEU B 211 4.10 -35.68 30.93
N ALA B 212 4.44 -36.45 31.96
CA ALA B 212 3.85 -37.78 32.12
C ALA B 212 2.34 -37.80 31.99
N PRO B 213 1.57 -37.00 32.75
CA PRO B 213 0.10 -37.08 32.67
C PRO B 213 -0.50 -36.58 31.37
N PHE B 214 0.31 -36.09 30.43
CA PHE B 214 -0.20 -35.74 29.11
C PHE B 214 -0.33 -36.95 28.19
N ASP B 215 -0.01 -38.14 28.69
CA ASP B 215 -0.08 -39.37 27.90
C ASP B 215 0.78 -39.28 26.65
N VAL B 216 2.00 -38.80 26.85
CA VAL B 216 3.03 -38.79 25.82
C VAL B 216 4.03 -39.89 26.16
N LYS B 217 4.74 -40.36 25.14
CA LYS B 217 5.85 -41.30 25.32
C LYS B 217 7.14 -40.53 25.55
N LEU B 218 7.87 -40.90 26.60
CA LEU B 218 8.94 -40.07 27.15
C LEU B 218 10.30 -40.72 26.95
N HIS B 219 11.15 -40.09 26.16
CA HIS B 219 12.51 -40.56 25.93
C HIS B 219 13.51 -39.54 26.48
N TYR B 220 14.75 -39.99 26.70
CA TYR B 220 15.76 -39.07 27.20
C TYR B 220 17.14 -39.61 26.90
N THR B 221 18.12 -38.71 26.99
CA THR B 221 19.52 -39.08 26.84
C THR B 221 20.37 -38.15 27.69
N GLN B 222 21.56 -38.63 28.01
CA GLN B 222 22.60 -37.88 28.68
C GLN B 222 23.79 -38.82 28.78
N ARG B 223 24.85 -38.42 29.46
CA ARG B 223 26.03 -39.27 29.53
C ARG B 223 25.81 -40.45 30.48
N HIS B 224 25.15 -40.23 31.61
CA HIS B 224 24.92 -41.26 32.60
C HIS B 224 23.43 -41.53 32.77
N ARG B 225 23.04 -42.78 32.57
CA ARG B 225 21.65 -43.19 32.67
C ARG B 225 21.15 -43.05 34.11
N LEU B 226 19.84 -42.80 34.22
CA LEU B 226 19.20 -42.60 35.54
C LEU B 226 18.87 -43.95 36.16
N PRO B 227 18.67 -44.04 37.48
CA PRO B 227 18.26 -45.28 38.11
C PRO B 227 16.97 -45.82 37.46
N GLU B 228 17.01 -47.08 37.01
CA GLU B 228 15.83 -47.71 36.35
C GLU B 228 14.61 -47.46 37.23
N ALA B 229 14.73 -47.68 38.55
CA ALA B 229 13.64 -47.32 39.49
C ALA B 229 12.93 -46.06 38.99
N VAL B 230 13.67 -44.95 38.87
CA VAL B 230 13.10 -43.68 38.38
C VAL B 230 12.64 -43.86 36.93
N GLU B 231 13.43 -44.55 36.11
CA GLU B 231 12.96 -44.69 34.74
C GLU B 231 11.57 -45.29 34.71
N LYS B 232 11.33 -46.28 35.56
CA LYS B 232 10.06 -47.07 35.51
C LYS B 232 8.90 -46.26 36.05
N GLU B 233 9.17 -45.28 36.92
CA GLU B 233 8.12 -44.41 37.48
C GLU B 233 7.48 -43.62 36.34
N LEU B 234 8.30 -42.95 35.53
CA LEU B 234 7.81 -42.07 34.44
C LEU B 234 7.67 -42.84 33.12
N GLY B 235 8.07 -44.12 33.06
CA GLY B 235 8.05 -44.84 31.81
C GLY B 235 9.02 -44.27 30.82
N LEU B 236 10.22 -43.92 31.28
CA LEU B 236 11.22 -43.30 30.42
C LEU B 236 11.87 -44.34 29.54
N VAL B 237 12.23 -43.91 28.33
CA VAL B 237 12.94 -44.75 27.37
C VAL B 237 14.32 -44.13 27.17
N TRP B 238 15.36 -44.89 27.46
CA TRP B 238 16.73 -44.38 27.47
C TRP B 238 17.39 -44.55 26.11
N HIS B 239 18.29 -43.61 25.79
CA HIS B 239 19.06 -43.66 24.57
C HIS B 239 20.52 -43.33 24.87
N ASP B 240 21.42 -44.12 24.30
CA ASP B 240 22.85 -43.92 24.54
C ASP B 240 23.30 -42.54 24.08
N THR B 241 22.83 -42.12 22.91
CA THR B 241 23.30 -40.92 22.25
C THR B 241 22.10 -40.11 21.80
N ARG B 242 22.33 -38.82 21.57
CA ARG B 242 21.27 -37.96 21.05
C ARG B 242 20.83 -38.41 19.68
N GLU B 243 21.80 -38.63 18.80
CA GLU B 243 21.50 -38.99 17.42
C GLU B 243 20.63 -40.24 17.39
N ASP B 244 20.76 -41.08 18.40
CA ASP B 244 19.90 -42.25 18.55
C ASP B 244 18.46 -41.87 18.93
N MET B 245 18.28 -40.73 19.58
CA MET B 245 16.97 -40.36 20.14
C MET B 245 16.14 -39.57 19.14
N TYR B 246 16.77 -38.66 18.39
CA TYR B 246 16.03 -37.75 17.54
C TYR B 246 15.02 -38.38 16.59
N PRO B 247 15.31 -39.49 15.90
CA PRO B 247 14.33 -39.99 14.92
C PRO B 247 13.03 -40.44 15.53
N HIS B 248 12.98 -40.68 16.83
CA HIS B 248 11.78 -41.15 17.50
C HIS B 248 10.85 -40.03 17.92
N CYS B 249 11.35 -38.80 18.01
CA CYS B 249 10.69 -37.76 18.78
C CYS B 249 9.87 -36.85 17.89
N ASP B 250 8.60 -36.67 18.26
CA ASP B 250 7.77 -35.61 17.69
C ASP B 250 8.16 -34.26 18.27
N VAL B 251 8.66 -34.25 19.50
CA VAL B 251 9.13 -33.06 20.20
C VAL B 251 10.47 -33.41 20.84
N VAL B 252 11.42 -32.49 20.76
CA VAL B 252 12.70 -32.64 21.44
C VAL B 252 12.95 -31.37 22.25
N THR B 253 13.29 -31.54 23.53
CA THR B 253 13.60 -30.39 24.38
C THR B 253 15.05 -30.52 24.87
N LEU B 254 15.77 -29.41 24.84
CA LEU B 254 17.17 -29.37 25.22
C LEU B 254 17.28 -28.80 26.62
N ASN B 255 17.99 -29.52 27.50
CA ASN B 255 18.04 -29.18 28.92
C ASN B 255 19.42 -29.51 29.47
N VAL B 256 20.44 -29.03 28.76
CA VAL B 256 21.83 -29.29 29.13
C VAL B 256 22.58 -27.97 29.17
N PRO B 257 23.72 -27.93 29.86
CA PRO B 257 24.56 -26.73 29.84
C PRO B 257 25.25 -26.59 28.49
N LEU B 258 25.82 -25.40 28.28
CA LEU B 258 26.59 -25.10 27.08
C LEU B 258 28.05 -25.37 27.41
N HIS B 259 28.58 -26.45 26.85
CA HIS B 259 30.01 -26.76 26.83
C HIS B 259 30.43 -27.00 25.39
N PRO B 260 31.71 -27.28 25.13
CA PRO B 260 32.09 -27.71 23.78
C PRO B 260 31.35 -28.95 23.30
N GLU B 261 31.11 -29.96 24.15
CA GLU B 261 30.45 -31.15 23.64
C GLU B 261 28.98 -30.92 23.30
N THR B 262 28.36 -29.84 23.79
CA THR B 262 26.96 -29.60 23.50
C THR B 262 26.73 -28.39 22.60
N GLU B 263 27.76 -27.59 22.36
CA GLU B 263 27.57 -26.41 21.53
C GLU B 263 27.25 -26.84 20.10
N HIS B 264 26.22 -26.19 19.53
CA HIS B 264 25.74 -26.48 18.18
C HIS B 264 25.45 -27.97 18.00
N MET B 265 24.93 -28.61 19.05
CA MET B 265 24.53 -30.00 18.90
C MET B 265 23.36 -30.16 17.93
N ILE B 266 22.62 -29.07 17.70
CA ILE B 266 21.57 -29.02 16.67
C ILE B 266 22.11 -28.16 15.54
N ASN B 267 22.29 -28.78 14.37
CA ASN B 267 22.90 -28.11 13.25
C ASN B 267 22.32 -28.69 11.97
N ASP B 268 22.76 -28.18 10.83
CA ASP B 268 22.23 -28.69 9.57
C ASP B 268 22.44 -30.19 9.43
N GLU B 269 23.48 -30.74 10.06
CA GLU B 269 23.71 -32.17 9.96
C GLU B 269 22.74 -32.98 10.82
N THR B 270 22.75 -32.78 12.14
CA THR B 270 21.89 -33.56 13.01
C THR B 270 20.41 -33.34 12.70
N LEU B 271 20.04 -32.16 12.20
CA LEU B 271 18.63 -31.89 11.93
C LEU B 271 18.05 -32.86 10.90
N LYS B 272 18.90 -33.43 10.05
CA LYS B 272 18.39 -34.38 9.08
C LYS B 272 17.82 -35.63 9.75
N LEU B 273 18.18 -35.88 11.01
CA LEU B 273 17.71 -37.05 11.76
C LEU B 273 16.31 -36.89 12.34
N PHE B 274 15.74 -35.68 12.32
CA PHE B 274 14.47 -35.44 12.98
C PHE B 274 13.30 -35.82 12.08
N LYS B 275 12.18 -36.21 12.69
CA LYS B 275 10.98 -36.45 11.89
C LYS B 275 10.57 -35.15 11.22
N ARG B 276 9.88 -35.26 10.09
CA ARG B 276 9.34 -34.07 9.46
C ARG B 276 8.23 -33.51 10.34
N GLY B 277 8.24 -32.19 10.54
CA GLY B 277 7.30 -31.59 11.47
C GLY B 277 7.68 -31.79 12.92
N ALA B 278 8.97 -31.91 13.21
CA ALA B 278 9.42 -32.01 14.58
C ALA B 278 9.35 -30.66 15.27
N TYR B 279 9.31 -30.69 16.59
CA TYR B 279 9.31 -29.49 17.42
C TYR B 279 10.56 -29.50 18.28
N ILE B 280 11.21 -28.34 18.41
CA ILE B 280 12.34 -28.17 19.30
C ILE B 280 12.01 -27.08 20.30
N VAL B 281 12.22 -27.36 21.58
CA VAL B 281 12.15 -26.36 22.64
C VAL B 281 13.53 -26.30 23.28
N ASN B 282 14.13 -25.11 23.28
CA ASN B 282 15.47 -24.92 23.81
C ASN B 282 15.42 -23.80 24.84
N THR B 283 15.32 -24.18 26.11
CA THR B 283 15.36 -23.25 27.22
C THR B 283 16.67 -23.33 27.98
N ALA B 284 17.70 -23.91 27.34
CA ALA B 284 18.99 -24.14 27.99
C ALA B 284 20.00 -23.03 27.70
N ARG B 285 20.44 -22.94 26.45
CA ARG B 285 21.34 -21.90 25.99
C ARG B 285 21.18 -21.76 24.49
N GLY B 286 21.40 -20.53 23.99
CA GLY B 286 21.15 -20.28 22.58
C GLY B 286 22.07 -21.06 21.65
N LYS B 287 23.35 -21.19 22.03
CA LYS B 287 24.32 -21.83 21.16
C LYS B 287 24.23 -23.35 21.13
N LEU B 288 23.29 -23.96 21.86
CA LEU B 288 23.06 -25.39 21.63
C LEU B 288 22.57 -25.68 20.22
N ALA B 289 22.02 -24.68 19.55
CA ALA B 289 21.45 -24.83 18.22
C ALA B 289 22.07 -23.80 17.31
N ASP B 290 22.62 -24.25 16.18
CA ASP B 290 23.15 -23.33 15.18
C ASP B 290 22.02 -22.45 14.69
N ARG B 291 22.18 -21.13 14.87
CA ARG B 291 21.09 -20.20 14.61
C ARG B 291 20.48 -20.42 13.22
N ASP B 292 21.30 -20.34 12.18
CA ASP B 292 20.78 -20.40 10.83
C ASP B 292 20.34 -21.82 10.46
N ALA B 293 20.87 -22.84 11.13
CA ALA B 293 20.38 -24.19 10.89
C ALA B 293 18.92 -24.31 11.26
N ILE B 294 18.53 -23.71 12.39
CA ILE B 294 17.13 -23.71 12.80
C ILE B 294 16.29 -22.98 11.76
N VAL B 295 16.71 -21.78 11.37
CA VAL B 295 15.94 -21.01 10.39
C VAL B 295 15.74 -21.83 9.13
N ARG B 296 16.84 -22.37 8.59
CA ARG B 296 16.74 -23.19 7.38
C ARG B 296 15.81 -24.38 7.61
N ALA B 297 15.87 -25.00 8.80
CA ALA B 297 15.04 -26.16 9.06
C ALA B 297 13.57 -25.78 9.17
N ILE B 298 13.27 -24.56 9.60
CA ILE B 298 11.90 -24.07 9.62
C ILE B 298 11.39 -23.88 8.20
N GLU B 299 12.17 -23.19 7.36
CA GLU B 299 11.69 -22.83 6.02
C GLU B 299 11.44 -24.07 5.18
N SER B 300 12.18 -25.15 5.39
CA SER B 300 12.02 -26.35 4.59
C SER B 300 10.91 -27.26 5.09
N GLY B 301 10.40 -27.03 6.30
CA GLY B 301 9.42 -27.89 6.88
C GLY B 301 9.98 -29.01 7.72
N GLN B 302 11.31 -29.12 7.80
CA GLN B 302 11.92 -30.08 8.70
C GLN B 302 11.40 -29.91 10.12
N LEU B 303 11.27 -28.67 10.57
CA LEU B 303 10.73 -28.34 11.88
C LEU B 303 9.36 -27.70 11.71
N ALA B 304 8.41 -28.13 12.52
CA ALA B 304 7.10 -27.49 12.57
C ALA B 304 7.03 -26.38 13.62
N GLY B 305 8.09 -26.19 14.39
CA GLY B 305 8.12 -25.13 15.35
C GLY B 305 9.42 -25.10 16.11
N TYR B 306 9.88 -23.91 16.45
CA TYR B 306 11.01 -23.75 17.35
C TYR B 306 10.62 -22.72 18.39
N ALA B 307 10.90 -23.03 19.65
CA ALA B 307 10.56 -22.12 20.73
C ALA B 307 11.62 -22.27 21.81
N GLY B 308 11.94 -21.16 22.44
CA GLY B 308 12.82 -21.14 23.60
C GLY B 308 12.90 -19.71 24.06
N ASP B 309 13.66 -19.48 25.12
CA ASP B 309 13.82 -18.10 25.65
C ASP B 309 15.30 -17.72 25.58
N VAL B 310 16.14 -18.67 25.19
CA VAL B 310 17.60 -18.43 25.23
C VAL B 310 18.14 -18.21 23.81
N TRP B 311 18.97 -17.19 23.64
CA TRP B 311 19.52 -16.90 22.29
C TRP B 311 21.00 -16.54 22.41
N PHE B 312 21.61 -16.20 21.28
CA PHE B 312 23.01 -15.71 21.27
C PHE B 312 23.09 -14.73 20.11
N PRO B 313 23.66 -13.52 20.28
CA PRO B 313 24.16 -13.10 21.57
C PRO B 313 23.04 -12.65 22.50
N GLN B 314 23.30 -12.57 23.80
CA GLN B 314 22.25 -12.03 24.71
C GLN B 314 22.80 -10.77 25.36
N PRO B 315 22.35 -9.55 25.00
CA PRO B 315 21.05 -9.31 24.43
C PRO B 315 20.96 -9.59 22.93
N ALA B 316 19.90 -10.24 22.48
CA ALA B 316 19.76 -10.64 21.05
C ALA B 316 19.55 -9.42 20.15
N PRO B 317 20.29 -9.34 19.03
CA PRO B 317 20.13 -8.24 18.11
C PRO B 317 18.71 -8.19 17.56
N LYS B 318 18.24 -6.99 17.23
CA LYS B 318 16.84 -6.82 16.76
C LYS B 318 16.64 -7.65 15.50
N ASP B 319 17.69 -7.87 14.72
CA ASP B 319 17.54 -8.61 13.46
C ASP B 319 17.71 -10.11 13.69
N HIS B 320 17.76 -10.57 14.94
CA HIS B 320 17.98 -12.01 15.15
C HIS B 320 16.90 -12.74 14.35
N PRO B 321 17.29 -13.69 13.48
CA PRO B 321 16.33 -14.37 12.62
C PRO B 321 15.26 -15.18 13.36
N TRP B 322 15.51 -15.57 14.60
CA TRP B 322 14.55 -16.40 15.37
C TRP B 322 13.35 -15.56 15.82
N ARG B 323 13.47 -14.25 15.80
CA ARG B 323 12.38 -13.36 16.27
C ARG B 323 11.23 -13.30 15.26
N THR B 324 11.52 -13.54 13.98
CA THR B 324 10.48 -13.33 12.94
C THR B 324 10.24 -14.58 12.08
N MET B 325 10.84 -15.70 12.42
CA MET B 325 10.65 -16.88 11.55
C MET B 325 9.24 -17.42 11.76
N LYS B 326 8.79 -18.25 10.83
CA LYS B 326 7.44 -18.85 10.97
C LYS B 326 7.51 -19.91 12.07
N TRP B 327 6.37 -20.20 12.69
CA TRP B 327 6.30 -21.25 13.71
C TRP B 327 7.36 -21.01 14.79
N GLU B 328 7.41 -19.79 15.32
CA GLU B 328 8.33 -19.48 16.44
C GLU B 328 7.47 -19.15 17.66
N GLY B 329 7.95 -19.49 18.86
CA GLY B 329 7.26 -19.14 20.11
C GLY B 329 8.26 -18.59 21.08
N MET B 330 9.13 -17.73 20.59
CA MET B 330 10.25 -17.25 21.43
C MET B 330 9.81 -16.22 22.47
N THR B 331 10.56 -16.15 23.56
CA THR B 331 10.36 -15.08 24.54
C THR B 331 11.77 -14.62 24.84
N PRO B 332 12.01 -13.42 25.36
CA PRO B 332 13.36 -13.07 25.77
C PRO B 332 13.73 -13.99 26.94
N HIS B 333 14.98 -13.97 27.39
CA HIS B 333 15.43 -14.90 28.46
C HIS B 333 14.76 -14.50 29.77
N ILE B 334 13.63 -15.11 30.06
CA ILE B 334 12.83 -14.71 31.25
C ILE B 334 12.44 -15.92 32.10
N SER B 335 12.59 -17.13 31.57
CA SER B 335 12.10 -18.31 32.32
C SER B 335 12.72 -18.34 33.71
N GLY B 336 14.00 -18.08 33.81
CA GLY B 336 14.71 -18.21 35.06
C GLY B 336 14.70 -16.98 35.93
N THR B 337 14.02 -15.91 35.51
CA THR B 337 13.98 -14.68 36.30
C THR B 337 12.54 -14.23 36.57
N SER B 338 11.58 -15.15 36.52
CA SER B 338 10.27 -14.88 37.09
C SER B 338 10.45 -14.32 38.51
N LEU B 339 9.46 -13.54 38.96
CA LEU B 339 9.62 -12.90 40.26
C LEU B 339 9.78 -13.93 41.37
N SER B 340 9.18 -15.11 41.21
CA SER B 340 9.36 -16.17 42.18
C SER B 340 10.80 -16.69 42.16
N ALA B 341 11.38 -16.80 40.96
CA ALA B 341 12.74 -17.32 40.84
C ALA B 341 13.76 -16.32 41.36
N GLN B 342 13.54 -15.03 41.11
CA GLN B 342 14.47 -14.00 41.58
C GLN B 342 14.65 -14.06 43.08
N ALA B 343 13.56 -14.30 43.82
CA ALA B 343 13.65 -14.38 45.27
C ALA B 343 14.67 -15.43 45.71
N ARG B 344 14.74 -16.55 44.99
CA ARG B 344 15.62 -17.63 45.41
C ARG B 344 17.07 -17.37 45.02
N TYR B 345 17.32 -16.95 43.77
CA TYR B 345 18.71 -16.80 43.36
C TYR B 345 19.32 -15.50 43.87
N ALA B 346 18.50 -14.54 44.31
CA ALA B 346 19.04 -13.39 45.03
C ALA B 346 19.45 -13.76 46.44
N ALA B 347 18.75 -14.72 47.07
CA ALA B 347 19.19 -15.23 48.36
C ALA B 347 20.44 -16.08 48.21
N GLY B 348 20.45 -16.98 47.22
CA GLY B 348 21.65 -17.75 46.94
C GLY B 348 22.84 -16.87 46.64
N THR B 349 22.63 -15.81 45.88
CA THR B 349 23.71 -14.86 45.63
C THR B 349 24.29 -14.35 46.94
N ARG B 350 23.42 -13.98 47.88
CA ARG B 350 23.89 -13.48 49.16
C ARG B 350 24.56 -14.58 49.97
N GLU B 351 24.02 -15.79 49.93
CA GLU B 351 24.65 -16.89 50.64
C GLU B 351 26.10 -17.10 50.19
N ILE B 352 26.32 -17.08 48.87
CA ILE B 352 27.65 -17.35 48.36
C ILE B 352 28.61 -16.23 48.75
N LEU B 353 28.17 -14.98 48.65
CA LEU B 353 29.03 -13.86 49.02
C LEU B 353 29.42 -13.94 50.50
N GLU B 354 28.47 -14.27 51.36
CA GLU B 354 28.78 -14.45 52.78
C GLU B 354 29.81 -15.56 52.95
N CYS B 355 29.58 -16.70 52.30
CA CYS B 355 30.54 -17.79 52.36
C CYS B 355 31.89 -17.35 51.83
N PHE B 356 31.90 -16.66 50.69
CA PHE B 356 33.16 -16.24 50.09
C PHE B 356 33.94 -15.32 51.02
N PHE B 357 33.31 -14.25 51.47
CA PHE B 357 34.04 -13.23 52.23
C PHE B 357 34.35 -13.69 53.65
N GLU B 358 33.56 -14.60 54.20
CA GLU B 358 33.78 -15.09 55.54
C GLU B 358 34.66 -16.33 55.61
N GLY B 359 35.17 -16.80 54.48
CA GLY B 359 36.04 -17.96 54.51
C GLY B 359 35.37 -19.26 54.86
N ARG B 360 34.07 -19.33 54.60
CA ARG B 360 33.30 -20.56 54.81
C ARG B 360 33.16 -21.20 53.45
N PRO B 361 33.11 -22.52 53.32
CA PRO B 361 33.07 -23.12 52.01
C PRO B 361 31.79 -22.86 51.23
N ILE B 362 31.90 -22.52 49.95
CA ILE B 362 30.73 -22.49 49.09
C ILE B 362 30.24 -23.92 48.90
N ARG B 363 28.92 -24.10 48.92
CA ARG B 363 28.34 -25.43 48.77
C ARG B 363 28.89 -26.12 47.53
N ASP B 364 29.10 -27.42 47.64
CA ASP B 364 29.61 -28.18 46.50
C ASP B 364 28.73 -28.00 45.27
N GLU B 365 27.41 -28.05 45.46
CA GLU B 365 26.48 -27.93 44.34
C GLU B 365 26.53 -26.57 43.66
N TYR B 366 27.02 -25.53 44.35
CA TYR B 366 27.14 -24.22 43.72
C TYR B 366 28.42 -24.07 42.91
N LEU B 367 29.44 -24.87 43.18
CA LEU B 367 30.78 -24.61 42.66
C LEU B 367 30.93 -25.17 41.26
N ILE B 368 31.55 -24.37 40.39
CA ILE B 368 31.88 -24.77 39.03
C ILE B 368 33.39 -24.88 38.84
N VAL B 369 34.12 -23.82 39.16
CA VAL B 369 35.58 -23.80 39.09
C VAL B 369 36.09 -23.25 40.42
N GLN B 370 37.15 -23.87 40.95
CA GLN B 370 37.79 -23.33 42.13
C GLN B 370 39.23 -23.80 42.19
N GLY B 371 40.13 -22.88 42.53
CA GLY B 371 41.52 -23.23 42.73
C GLY B 371 42.18 -23.90 41.55
N GLY B 372 41.88 -23.45 40.33
CA GLY B 372 42.57 -23.96 39.16
C GLY B 372 42.08 -25.30 38.65
N ALA B 373 40.84 -25.67 38.91
CA ALA B 373 40.27 -26.91 38.38
C ALA B 373 38.76 -26.89 38.50
N LEU B 374 38.05 -27.74 37.79
CA LEU B 374 36.58 -27.85 37.94
C LEU B 374 36.32 -28.30 39.37
N ALA B 375 35.20 -27.90 39.96
CA ALA B 375 34.87 -28.19 41.37
C ALA B 375 33.39 -28.47 41.53
N GLY B 376 33.00 -29.39 42.40
CA GLY B 376 31.61 -29.68 42.73
C GLY B 376 30.72 -30.04 41.55
N THR B 377 29.71 -29.20 41.28
CA THR B 377 28.86 -29.44 40.11
C THR B 377 29.67 -29.30 38.82
N GLY B 378 30.61 -28.35 38.79
CA GLY B 378 31.42 -28.16 37.61
C GLY B 378 32.27 -29.37 37.26
N ALA B 379 32.58 -30.19 38.26
CA ALA B 379 33.26 -31.46 37.99
C ALA B 379 32.39 -32.41 37.18
N LYS B 380 31.07 -32.28 37.28
CA LYS B 380 30.16 -33.07 36.45
C LYS B 380 29.75 -32.35 35.16
N VAL B 381 30.30 -31.17 34.87
CA VAL B 381 29.94 -30.32 33.73
C VAL B 381 28.55 -30.59 33.16
N SER C 1 -29.80 -43.88 -8.79
CA SER C 1 -30.72 -43.86 -9.92
C SER C 1 -30.20 -42.95 -11.03
N ALA C 2 -30.21 -41.64 -10.78
CA ALA C 2 -29.75 -40.67 -11.77
C ALA C 2 -29.28 -39.41 -11.04
N LYS C 3 -27.98 -39.13 -11.10
CA LYS C 3 -27.40 -37.96 -10.45
C LYS C 3 -27.25 -36.83 -11.46
N ILE C 4 -27.77 -35.66 -11.11
CA ILE C 4 -27.56 -34.45 -11.91
C ILE C 4 -26.57 -33.56 -11.16
N LEU C 5 -25.41 -33.33 -11.78
CA LEU C 5 -24.37 -32.50 -11.21
C LEU C 5 -24.47 -31.12 -11.86
N CYS C 6 -24.60 -30.09 -11.03
CA CYS C 6 -24.90 -28.74 -11.51
C CYS C 6 -23.90 -27.78 -10.88
N VAL C 7 -23.20 -27.03 -11.73
CA VAL C 7 -22.16 -26.10 -11.29
C VAL C 7 -22.64 -24.67 -11.53
N LEU C 8 -22.79 -23.91 -10.44
CA LEU C 8 -23.25 -22.54 -10.48
C LEU C 8 -22.28 -21.65 -9.70
N TYR C 9 -22.36 -20.34 -9.93
CA TYR C 9 -21.44 -19.43 -9.28
C TYR C 9 -21.92 -19.07 -7.87
N ASP C 10 -20.98 -18.55 -7.07
CA ASP C 10 -21.28 -18.23 -5.68
C ASP C 10 -22.39 -17.18 -5.58
N ASP C 11 -23.02 -17.13 -4.41
CA ASP C 11 -23.94 -16.05 -4.10
C ASP C 11 -23.15 -14.75 -3.99
N PRO C 12 -23.84 -13.61 -3.97
CA PRO C 12 -23.14 -12.35 -3.72
C PRO C 12 -22.45 -12.36 -2.37
N VAL C 13 -21.42 -11.52 -2.24
CA VAL C 13 -20.65 -11.49 -1.01
C VAL C 13 -21.52 -11.04 0.15
N ASP C 14 -22.42 -10.08 -0.10
CA ASP C 14 -23.32 -9.65 0.96
C ASP C 14 -24.55 -10.55 1.09
N GLY C 15 -24.56 -11.69 0.43
CA GLY C 15 -25.57 -12.70 0.68
C GLY C 15 -26.55 -12.83 -0.47
N TYR C 16 -27.21 -13.97 -0.52
CA TYR C 16 -28.26 -14.16 -1.50
C TYR C 16 -29.31 -13.10 -1.30
N PRO C 17 -29.76 -12.45 -2.40
CA PRO C 17 -30.71 -11.35 -2.30
C PRO C 17 -32.11 -11.71 -1.79
N LYS C 18 -32.70 -10.84 -0.97
CA LYS C 18 -34.08 -11.00 -0.47
C LYS C 18 -34.93 -9.92 -1.13
N THR C 19 -34.33 -8.81 -1.52
CA THR C 19 -35.03 -7.69 -2.19
C THR C 19 -34.37 -7.42 -3.54
N TYR C 20 -35.15 -7.32 -4.62
CA TYR C 20 -34.62 -6.94 -5.92
C TYR C 20 -35.01 -5.51 -6.25
N ALA C 21 -34.26 -4.92 -7.19
CA ALA C 21 -34.42 -3.51 -7.48
C ALA C 21 -35.77 -3.20 -8.12
N ARG C 22 -36.44 -4.21 -8.67
CA ARG C 22 -37.68 -3.98 -9.39
C ARG C 22 -38.65 -5.08 -9.04
N ASP C 23 -39.89 -4.91 -9.45
CA ASP C 23 -40.94 -5.82 -9.02
C ASP C 23 -41.28 -6.88 -10.07
N ASP C 24 -40.86 -6.68 -11.32
CA ASP C 24 -41.10 -7.67 -12.35
C ASP C 24 -40.32 -7.32 -13.60
N LEU C 25 -40.10 -8.34 -14.43
CA LEU C 25 -39.46 -8.41 -15.73
C LEU C 25 -40.45 -8.11 -16.86
N PRO C 26 -40.02 -7.35 -17.89
CA PRO C 26 -40.87 -7.15 -19.04
C PRO C 26 -41.20 -8.51 -19.66
N LYS C 27 -42.38 -8.64 -20.24
CA LYS C 27 -42.82 -9.91 -20.88
C LYS C 27 -42.27 -9.94 -22.30
N ILE C 28 -41.57 -11.02 -22.65
CA ILE C 28 -41.03 -11.23 -24.01
C ILE C 28 -41.93 -12.25 -24.69
N ASP C 29 -42.49 -11.91 -25.85
CA ASP C 29 -43.37 -12.78 -26.61
C ASP C 29 -42.59 -13.89 -27.30
N HIS C 30 -41.56 -13.51 -28.07
CA HIS C 30 -40.77 -14.47 -28.82
C HIS C 30 -39.43 -13.81 -29.10
N TYR C 31 -38.50 -14.61 -29.59
CA TYR C 31 -37.23 -14.06 -30.01
C TYR C 31 -37.38 -13.55 -31.44
N PRO C 32 -36.53 -12.62 -31.87
CA PRO C 32 -36.59 -12.19 -33.27
C PRO C 32 -36.43 -13.39 -34.18
N GLY C 33 -37.24 -13.43 -35.24
CA GLY C 33 -37.26 -14.53 -36.17
C GLY C 33 -38.29 -15.60 -35.88
N GLY C 34 -38.85 -15.65 -34.68
CA GLY C 34 -40.00 -16.47 -34.41
C GLY C 34 -39.76 -17.62 -33.46
N GLN C 35 -38.52 -17.88 -33.07
CA GLN C 35 -38.27 -18.97 -32.14
C GLN C 35 -39.04 -18.70 -30.84
N THR C 36 -39.76 -19.70 -30.37
CA THR C 36 -40.52 -19.55 -29.15
C THR C 36 -39.59 -19.56 -27.94
N LEU C 37 -39.99 -18.86 -26.88
CA LEU C 37 -39.24 -18.90 -25.65
C LEU C 37 -39.35 -20.30 -25.03
N PRO C 38 -38.46 -20.64 -24.09
CA PRO C 38 -38.46 -22.00 -23.54
C PRO C 38 -39.84 -22.40 -23.04
N THR C 39 -40.21 -23.66 -23.23
CA THR C 39 -41.54 -24.22 -22.87
C THR C 39 -41.40 -25.36 -21.87
N PRO C 40 -40.92 -25.11 -20.63
CA PRO C 40 -40.94 -26.15 -19.63
C PRO C 40 -42.42 -26.40 -19.30
N LYS C 41 -42.76 -27.51 -18.66
CA LYS C 41 -44.15 -27.82 -18.29
C LYS C 41 -44.52 -27.00 -17.05
N ALA C 42 -43.54 -26.46 -16.35
CA ALA C 42 -43.77 -25.58 -15.19
C ALA C 42 -42.45 -24.96 -14.74
N ILE C 43 -42.48 -23.94 -13.88
CA ILE C 43 -41.28 -23.34 -13.33
C ILE C 43 -41.51 -23.16 -11.85
N ASP C 44 -40.49 -23.44 -11.05
CA ASP C 44 -40.57 -23.22 -9.60
C ASP C 44 -39.78 -22.00 -9.18
N PHE C 45 -40.00 -20.87 -9.85
CA PHE C 45 -39.31 -19.64 -9.50
C PHE C 45 -40.09 -18.47 -10.06
N THR C 46 -39.80 -17.29 -9.51
CA THR C 46 -40.38 -16.06 -10.03
C THR C 46 -39.37 -15.39 -10.94
N PRO C 47 -39.70 -15.15 -12.21
CA PRO C 47 -38.77 -14.44 -13.10
C PRO C 47 -38.28 -13.15 -12.46
N GLY C 48 -36.98 -12.92 -12.55
CA GLY C 48 -36.33 -11.84 -11.84
C GLY C 48 -35.58 -12.31 -10.62
N ALA C 49 -35.78 -13.54 -10.20
CA ALA C 49 -34.99 -14.13 -9.14
C ALA C 49 -33.58 -14.41 -9.62
N LEU C 50 -32.65 -14.49 -8.67
CA LEU C 50 -31.26 -14.84 -8.98
C LEU C 50 -31.16 -16.36 -9.03
N LEU C 51 -31.26 -16.91 -10.24
CA LEU C 51 -31.29 -18.35 -10.46
C LEU C 51 -29.92 -18.97 -10.71
N GLY C 52 -28.95 -18.17 -11.16
CA GLY C 52 -27.69 -18.69 -11.64
C GLY C 52 -26.62 -18.90 -10.59
N SER C 53 -26.92 -18.61 -9.33
CA SER C 53 -25.97 -18.83 -8.24
C SER C 53 -26.36 -20.09 -7.48
N VAL C 54 -25.48 -20.50 -6.56
CA VAL C 54 -25.62 -21.80 -5.91
C VAL C 54 -26.92 -21.91 -5.13
N SER C 55 -27.42 -20.80 -4.60
CA SER C 55 -28.69 -20.82 -3.89
C SER C 55 -29.90 -20.80 -4.84
N GLY C 56 -29.74 -20.26 -6.04
CA GLY C 56 -30.84 -20.27 -6.99
C GLY C 56 -31.13 -21.66 -7.54
N GLU C 57 -30.07 -22.43 -7.80
CA GLU C 57 -30.20 -23.84 -8.28
C GLU C 57 -30.99 -23.92 -9.59
N LEU C 58 -31.18 -22.80 -10.28
CA LEU C 58 -31.93 -22.73 -11.55
C LEU C 58 -33.37 -23.18 -11.33
N GLY C 59 -33.81 -23.24 -10.07
CA GLY C 59 -35.18 -23.68 -9.73
C GLY C 59 -35.43 -25.10 -10.16
N LEU C 60 -34.49 -26.00 -9.94
CA LEU C 60 -34.64 -27.37 -10.49
C LEU C 60 -34.81 -28.42 -9.39
N ARG C 61 -34.46 -28.12 -8.15
CA ARG C 61 -34.48 -29.18 -7.12
C ARG C 61 -35.87 -29.80 -6.99
N LYS C 62 -36.90 -29.00 -6.71
CA LYS C 62 -38.19 -29.60 -6.43
C LYS C 62 -38.62 -30.48 -7.59
N TYR C 63 -38.41 -29.97 -8.81
CA TYR C 63 -38.68 -30.76 -10.00
C TYR C 63 -37.89 -32.05 -10.00
N LEU C 64 -36.57 -31.95 -9.84
CA LEU C 64 -35.71 -33.12 -10.03
C LEU C 64 -35.90 -34.15 -8.93
N GLU C 65 -35.86 -33.72 -7.67
CA GLU C 65 -36.03 -34.67 -6.58
C GLU C 65 -37.43 -35.25 -6.55
N ALA C 66 -38.42 -34.54 -7.10
CA ALA C 66 -39.75 -35.10 -7.22
C ALA C 66 -39.76 -36.32 -8.14
N ASN C 67 -38.90 -36.33 -9.16
CA ASN C 67 -38.83 -37.43 -10.12
C ASN C 67 -37.77 -38.46 -9.78
N GLY C 68 -37.28 -38.48 -8.54
CA GLY C 68 -36.38 -39.53 -8.12
C GLY C 68 -34.92 -39.35 -8.50
N HIS C 69 -34.55 -38.17 -9.02
CA HIS C 69 -33.18 -37.89 -9.40
C HIS C 69 -32.42 -37.24 -8.26
N THR C 70 -31.12 -37.54 -8.16
CA THR C 70 -30.23 -36.81 -7.27
C THR C 70 -29.67 -35.58 -7.96
N PHE C 71 -29.56 -34.49 -7.21
CA PHE C 71 -29.21 -33.17 -7.74
C PHE C 71 -28.17 -32.51 -6.84
N VAL C 72 -26.99 -32.21 -7.41
CA VAL C 72 -25.89 -31.63 -6.66
C VAL C 72 -25.55 -30.28 -7.25
N VAL C 73 -25.50 -29.26 -6.41
CA VAL C 73 -25.18 -27.90 -6.82
C VAL C 73 -23.91 -27.48 -6.08
N THR C 74 -22.93 -26.99 -6.85
CA THR C 74 -21.67 -26.56 -6.26
C THR C 74 -21.06 -25.48 -7.14
N SER C 75 -20.21 -24.66 -6.52
CA SER C 75 -19.37 -23.72 -7.26
C SER C 75 -17.91 -24.16 -7.28
N ASP C 76 -17.57 -25.25 -6.61
CA ASP C 76 -16.19 -25.73 -6.51
C ASP C 76 -15.93 -26.60 -7.73
N LYS C 77 -15.32 -26.01 -8.76
CA LYS C 77 -15.23 -26.62 -10.08
C LYS C 77 -13.82 -26.76 -10.64
N ASP C 78 -12.87 -25.93 -10.21
CA ASP C 78 -11.49 -26.01 -10.68
C ASP C 78 -10.70 -26.76 -9.62
N GLY C 79 -9.81 -27.65 -10.06
CA GLY C 79 -9.00 -28.44 -9.16
C GLY C 79 -9.34 -29.91 -9.23
N PRO C 80 -8.39 -30.78 -8.87
CA PRO C 80 -8.68 -32.22 -8.90
C PRO C 80 -9.54 -32.67 -7.73
N ASP C 81 -9.41 -32.01 -6.58
CA ASP C 81 -10.17 -32.33 -5.38
C ASP C 81 -11.44 -31.51 -5.27
N SER C 82 -11.75 -30.71 -6.28
CA SER C 82 -12.95 -29.90 -6.26
C SER C 82 -14.17 -30.79 -6.12
N VAL C 83 -15.22 -30.26 -5.51
CA VAL C 83 -16.46 -31.01 -5.38
C VAL C 83 -16.93 -31.49 -6.75
N PHE C 84 -16.69 -30.69 -7.78
CA PHE C 84 -17.14 -31.07 -9.11
C PHE C 84 -16.49 -32.36 -9.56
N GLU C 85 -15.17 -32.46 -9.42
CA GLU C 85 -14.46 -33.66 -9.87
C GLU C 85 -14.85 -34.89 -9.08
N ARG C 86 -15.13 -34.73 -7.79
CA ARG C 86 -15.49 -35.88 -6.96
C ARG C 86 -16.87 -36.41 -7.32
N GLU C 87 -17.82 -35.55 -7.69
CA GLU C 87 -19.22 -35.94 -7.98
C GLU C 87 -19.36 -36.37 -9.45
N LEU C 88 -18.35 -36.13 -10.26
CA LEU C 88 -18.39 -36.38 -11.72
C LEU C 88 -18.32 -37.87 -12.04
N VAL C 89 -17.79 -38.73 -11.20
CA VAL C 89 -17.60 -40.15 -11.63
C VAL C 89 -18.94 -40.87 -11.85
N ASP C 90 -20.03 -40.40 -11.25
CA ASP C 90 -21.32 -41.14 -11.31
C ASP C 90 -22.44 -40.24 -11.80
N ALA C 91 -22.10 -39.07 -12.33
CA ALA C 91 -23.11 -38.10 -12.78
C ALA C 91 -23.66 -38.50 -14.13
N ASP C 92 -24.98 -38.43 -14.27
CA ASP C 92 -25.63 -38.70 -15.56
C ASP C 92 -25.78 -37.43 -16.39
N VAL C 93 -25.97 -36.29 -15.72
CA VAL C 93 -26.09 -35.00 -16.39
C VAL C 93 -25.12 -34.03 -15.73
N VAL C 94 -24.49 -33.19 -16.53
CA VAL C 94 -23.69 -32.08 -16.04
C VAL C 94 -24.29 -30.80 -16.62
N ILE C 95 -24.64 -29.88 -15.73
CA ILE C 95 -25.18 -28.57 -16.09
C ILE C 95 -24.19 -27.54 -15.60
N SER C 96 -23.77 -26.65 -16.49
CA SER C 96 -22.94 -25.52 -16.08
C SER C 96 -23.21 -24.34 -16.99
N GLN C 97 -22.86 -23.15 -16.51
CA GLN C 97 -23.09 -21.93 -17.31
C GLN C 97 -21.75 -21.37 -17.77
N PRO C 98 -21.66 -20.83 -18.99
CA PRO C 98 -20.40 -20.32 -19.51
C PRO C 98 -19.76 -19.24 -18.62
N PHE C 99 -20.50 -18.67 -17.68
CA PHE C 99 -20.02 -17.56 -16.81
C PHE C 99 -19.16 -18.15 -15.69
N TRP C 100 -19.47 -19.35 -15.25
CA TRP C 100 -18.67 -20.07 -14.24
C TRP C 100 -18.65 -21.47 -14.82
N PRO C 101 -17.76 -21.76 -15.78
CA PRO C 101 -17.90 -23.00 -16.56
C PRO C 101 -17.20 -24.19 -15.91
N ALA C 102 -17.91 -25.30 -15.81
CA ALA C 102 -17.30 -26.57 -15.42
C ALA C 102 -16.66 -27.14 -16.68
N TYR C 103 -15.36 -26.92 -16.84
CA TYR C 103 -14.67 -27.33 -18.05
C TYR C 103 -14.66 -28.85 -18.14
N LEU C 104 -15.34 -29.38 -19.16
CA LEU C 104 -15.36 -30.84 -19.39
C LEU C 104 -14.25 -31.19 -20.36
N THR C 105 -13.06 -31.29 -19.81
CA THR C 105 -11.87 -31.67 -20.54
C THR C 105 -11.93 -33.15 -20.93
N PRO C 106 -11.11 -33.54 -21.92
CA PRO C 106 -11.03 -34.96 -22.28
C PRO C 106 -10.85 -35.88 -21.08
N GLU C 107 -9.96 -35.48 -20.17
CA GLU C 107 -9.64 -36.29 -19.01
C GLU C 107 -10.81 -36.38 -18.03
N ARG C 108 -11.58 -35.31 -17.92
CA ARG C 108 -12.74 -35.29 -17.03
C ARG C 108 -13.88 -36.10 -17.61
N ILE C 109 -14.11 -35.96 -18.92
CA ILE C 109 -15.11 -36.80 -19.57
C ILE C 109 -14.70 -38.26 -19.50
N ALA C 110 -13.39 -38.53 -19.49
CA ALA C 110 -12.93 -39.90 -19.36
C ALA C 110 -13.32 -40.50 -18.02
N LYS C 111 -13.17 -39.74 -16.93
CA LYS C 111 -13.54 -40.26 -15.63
C LYS C 111 -15.05 -40.24 -15.41
N ALA C 112 -15.80 -39.43 -16.19
CA ALA C 112 -17.25 -39.34 -16.04
C ALA C 112 -17.85 -40.54 -16.77
N LYS C 113 -17.80 -41.71 -16.15
CA LYS C 113 -18.22 -42.97 -16.81
C LYS C 113 -19.72 -43.02 -17.09
N ASN C 114 -20.54 -42.23 -16.41
CA ASN C 114 -22.02 -42.32 -16.51
C ASN C 114 -22.60 -41.10 -17.24
N LEU C 115 -21.78 -40.18 -17.72
CA LEU C 115 -22.28 -38.93 -18.33
C LEU C 115 -23.02 -39.26 -19.61
N LYS C 116 -24.26 -38.83 -19.73
CA LYS C 116 -25.01 -38.97 -20.97
C LYS C 116 -25.53 -37.66 -21.50
N LEU C 117 -25.52 -36.59 -20.69
CA LEU C 117 -25.94 -35.27 -21.15
C LEU C 117 -25.06 -34.21 -20.51
N ALA C 118 -24.57 -33.28 -21.32
CA ALA C 118 -23.85 -32.11 -20.84
C ALA C 118 -24.63 -30.89 -21.31
N LEU C 119 -25.23 -30.17 -20.37
CA LEU C 119 -26.24 -29.18 -20.65
C LEU C 119 -25.68 -27.80 -20.33
N THR C 120 -25.59 -26.95 -21.34
CA THR C 120 -25.04 -25.61 -21.17
C THR C 120 -26.21 -24.70 -20.79
N ALA C 121 -26.21 -24.23 -19.54
CA ALA C 121 -27.20 -23.25 -19.08
C ALA C 121 -26.76 -21.90 -19.63
N GLY C 122 -27.12 -21.67 -20.89
CA GLY C 122 -26.63 -20.52 -21.62
C GLY C 122 -26.41 -20.86 -23.07
N ILE C 123 -25.48 -20.16 -23.73
CA ILE C 123 -25.16 -20.40 -25.13
C ILE C 123 -23.66 -20.56 -25.27
N GLY C 124 -23.26 -21.51 -26.11
CA GLY C 124 -21.86 -21.76 -26.37
C GLY C 124 -21.30 -22.86 -25.49
N SER C 125 -20.94 -24.00 -26.08
CA SER C 125 -20.53 -25.17 -25.32
C SER C 125 -19.03 -25.46 -25.47
N ASP C 126 -18.24 -24.43 -25.77
CA ASP C 126 -16.81 -24.64 -26.00
C ASP C 126 -16.05 -25.03 -24.73
N HIS C 127 -16.69 -24.98 -23.57
CA HIS C 127 -16.06 -25.50 -22.36
C HIS C 127 -16.22 -27.01 -22.23
N VAL C 128 -16.99 -27.61 -23.12
CA VAL C 128 -17.12 -29.07 -23.21
C VAL C 128 -16.29 -29.47 -24.41
N ASP C 129 -15.32 -30.37 -24.20
CA ASP C 129 -14.47 -30.76 -25.31
C ASP C 129 -15.31 -31.61 -26.26
N LEU C 130 -15.69 -31.01 -27.38
CA LEU C 130 -16.65 -31.61 -28.31
C LEU C 130 -16.22 -32.97 -28.80
N GLN C 131 -14.95 -33.09 -29.18
CA GLN C 131 -14.46 -34.33 -29.72
C GLN C 131 -14.87 -35.49 -28.82
N SER C 132 -14.59 -35.36 -27.53
CA SER C 132 -14.93 -36.41 -26.59
C SER C 132 -16.44 -36.66 -26.53
N ALA C 133 -17.25 -35.59 -26.60
CA ALA C 133 -18.68 -35.80 -26.55
C ALA C 133 -19.17 -36.59 -27.75
N ILE C 134 -18.68 -36.26 -28.95
CA ILE C 134 -19.05 -37.02 -30.13
C ILE C 134 -18.55 -38.45 -30.03
N ASP C 135 -17.29 -38.61 -29.62
CA ASP C 135 -16.70 -39.95 -29.53
C ASP C 135 -17.53 -40.84 -28.61
N ARG C 136 -18.07 -40.28 -27.54
CA ARG C 136 -18.69 -41.06 -26.49
C ARG C 136 -20.22 -41.05 -26.53
N GLY C 137 -20.81 -40.36 -27.50
CA GLY C 137 -22.26 -40.36 -27.63
C GLY C 137 -22.98 -39.49 -26.64
N ILE C 138 -22.25 -38.74 -25.81
CA ILE C 138 -22.88 -37.85 -24.85
C ILE C 138 -23.65 -36.78 -25.61
N THR C 139 -24.83 -36.43 -25.11
CA THR C 139 -25.60 -35.36 -25.72
C THR C 139 -25.13 -34.02 -25.16
N VAL C 140 -24.97 -33.05 -26.03
CA VAL C 140 -24.56 -31.70 -25.66
C VAL C 140 -25.64 -30.76 -26.15
N ALA C 141 -26.21 -30.00 -25.21
CA ALA C 141 -27.33 -29.13 -25.51
C ALA C 141 -27.11 -27.79 -24.83
N GLU C 142 -27.72 -26.75 -25.40
CA GLU C 142 -27.65 -25.41 -24.86
C GLU C 142 -28.95 -24.71 -25.17
N VAL C 143 -29.20 -23.62 -24.46
CA VAL C 143 -30.50 -22.91 -24.57
C VAL C 143 -30.30 -21.84 -25.65
N THR C 144 -30.42 -22.28 -26.90
CA THR C 144 -30.23 -21.37 -28.01
C THR C 144 -31.15 -20.16 -27.89
N TYR C 145 -30.61 -18.99 -28.18
CA TYR C 145 -31.29 -17.71 -28.28
C TYR C 145 -31.63 -17.13 -26.91
N CYS C 146 -31.39 -17.85 -25.82
CA CYS C 146 -31.89 -17.43 -24.51
C CYS C 146 -31.35 -16.08 -24.07
N ASN C 147 -30.12 -15.73 -24.44
CA ASN C 147 -29.55 -14.46 -24.03
C ASN C 147 -28.86 -13.76 -25.18
N SER C 148 -29.23 -14.08 -26.43
CA SER C 148 -28.59 -13.46 -27.58
C SER C 148 -28.90 -11.96 -27.66
N ILE C 149 -30.14 -11.57 -27.34
CA ILE C 149 -30.48 -10.15 -27.33
C ILE C 149 -29.81 -9.48 -26.14
N SER C 150 -29.68 -10.22 -25.04
CA SER C 150 -29.00 -9.70 -23.86
C SER C 150 -27.57 -9.29 -24.19
N VAL C 151 -26.85 -10.14 -24.93
CA VAL C 151 -25.48 -9.79 -25.29
C VAL C 151 -25.45 -8.65 -26.29
N ALA C 152 -26.38 -8.66 -27.24
CA ALA C 152 -26.39 -7.61 -28.26
C ALA C 152 -26.47 -6.23 -27.62
N GLU C 153 -27.24 -6.11 -26.54
CA GLU C 153 -27.29 -4.85 -25.80
C GLU C 153 -25.95 -4.53 -25.17
N HIS C 154 -25.32 -5.55 -24.56
CA HIS C 154 -24.01 -5.37 -23.96
C HIS C 154 -22.99 -4.91 -25.00
N VAL C 155 -23.07 -5.44 -26.22
CA VAL C 155 -22.10 -5.08 -27.25
C VAL C 155 -22.23 -3.60 -27.60
N VAL C 156 -23.45 -3.16 -27.93
CA VAL C 156 -23.64 -1.77 -28.31
C VAL C 156 -23.21 -0.85 -27.17
N MET C 157 -23.52 -1.24 -25.94
CA MET C 157 -23.07 -0.48 -24.78
C MET C 157 -21.55 -0.31 -24.78
N MET C 158 -20.83 -1.39 -25.09
CA MET C 158 -19.38 -1.35 -25.02
C MET C 158 -18.77 -0.69 -26.24
N ILE C 159 -19.39 -0.85 -27.42
CA ILE C 159 -18.99 -0.06 -28.57
C ILE C 159 -19.03 1.42 -28.22
N LEU C 160 -20.19 1.88 -27.75
CA LEU C 160 -20.34 3.27 -27.34
C LEU C 160 -19.37 3.64 -26.22
N GLY C 161 -19.25 2.77 -25.22
CA GLY C 161 -18.39 3.08 -24.10
C GLY C 161 -16.94 3.31 -24.51
N LEU C 162 -16.46 2.54 -25.48
CA LEU C 162 -15.08 2.67 -25.92
C LEU C 162 -14.88 3.91 -26.79
N VAL C 163 -15.75 4.11 -27.76
CA VAL C 163 -15.56 5.23 -28.68
C VAL C 163 -15.66 6.54 -27.92
N ARG C 164 -16.60 6.64 -26.97
CA ARG C 164 -16.82 7.85 -26.21
C ARG C 164 -15.99 7.95 -24.93
N ASN C 165 -15.25 6.89 -24.58
CA ASN C 165 -14.30 6.90 -23.45
C ASN C 165 -14.99 6.90 -22.09
N TYR C 166 -16.07 6.13 -21.98
CA TYR C 166 -16.90 6.11 -20.78
C TYR C 166 -16.12 5.76 -19.52
N ILE C 167 -15.36 4.67 -19.52
CA ILE C 167 -14.77 4.18 -18.28
C ILE C 167 -13.77 5.16 -17.68
N PRO C 168 -12.74 5.63 -18.39
CA PRO C 168 -11.82 6.58 -17.76
C PRO C 168 -12.50 7.86 -17.32
N SER C 169 -13.55 8.28 -18.03
CA SER C 169 -14.26 9.49 -17.65
C SER C 169 -15.04 9.28 -16.36
N HIS C 170 -15.75 8.17 -16.25
CA HIS C 170 -16.45 7.89 -15.00
C HIS C 170 -15.47 7.73 -13.86
N ASP C 171 -14.29 7.23 -14.17
CA ASP C 171 -13.24 7.11 -13.13
C ASP C 171 -12.91 8.54 -12.70
N TRP C 172 -12.84 9.52 -13.58
CA TRP C 172 -12.55 10.87 -13.09
C TRP C 172 -13.64 11.39 -12.17
N ALA C 173 -14.90 11.08 -12.47
CA ALA C 173 -16.04 11.50 -11.63
C ALA C 173 -15.89 10.85 -10.24
N ARG C 174 -15.94 9.53 -10.16
CA ARG C 174 -15.87 8.89 -8.83
C ARG C 174 -14.66 9.39 -8.03
N LYS C 175 -13.55 9.73 -8.68
CA LYS C 175 -12.31 10.06 -7.94
C LYS C 175 -12.27 11.49 -7.40
N GLY C 176 -13.22 12.34 -7.76
CA GLY C 176 -13.25 13.70 -7.21
C GLY C 176 -12.78 14.72 -8.22
N GLY C 177 -12.62 14.32 -9.47
CA GLY C 177 -12.08 15.23 -10.49
C GLY C 177 -13.03 15.52 -11.65
N TRP C 178 -12.80 16.64 -12.36
CA TRP C 178 -13.62 17.08 -13.51
C TRP C 178 -12.82 16.69 -14.75
N ASN C 179 -11.79 17.44 -15.11
CA ASN C 179 -10.81 17.02 -16.11
C ASN C 179 -11.47 16.72 -17.46
N ILE C 180 -12.15 17.73 -18.01
CA ILE C 180 -12.82 17.54 -19.29
C ILE C 180 -11.82 17.10 -20.34
N ALA C 181 -10.75 17.88 -20.52
CA ALA C 181 -9.79 17.62 -21.59
C ALA C 181 -9.15 16.24 -21.45
N ASP C 182 -8.91 15.78 -20.23
CA ASP C 182 -8.34 14.44 -20.06
C ASP C 182 -9.31 13.38 -20.57
N CYS C 183 -10.61 13.59 -20.36
CA CYS C 183 -11.59 12.61 -20.83
C CYS C 183 -11.73 12.64 -22.34
N VAL C 184 -11.91 13.83 -22.92
CA VAL C 184 -12.35 13.90 -24.31
C VAL C 184 -11.21 13.91 -25.31
N GLU C 185 -9.96 13.95 -24.85
CA GLU C 185 -8.87 13.75 -25.80
C GLU C 185 -8.85 12.34 -26.38
N HIS C 186 -9.69 11.44 -25.87
CA HIS C 186 -9.83 10.09 -26.41
C HIS C 186 -11.30 9.75 -26.59
N SER C 187 -12.12 10.78 -26.82
CA SER C 187 -13.57 10.64 -26.93
C SER C 187 -14.00 11.09 -28.32
N TYR C 188 -14.72 10.21 -29.02
CA TYR C 188 -15.23 10.49 -30.35
C TYR C 188 -16.72 10.14 -30.40
N ASP C 189 -17.41 10.76 -31.35
CA ASP C 189 -18.75 10.28 -31.68
C ASP C 189 -18.66 8.99 -32.50
N LEU C 190 -19.68 8.15 -32.36
CA LEU C 190 -19.80 6.98 -33.20
C LEU C 190 -20.42 7.31 -34.55
N GLU C 191 -21.24 8.36 -34.60
CA GLU C 191 -21.95 8.75 -35.82
C GLU C 191 -21.01 8.84 -37.01
N GLY C 192 -21.38 8.14 -38.08
CA GLY C 192 -20.63 8.19 -39.33
C GLY C 192 -19.52 7.19 -39.43
N MET C 193 -19.15 6.54 -38.34
CA MET C 193 -18.10 5.55 -38.36
C MET C 193 -18.58 4.28 -39.05
N THR C 194 -17.62 3.41 -39.37
CA THR C 194 -17.91 2.11 -39.95
C THR C 194 -17.74 1.06 -38.87
N VAL C 195 -18.75 0.21 -38.72
CA VAL C 195 -18.77 -0.89 -37.75
C VAL C 195 -18.86 -2.19 -38.53
N GLY C 196 -18.07 -3.17 -38.15
CA GLY C 196 -18.11 -4.48 -38.79
C GLY C 196 -18.33 -5.60 -37.81
N SER C 197 -19.23 -6.53 -38.16
CA SER C 197 -19.52 -7.68 -37.32
C SER C 197 -18.97 -8.95 -37.95
N VAL C 198 -18.18 -9.69 -37.19
CA VAL C 198 -17.81 -11.06 -37.54
C VAL C 198 -18.95 -11.94 -37.01
N GLY C 199 -19.84 -12.35 -37.90
CA GLY C 199 -21.01 -13.09 -37.51
C GLY C 199 -22.25 -12.23 -37.44
N ALA C 200 -23.28 -12.59 -38.19
CA ALA C 200 -24.58 -11.94 -38.14
C ALA C 200 -25.66 -12.93 -37.71
N GLY C 201 -25.33 -13.76 -36.73
CA GLY C 201 -26.26 -14.73 -36.19
C GLY C 201 -27.29 -14.11 -35.27
N ARG C 202 -27.66 -14.82 -34.21
CA ARG C 202 -28.67 -14.29 -33.30
C ARG C 202 -28.16 -13.05 -32.55
N ILE C 203 -26.91 -13.08 -32.08
CA ILE C 203 -26.34 -11.90 -31.45
C ILE C 203 -25.94 -10.87 -32.50
N GLY C 204 -25.20 -11.30 -33.52
CA GLY C 204 -24.65 -10.35 -34.47
C GLY C 204 -25.72 -9.51 -35.13
N LEU C 205 -26.78 -10.15 -35.62
CA LEU C 205 -27.82 -9.40 -36.33
C LEU C 205 -28.59 -8.49 -35.38
N ALA C 206 -28.76 -8.90 -34.12
CA ALA C 206 -29.35 -8.00 -33.14
C ALA C 206 -28.46 -6.79 -32.91
N VAL C 207 -27.14 -7.00 -32.89
CA VAL C 207 -26.20 -5.90 -32.77
C VAL C 207 -26.35 -4.95 -33.96
N LEU C 208 -26.50 -5.50 -35.16
CA LEU C 208 -26.54 -4.68 -36.36
C LEU C 208 -27.82 -3.87 -36.44
N ARG C 209 -28.95 -4.47 -36.07
CA ARG C 209 -30.21 -3.73 -36.06
C ARG C 209 -30.15 -2.57 -35.07
N ARG C 210 -29.48 -2.77 -33.93
CA ARG C 210 -29.43 -1.72 -32.91
C ARG C 210 -28.48 -0.60 -33.28
N LEU C 211 -27.49 -0.87 -34.13
CA LEU C 211 -26.56 0.15 -34.57
C LEU C 211 -27.10 0.97 -35.74
N ALA C 212 -28.03 0.43 -36.52
CA ALA C 212 -28.53 1.11 -37.71
C ALA C 212 -28.90 2.56 -37.45
N PRO C 213 -29.76 2.88 -36.47
CA PRO C 213 -30.16 4.29 -36.28
C PRO C 213 -29.04 5.18 -35.78
N PHE C 214 -27.84 4.65 -35.54
CA PHE C 214 -26.71 5.49 -35.17
C PHE C 214 -26.03 6.11 -36.37
N ASP C 215 -26.54 5.86 -37.58
CA ASP C 215 -25.97 6.39 -38.81
C ASP C 215 -24.49 6.00 -38.93
N VAL C 216 -24.24 4.71 -38.75
CA VAL C 216 -22.95 4.11 -39.01
C VAL C 216 -23.09 3.28 -40.29
N LYS C 217 -21.96 3.04 -40.94
CA LYS C 217 -21.90 2.11 -42.05
C LYS C 217 -21.69 0.71 -41.49
N LEU C 218 -22.51 -0.25 -41.92
CA LEU C 218 -22.62 -1.55 -41.26
C LEU C 218 -22.08 -2.65 -42.17
N HIS C 219 -20.99 -3.30 -41.74
CA HIS C 219 -20.38 -4.41 -42.46
C HIS C 219 -20.48 -5.71 -41.67
N TYR C 220 -20.37 -6.84 -42.38
CA TYR C 220 -20.43 -8.13 -41.72
C TYR C 220 -19.77 -9.20 -42.57
N THR C 221 -19.48 -10.34 -41.93
CA THR C 221 -18.95 -11.51 -42.60
C THR C 221 -19.38 -12.75 -41.84
N GLN C 222 -19.36 -13.87 -42.55
CA GLN C 222 -19.55 -15.20 -41.97
C GLN C 222 -19.42 -16.20 -43.11
N ARG C 223 -19.63 -17.48 -42.83
CA ARG C 223 -19.41 -18.48 -43.87
C ARG C 223 -20.51 -18.41 -44.94
N HIS C 224 -21.77 -18.21 -44.54
CA HIS C 224 -22.88 -18.14 -45.48
C HIS C 224 -23.56 -16.78 -45.41
N ARG C 225 -23.59 -16.09 -46.54
CA ARG C 225 -24.13 -14.75 -46.68
C ARG C 225 -25.62 -14.72 -46.35
N LEU C 226 -26.09 -13.55 -45.96
CA LEU C 226 -27.49 -13.33 -45.59
C LEU C 226 -28.38 -13.11 -46.81
N PRO C 227 -29.70 -13.22 -46.62
CA PRO C 227 -30.63 -12.85 -47.70
C PRO C 227 -30.40 -11.39 -48.09
N GLU C 228 -30.38 -11.13 -49.40
CA GLU C 228 -30.31 -9.75 -49.88
C GLU C 228 -31.30 -8.84 -49.16
N ALA C 229 -32.50 -9.35 -48.84
CA ALA C 229 -33.54 -8.55 -48.18
C ALA C 229 -33.04 -7.95 -46.87
N VAL C 230 -32.54 -8.80 -45.96
CA VAL C 230 -32.03 -8.29 -44.69
C VAL C 230 -30.93 -7.29 -44.93
N GLU C 231 -30.03 -7.60 -45.88
CA GLU C 231 -28.93 -6.72 -46.20
C GLU C 231 -29.44 -5.34 -46.62
N LYS C 232 -30.57 -5.30 -47.34
CA LYS C 232 -31.04 -4.02 -47.87
C LYS C 232 -31.81 -3.28 -46.80
N GLU C 233 -32.41 -4.02 -45.88
CA GLU C 233 -33.18 -3.37 -44.83
C GLU C 233 -32.25 -2.60 -43.91
N LEU C 234 -31.08 -3.15 -43.65
CA LEU C 234 -30.12 -2.55 -42.74
C LEU C 234 -28.95 -1.88 -43.46
N GLY C 235 -28.90 -1.97 -44.79
CA GLY C 235 -27.81 -1.38 -45.53
C GLY C 235 -26.49 -2.06 -45.25
N LEU C 236 -26.49 -3.39 -45.18
CA LEU C 236 -25.32 -4.16 -44.82
C LEU C 236 -24.36 -4.27 -46.01
N VAL C 237 -23.07 -4.33 -45.70
CA VAL C 237 -22.05 -4.58 -46.70
C VAL C 237 -21.38 -5.91 -46.37
N TRP C 238 -21.45 -6.85 -47.30
CA TRP C 238 -20.97 -8.21 -47.10
C TRP C 238 -19.51 -8.32 -47.50
N HIS C 239 -18.80 -9.21 -46.82
CA HIS C 239 -17.39 -9.49 -47.10
C HIS C 239 -17.17 -10.99 -47.06
N ASP C 240 -16.43 -11.50 -48.05
CA ASP C 240 -16.19 -12.93 -48.15
C ASP C 240 -15.47 -13.47 -46.91
N THR C 241 -14.46 -12.74 -46.47
CA THR C 241 -13.57 -13.20 -45.41
C THR C 241 -13.48 -12.10 -44.36
N ARG C 242 -12.98 -12.49 -43.19
CA ARG C 242 -12.76 -11.51 -42.14
C ARG C 242 -11.72 -10.47 -42.58
N GLU C 243 -10.60 -10.95 -43.13
CA GLU C 243 -9.51 -10.05 -43.50
C GLU C 243 -9.95 -9.03 -44.55
N ASP C 244 -10.94 -9.39 -45.38
CA ASP C 244 -11.45 -8.45 -46.37
C ASP C 244 -12.18 -7.28 -45.71
N MET C 245 -12.71 -7.49 -44.51
CA MET C 245 -13.55 -6.52 -43.83
C MET C 245 -12.76 -5.61 -42.90
N TYR C 246 -11.81 -6.18 -42.16
CA TYR C 246 -11.14 -5.42 -41.10
C TYR C 246 -10.62 -4.05 -41.53
N PRO C 247 -9.99 -3.89 -42.69
CA PRO C 247 -9.40 -2.56 -43.01
C PRO C 247 -10.43 -1.46 -43.17
N HIS C 248 -11.70 -1.79 -43.34
CA HIS C 248 -12.73 -0.79 -43.51
C HIS C 248 -13.27 -0.24 -42.20
N CYS C 249 -13.07 -0.96 -41.10
CA CYS C 249 -13.87 -0.82 -39.91
C CYS C 249 -13.19 0.08 -38.89
N ASP C 250 -13.94 1.08 -38.39
CA ASP C 250 -13.51 1.83 -37.23
C ASP C 250 -13.71 1.04 -35.95
N VAL C 251 -14.72 0.16 -35.94
CA VAL C 251 -15.10 -0.69 -34.82
C VAL C 251 -15.35 -2.10 -35.36
N VAL C 252 -14.87 -3.12 -34.66
CA VAL C 252 -15.18 -4.51 -35.04
C VAL C 252 -15.67 -5.25 -33.80
N THR C 253 -16.80 -5.95 -33.94
CA THR C 253 -17.37 -6.75 -32.87
C THR C 253 -17.43 -8.21 -33.30
N LEU C 254 -17.02 -9.11 -32.42
CA LEU C 254 -16.93 -10.53 -32.73
C LEU C 254 -18.13 -11.25 -32.14
N ASN C 255 -18.81 -12.04 -32.97
CA ASN C 255 -20.08 -12.63 -32.60
C ASN C 255 -20.22 -14.03 -33.20
N VAL C 256 -19.19 -14.84 -33.02
CA VAL C 256 -19.16 -16.21 -33.55
C VAL C 256 -18.82 -17.14 -32.39
N PRO C 257 -19.18 -18.41 -32.51
CA PRO C 257 -18.80 -19.38 -31.47
C PRO C 257 -17.31 -19.69 -31.56
N LEU C 258 -16.81 -20.33 -30.52
CA LEU C 258 -15.41 -20.74 -30.46
C LEU C 258 -15.30 -22.21 -30.86
N HIS C 259 -14.63 -22.42 -31.99
CA HIS C 259 -14.24 -23.79 -32.42
C HIS C 259 -12.91 -23.56 -33.16
N PRO C 260 -12.10 -24.60 -33.46
CA PRO C 260 -10.79 -24.37 -34.08
C PRO C 260 -10.79 -23.32 -35.20
N GLU C 261 -11.81 -23.35 -36.06
CA GLU C 261 -11.86 -22.45 -37.23
C GLU C 261 -11.89 -20.99 -36.79
N THR C 262 -12.26 -20.74 -35.54
CA THR C 262 -12.31 -19.37 -35.04
C THR C 262 -11.31 -19.08 -33.93
N GLU C 263 -10.63 -20.07 -33.39
CA GLU C 263 -9.72 -19.81 -32.28
C GLU C 263 -8.56 -18.93 -32.75
N HIS C 264 -8.23 -17.93 -31.94
CA HIS C 264 -7.15 -16.99 -32.20
C HIS C 264 -7.25 -16.36 -33.58
N MET C 265 -8.48 -16.09 -34.02
CA MET C 265 -8.68 -15.37 -35.28
C MET C 265 -8.22 -13.92 -35.19
N ILE C 266 -8.08 -13.38 -33.99
CA ILE C 266 -7.48 -12.07 -33.77
C ILE C 266 -6.11 -12.30 -33.14
N ASN C 267 -5.06 -11.94 -33.86
CA ASN C 267 -3.68 -12.19 -33.44
C ASN C 267 -2.83 -11.05 -33.98
N ASP C 268 -1.52 -11.10 -33.67
CA ASP C 268 -0.64 -10.03 -34.11
C ASP C 268 -0.67 -9.86 -35.63
N GLU C 269 -0.90 -10.95 -36.38
CA GLU C 269 -0.91 -10.87 -37.83
C GLU C 269 -2.17 -10.14 -38.31
N THR C 270 -3.35 -10.66 -37.95
CA THR C 270 -4.59 -10.03 -38.37
C THR C 270 -4.72 -8.62 -37.82
N LEU C 271 -4.17 -8.34 -36.63
CA LEU C 271 -4.32 -7.02 -36.04
C LEU C 271 -3.66 -5.95 -36.89
N LYS C 272 -2.68 -6.31 -37.72
CA LYS C 272 -2.08 -5.34 -38.62
C LYS C 272 -3.05 -4.87 -39.71
N LEU C 273 -4.13 -5.61 -39.95
CA LEU C 273 -5.08 -5.26 -40.99
C LEU C 273 -6.03 -4.15 -40.57
N PHE C 274 -6.04 -3.78 -39.30
CA PHE C 274 -6.97 -2.81 -38.74
C PHE C 274 -6.45 -1.40 -38.92
N LYS C 275 -7.37 -0.45 -39.00
CA LYS C 275 -6.98 0.95 -39.00
C LYS C 275 -6.30 1.29 -37.68
N ARG C 276 -5.48 2.32 -37.69
CA ARG C 276 -4.92 2.80 -36.43
C ARG C 276 -6.02 3.39 -35.58
N GLY C 277 -6.08 3.00 -34.31
CA GLY C 277 -7.16 3.43 -33.46
C GLY C 277 -8.48 2.74 -33.70
N ALA C 278 -8.45 1.50 -34.17
CA ALA C 278 -9.68 0.72 -34.30
C ALA C 278 -10.13 0.24 -32.93
N TYR C 279 -11.41 -0.07 -32.82
CA TYR C 279 -11.97 -0.58 -31.58
C TYR C 279 -12.46 -2.01 -31.78
N ILE C 280 -12.21 -2.85 -30.78
CA ILE C 280 -12.71 -4.23 -30.79
C ILE C 280 -13.60 -4.43 -29.56
N VAL C 281 -14.78 -4.98 -29.79
CA VAL C 281 -15.66 -5.46 -28.74
C VAL C 281 -15.84 -6.96 -28.97
N ASN C 282 -15.51 -7.76 -27.97
CA ASN C 282 -15.61 -9.22 -28.09
C ASN C 282 -16.42 -9.78 -26.93
N THR C 283 -17.68 -10.09 -27.21
CA THR C 283 -18.58 -10.70 -26.24
C THR C 283 -18.84 -12.16 -26.56
N ALA C 284 -18.04 -12.78 -27.42
CA ALA C 284 -18.31 -14.14 -27.91
C ALA C 284 -17.58 -15.20 -27.07
N ARG C 285 -16.27 -15.23 -27.18
CA ARG C 285 -15.42 -16.11 -26.38
C ARG C 285 -14.02 -15.51 -26.35
N GLY C 286 -13.33 -15.71 -25.23
CA GLY C 286 -12.04 -15.07 -25.07
C GLY C 286 -11.01 -15.55 -26.06
N LYS C 287 -11.01 -16.85 -26.37
CA LYS C 287 -9.98 -17.45 -27.21
C LYS C 287 -10.13 -17.06 -28.68
N LEU C 288 -11.16 -16.30 -29.05
CA LEU C 288 -11.18 -15.68 -30.37
C LEU C 288 -10.03 -14.69 -30.53
N ALA C 289 -9.43 -14.25 -29.43
CA ALA C 289 -8.38 -13.25 -29.45
C ALA C 289 -7.17 -13.78 -28.69
N ASP C 290 -6.00 -13.73 -29.34
CA ASP C 290 -4.76 -14.02 -28.64
C ASP C 290 -4.62 -13.00 -27.52
N ARG C 291 -4.59 -13.46 -26.28
CA ARG C 291 -4.64 -12.53 -25.16
C ARG C 291 -3.59 -11.44 -25.29
N ASP C 292 -2.33 -11.84 -25.47
CA ASP C 292 -1.22 -10.88 -25.48
C ASP C 292 -1.15 -10.06 -26.76
N ALA C 293 -1.69 -10.56 -27.87
CA ALA C 293 -1.74 -9.73 -29.08
C ALA C 293 -2.60 -8.50 -28.85
N ILE C 294 -3.70 -8.66 -28.11
CA ILE C 294 -4.55 -7.52 -27.77
C ILE C 294 -3.78 -6.50 -26.94
N VAL C 295 -3.11 -6.96 -25.88
CA VAL C 295 -2.35 -6.04 -25.05
C VAL C 295 -1.30 -5.31 -25.88
N ARG C 296 -0.52 -6.06 -26.66
CA ARG C 296 0.48 -5.43 -27.52
C ARG C 296 -0.16 -4.45 -28.47
N ALA C 297 -1.32 -4.81 -29.05
CA ALA C 297 -1.98 -3.91 -29.98
C ALA C 297 -2.55 -2.69 -29.28
N ILE C 298 -2.94 -2.83 -28.02
CA ILE C 298 -3.37 -1.67 -27.24
C ILE C 298 -2.18 -0.75 -26.96
N GLU C 299 -1.08 -1.33 -26.46
CA GLU C 299 0.06 -0.53 -26.07
C GLU C 299 0.69 0.18 -27.25
N SER C 300 0.61 -0.40 -28.44
CA SER C 300 1.23 0.21 -29.59
C SER C 300 0.38 1.31 -30.20
N GLY C 301 -0.89 1.39 -29.83
CA GLY C 301 -1.79 2.34 -30.42
C GLY C 301 -2.52 1.81 -31.63
N GLN C 302 -2.20 0.59 -32.07
CA GLN C 302 -2.97 -0.05 -33.13
C GLN C 302 -4.44 -0.07 -32.79
N LEU C 303 -4.76 -0.35 -31.53
CA LEU C 303 -6.12 -0.35 -31.03
C LEU C 303 -6.33 0.86 -30.12
N ALA C 304 -7.43 1.56 -30.32
CA ALA C 304 -7.84 2.64 -29.42
C ALA C 304 -8.75 2.15 -28.32
N GLY C 305 -9.13 0.88 -28.33
CA GLY C 305 -9.96 0.32 -27.29
C GLY C 305 -10.23 -1.15 -27.48
N TYR C 306 -10.32 -1.88 -26.39
CA TYR C 306 -10.78 -3.26 -26.40
C TYR C 306 -11.76 -3.46 -25.25
N ALA C 307 -12.88 -4.11 -25.54
CA ALA C 307 -13.88 -4.36 -24.50
C ALA C 307 -14.58 -5.69 -24.77
N GLY C 308 -14.94 -6.37 -23.70
CA GLY C 308 -15.73 -7.57 -23.81
C GLY C 308 -16.05 -8.06 -22.42
N ASP C 309 -16.80 -9.16 -22.35
CA ASP C 309 -17.17 -9.74 -21.05
C ASP C 309 -16.60 -11.15 -20.99
N VAL C 310 -16.06 -11.63 -22.09
CA VAL C 310 -15.59 -13.03 -22.14
C VAL C 310 -14.06 -13.08 -22.02
N TRP C 311 -13.58 -13.99 -21.19
CA TRP C 311 -12.12 -14.11 -20.98
C TRP C 311 -11.74 -15.59 -21.02
N PHE C 312 -10.44 -15.89 -20.98
CA PHE C 312 -9.99 -17.29 -20.84
C PHE C 312 -8.78 -17.28 -19.90
N PRO C 313 -8.57 -18.27 -19.02
CA PRO C 313 -9.64 -19.11 -18.50
C PRO C 313 -10.70 -18.37 -17.68
N GLN C 314 -11.82 -19.02 -17.38
CA GLN C 314 -12.84 -18.41 -16.49
C GLN C 314 -13.03 -19.33 -15.28
N PRO C 315 -12.92 -18.88 -14.03
CA PRO C 315 -12.67 -17.48 -13.69
C PRO C 315 -11.33 -16.90 -14.14
N ALA C 316 -11.34 -15.68 -14.68
CA ALA C 316 -10.10 -15.09 -15.20
C ALA C 316 -9.10 -14.83 -14.08
N PRO C 317 -7.81 -15.14 -14.31
CA PRO C 317 -6.77 -14.94 -13.31
C PRO C 317 -6.79 -13.50 -12.76
N LYS C 318 -6.26 -13.32 -11.55
CA LYS C 318 -6.33 -12.00 -10.88
C LYS C 318 -5.43 -11.02 -11.64
N ASP C 319 -4.41 -11.55 -12.30
CA ASP C 319 -3.42 -10.69 -12.98
C ASP C 319 -3.66 -10.63 -14.48
N HIS C 320 -4.82 -11.08 -14.94
CA HIS C 320 -5.13 -11.09 -16.39
C HIS C 320 -4.83 -9.71 -16.95
N PRO C 321 -3.99 -9.60 -18.00
CA PRO C 321 -3.56 -8.31 -18.52
C PRO C 321 -4.69 -7.41 -19.06
N TRP C 322 -5.80 -8.01 -19.47
CA TRP C 322 -6.93 -7.24 -20.03
C TRP C 322 -7.60 -6.40 -18.94
N ARG C 323 -7.49 -6.82 -17.66
CA ARG C 323 -8.21 -6.13 -16.57
C ARG C 323 -7.61 -4.74 -16.30
N THR C 324 -6.34 -4.54 -16.62
CA THR C 324 -5.68 -3.28 -16.21
C THR C 324 -5.02 -2.58 -17.39
N MET C 325 -5.34 -3.04 -18.59
CA MET C 325 -4.70 -2.45 -19.78
C MET C 325 -5.35 -1.11 -20.09
N LYS C 326 -4.70 -0.32 -20.92
CA LYS C 326 -5.23 1.01 -21.27
C LYS C 326 -6.42 0.84 -22.21
N TRP C 327 -7.34 1.79 -22.19
CA TRP C 327 -8.49 1.76 -23.13
C TRP C 327 -9.21 0.41 -23.05
N GLU C 328 -9.44 -0.05 -21.82
CA GLU C 328 -10.15 -1.31 -21.52
C GLU C 328 -11.56 -0.98 -21.02
N GLY C 329 -12.56 -1.74 -21.46
CA GLY C 329 -13.94 -1.56 -20.98
C GLY C 329 -14.48 -2.92 -20.59
N MET C 330 -13.68 -3.71 -19.88
CA MET C 330 -14.04 -5.11 -19.57
C MET C 330 -15.03 -5.23 -18.42
N THR C 331 -15.82 -6.31 -18.42
CA THR C 331 -16.70 -6.66 -17.30
C THR C 331 -16.51 -8.17 -17.17
N PRO C 332 -16.82 -8.82 -16.04
CA PRO C 332 -16.74 -10.27 -16.00
C PRO C 332 -17.83 -10.84 -16.92
N HIS C 333 -17.88 -12.16 -17.09
CA HIS C 333 -18.85 -12.76 -18.05
C HIS C 333 -20.25 -12.60 -17.46
N ILE C 334 -20.92 -11.50 -17.78
CA ILE C 334 -22.24 -11.19 -17.16
C ILE C 334 -23.31 -10.87 -18.22
N SER C 335 -22.92 -10.61 -19.47
CA SER C 335 -23.91 -10.16 -20.47
C SER C 335 -25.06 -11.14 -20.56
N GLY C 336 -24.75 -12.43 -20.58
CA GLY C 336 -25.73 -13.46 -20.80
C GLY C 336 -26.40 -13.97 -19.54
N THR C 337 -26.07 -13.41 -18.39
CA THR C 337 -26.63 -13.85 -17.13
C THR C 337 -27.32 -12.71 -16.38
N SER C 338 -27.66 -11.63 -17.08
CA SER C 338 -28.58 -10.65 -16.54
C SER C 338 -29.82 -11.35 -16.01
N LEU C 339 -30.48 -10.75 -15.02
CA LEU C 339 -31.60 -11.43 -14.38
C LEU C 339 -32.71 -11.73 -15.38
N SER C 340 -32.84 -10.90 -16.42
CA SER C 340 -33.83 -11.19 -17.46
C SER C 340 -33.46 -12.43 -18.25
N ALA C 341 -32.17 -12.60 -18.53
CA ALA C 341 -31.72 -13.75 -19.30
C ALA C 341 -31.82 -15.02 -18.49
N GLN C 342 -31.49 -14.95 -17.21
CA GLN C 342 -31.57 -16.11 -16.33
C GLN C 342 -32.97 -16.70 -16.31
N ALA C 343 -33.99 -15.86 -16.32
CA ALA C 343 -35.35 -16.37 -16.32
C ALA C 343 -35.55 -17.31 -17.50
N ARG C 344 -35.04 -16.93 -18.66
CA ARG C 344 -35.26 -17.66 -19.92
C ARG C 344 -34.39 -18.91 -19.92
N TYR C 345 -33.10 -18.82 -19.65
CA TYR C 345 -32.20 -19.99 -19.75
C TYR C 345 -32.46 -20.95 -18.61
N ALA C 346 -33.07 -20.57 -17.50
CA ALA C 346 -33.41 -21.49 -16.42
C ALA C 346 -34.61 -22.32 -16.83
N ALA C 347 -35.54 -21.75 -17.60
CA ALA C 347 -36.68 -22.50 -18.15
C ALA C 347 -36.23 -23.45 -19.24
N GLY C 348 -35.37 -22.99 -20.15
CA GLY C 348 -34.82 -23.89 -21.14
C GLY C 348 -34.10 -25.07 -20.54
N THR C 349 -33.33 -24.82 -19.47
CA THR C 349 -32.65 -25.93 -18.78
C THR C 349 -33.67 -26.96 -18.31
N ARG C 350 -34.76 -26.50 -17.69
CA ARG C 350 -35.78 -27.45 -17.25
C ARG C 350 -36.45 -28.09 -18.45
N GLU C 351 -36.71 -27.30 -19.49
CA GLU C 351 -37.30 -27.85 -20.70
C GLU C 351 -36.44 -28.98 -21.26
N ILE C 352 -35.12 -28.78 -21.32
CA ILE C 352 -34.26 -29.80 -21.88
C ILE C 352 -34.26 -31.04 -20.99
N LEU C 353 -34.16 -30.85 -19.68
CA LEU C 353 -34.15 -31.99 -18.78
C LEU C 353 -35.43 -32.79 -18.89
N GLU C 354 -36.58 -32.11 -19.00
CA GLU C 354 -37.83 -32.81 -19.16
C GLU C 354 -37.78 -33.68 -20.42
N CYS C 355 -37.42 -33.10 -21.56
CA CYS C 355 -37.34 -33.92 -22.77
C CYS C 355 -36.36 -35.08 -22.59
N PHE C 356 -35.19 -34.82 -22.00
CA PHE C 356 -34.19 -35.87 -21.84
C PHE C 356 -34.73 -37.03 -21.02
N PHE C 357 -35.30 -36.75 -19.85
CA PHE C 357 -35.72 -37.83 -18.96
C PHE C 357 -37.01 -38.49 -19.40
N GLU C 358 -37.88 -37.79 -20.13
CA GLU C 358 -39.12 -38.39 -20.61
C GLU C 358 -38.97 -39.04 -21.98
N GLY C 359 -37.79 -39.02 -22.57
CA GLY C 359 -37.61 -39.62 -23.87
C GLY C 359 -38.29 -38.88 -25.00
N ARG C 360 -38.56 -37.64 -24.82
CA ARG C 360 -39.02 -36.82 -25.92
C ARG C 360 -37.85 -36.05 -26.52
N PRO C 361 -37.93 -35.73 -27.81
CA PRO C 361 -36.81 -35.00 -28.45
C PRO C 361 -36.57 -33.65 -27.81
N ILE C 362 -35.29 -33.35 -27.58
CA ILE C 362 -34.87 -31.99 -27.31
C ILE C 362 -35.05 -31.18 -28.59
N ARG C 363 -35.51 -29.93 -28.45
CA ARG C 363 -35.73 -29.09 -29.62
C ARG C 363 -34.50 -29.13 -30.51
N ASP C 364 -34.72 -29.18 -31.82
CA ASP C 364 -33.57 -29.24 -32.72
C ASP C 364 -32.64 -28.06 -32.46
N GLU C 365 -33.20 -26.87 -32.27
CA GLU C 365 -32.39 -25.66 -32.05
C GLU C 365 -31.55 -25.72 -30.78
N TYR C 366 -31.90 -26.59 -29.82
CA TYR C 366 -31.10 -26.72 -28.60
C TYR C 366 -29.89 -27.64 -28.75
N LEU C 367 -29.91 -28.51 -29.74
CA LEU C 367 -28.95 -29.60 -29.80
C LEU C 367 -27.63 -29.13 -30.38
N ILE C 368 -26.54 -29.64 -29.82
CA ILE C 368 -25.20 -29.47 -30.39
C ILE C 368 -24.66 -30.80 -30.88
N VAL C 369 -24.69 -31.81 -30.02
CA VAL C 369 -24.26 -33.16 -30.35
C VAL C 369 -25.38 -34.10 -29.88
N GLN C 370 -25.71 -35.08 -30.70
CA GLN C 370 -26.63 -36.11 -30.26
C GLN C 370 -26.39 -37.38 -31.05
N GLY C 371 -26.45 -38.51 -30.35
CA GLY C 371 -26.27 -39.80 -30.99
C GLY C 371 -24.94 -39.87 -31.71
N GLY C 372 -23.90 -39.28 -31.14
CA GLY C 372 -22.57 -39.42 -31.70
C GLY C 372 -22.27 -38.55 -32.89
N ALA C 373 -23.02 -37.47 -33.11
CA ALA C 373 -22.71 -36.58 -34.22
C ALA C 373 -23.28 -35.20 -33.95
N LEU C 374 -22.81 -34.22 -34.73
CA LEU C 374 -23.33 -32.87 -34.62
C LEU C 374 -24.80 -32.89 -35.03
N ALA C 375 -25.57 -31.98 -34.44
CA ALA C 375 -27.02 -32.01 -34.58
C ALA C 375 -27.55 -30.59 -34.50
N GLY C 376 -28.70 -30.37 -35.15
CA GLY C 376 -29.41 -29.09 -35.06
C GLY C 376 -28.48 -27.90 -35.16
N THR C 377 -28.48 -27.07 -34.11
CA THR C 377 -27.46 -26.04 -33.96
C THR C 377 -26.15 -26.76 -33.65
N GLY C 378 -25.10 -26.49 -34.41
CA GLY C 378 -23.87 -27.23 -34.24
C GLY C 378 -23.64 -28.21 -35.37
N ALA C 379 -24.70 -28.66 -36.05
CA ALA C 379 -24.52 -29.15 -37.40
C ALA C 379 -24.04 -27.98 -38.27
N LYS C 380 -24.47 -26.78 -37.89
CA LYS C 380 -24.06 -25.49 -38.42
C LYS C 380 -22.91 -24.90 -37.59
N VAL C 381 -22.35 -25.69 -36.67
CA VAL C 381 -21.35 -25.28 -35.68
C VAL C 381 -20.66 -23.96 -35.99
N SER D 1 28.50 -12.31 -10.71
CA SER D 1 29.73 -11.55 -10.88
C SER D 1 29.45 -10.06 -10.84
N ALA D 2 30.50 -9.26 -10.61
CA ALA D 2 30.37 -7.81 -10.54
C ALA D 2 30.19 -7.25 -11.95
N LYS D 3 29.01 -6.70 -12.23
CA LYS D 3 28.67 -6.21 -13.55
C LYS D 3 28.96 -4.72 -13.68
N ILE D 4 29.68 -4.34 -14.74
CA ILE D 4 29.91 -2.95 -15.10
C ILE D 4 29.05 -2.63 -16.33
N LEU D 5 28.11 -1.71 -16.17
CA LEU D 5 27.20 -1.31 -17.24
C LEU D 5 27.63 0.03 -17.84
N CYS D 6 27.80 0.05 -19.17
CA CYS D 6 28.39 1.18 -19.87
C CYS D 6 27.52 1.64 -21.02
N VAL D 7 27.17 2.93 -21.04
CA VAL D 7 26.31 3.51 -22.06
C VAL D 7 27.16 4.45 -22.93
N LEU D 8 27.28 4.11 -24.21
CA LEU D 8 28.09 4.87 -25.16
C LEU D 8 27.25 5.20 -26.39
N TYR D 9 27.70 6.18 -27.17
CA TYR D 9 26.90 6.57 -28.32
C TYR D 9 27.17 5.65 -29.51
N ASP D 10 26.26 5.71 -30.48
CA ASP D 10 26.34 4.85 -31.66
C ASP D 10 27.66 5.07 -32.39
N ASP D 11 28.05 4.08 -33.19
CA ASP D 11 29.14 4.28 -34.13
C ASP D 11 28.69 5.23 -35.22
N PRO D 12 29.60 5.74 -36.05
CA PRO D 12 29.18 6.57 -37.19
C PRO D 12 28.26 5.79 -38.11
N VAL D 13 27.40 6.52 -38.81
CA VAL D 13 26.47 5.89 -39.74
C VAL D 13 27.22 5.27 -40.91
N ASP D 14 28.30 5.91 -41.37
CA ASP D 14 29.13 5.38 -42.43
C ASP D 14 30.21 4.41 -41.92
N GLY D 15 30.09 3.97 -40.68
CA GLY D 15 30.87 2.86 -40.15
C GLY D 15 31.90 3.31 -39.13
N TYR D 16 32.26 2.40 -38.24
CA TYR D 16 33.34 2.65 -37.30
C TYR D 16 34.65 2.83 -38.08
N PRO D 17 35.40 3.92 -37.79
CA PRO D 17 36.61 4.24 -38.55
C PRO D 17 37.73 3.20 -38.48
N LYS D 18 38.33 2.87 -39.62
CA LYS D 18 39.48 1.96 -39.71
C LYS D 18 40.70 2.82 -40.00
N THR D 19 40.51 4.12 -40.14
CA THR D 19 41.56 5.08 -40.53
C THR D 19 41.15 6.45 -40.02
N TYR D 20 42.04 7.18 -39.37
CA TYR D 20 41.79 8.51 -38.86
C TYR D 20 42.53 9.55 -39.72
N ALA D 21 42.10 10.80 -39.61
CA ALA D 21 42.62 11.83 -40.51
C ALA D 21 44.10 12.11 -40.31
N ARG D 22 44.66 11.71 -39.18
CA ARG D 22 46.02 12.08 -38.78
C ARG D 22 46.68 10.86 -38.18
N ASP D 23 47.92 11.01 -37.73
CA ASP D 23 48.68 9.85 -37.28
C ASP D 23 48.90 9.79 -35.78
N ASP D 24 48.81 10.92 -35.07
CA ASP D 24 48.99 10.92 -33.63
C ASP D 24 48.25 12.11 -33.03
N LEU D 25 48.41 12.27 -31.72
CA LEU D 25 47.88 13.35 -30.89
C LEU D 25 49.02 14.05 -30.15
N PRO D 26 48.99 15.39 -30.04
CA PRO D 26 50.08 16.09 -29.38
C PRO D 26 50.45 15.53 -28.00
N LYS D 27 51.69 15.74 -27.57
CA LYS D 27 52.17 15.27 -26.24
C LYS D 27 51.87 16.36 -25.20
N ILE D 28 50.83 16.16 -24.38
CA ILE D 28 50.47 17.10 -23.29
C ILE D 28 51.10 16.57 -22.01
N ASP D 29 52.07 17.29 -21.42
CA ASP D 29 52.72 16.79 -20.22
C ASP D 29 51.77 16.82 -19.03
N HIS D 30 51.05 17.93 -18.86
CA HIS D 30 50.17 18.14 -17.72
C HIS D 30 49.08 19.14 -18.07
N TYR D 31 48.06 19.30 -17.13
CA TYR D 31 47.01 20.32 -17.26
C TYR D 31 47.47 21.65 -16.66
N PRO D 32 46.90 22.79 -17.12
CA PRO D 32 47.28 24.07 -16.52
C PRO D 32 46.97 24.14 -15.04
N GLY D 33 47.91 24.67 -14.27
CA GLY D 33 47.82 24.70 -12.83
C GLY D 33 48.46 23.51 -12.15
N GLY D 34 48.74 22.44 -12.89
CA GLY D 34 49.57 21.35 -12.42
C GLY D 34 48.88 20.01 -12.28
N GLN D 35 47.56 19.90 -12.44
CA GLN D 35 46.93 18.60 -12.30
C GLN D 35 47.50 17.62 -13.32
N THR D 36 47.88 16.44 -12.84
CA THR D 36 48.48 15.44 -13.70
C THR D 36 47.42 14.82 -14.61
N LEU D 37 47.87 14.34 -15.78
CA LEU D 37 46.97 13.62 -16.65
C LEU D 37 46.60 12.30 -15.98
N PRO D 38 45.52 11.66 -16.42
CA PRO D 38 45.10 10.41 -15.78
C PRO D 38 46.26 9.43 -15.72
N THR D 39 46.26 8.60 -14.67
CA THR D 39 47.37 7.68 -14.42
C THR D 39 46.82 6.27 -14.21
N PRO D 40 46.21 5.67 -15.26
CA PRO D 40 45.80 4.30 -15.17
C PRO D 40 47.07 3.45 -15.19
N LYS D 41 46.97 2.18 -14.83
CA LYS D 41 48.14 1.26 -14.81
C LYS D 41 48.46 0.87 -16.24
N ALA D 42 47.50 0.98 -17.17
CA ALA D 42 47.73 0.70 -18.60
C ALA D 42 46.54 1.17 -19.44
N ILE D 43 46.69 1.21 -20.77
CA ILE D 43 45.59 1.53 -21.68
C ILE D 43 45.62 0.54 -22.84
N ASP D 44 44.45 0.06 -23.23
CA ASP D 44 44.33 -0.86 -24.35
C ASP D 44 43.74 -0.17 -25.58
N PHE D 45 44.34 0.94 -25.99
CA PHE D 45 43.95 1.67 -27.18
C PHE D 45 45.11 2.56 -27.58
N THR D 46 45.07 3.05 -28.82
CA THR D 46 46.02 4.05 -29.27
C THR D 46 45.35 5.41 -29.17
N PRO D 47 45.91 6.37 -28.43
CA PRO D 47 45.27 7.69 -28.35
C PRO D 47 44.92 8.22 -29.73
N GLY D 48 43.69 8.72 -29.86
CA GLY D 48 43.15 9.11 -31.15
C GLY D 48 42.13 8.15 -31.72
N ALA D 49 41.99 6.96 -31.17
CA ALA D 49 40.91 6.09 -31.60
C ALA D 49 39.57 6.64 -31.11
N LEU D 50 38.49 6.24 -31.76
CA LEU D 50 37.14 6.63 -31.31
C LEU D 50 36.78 5.72 -30.14
N LEU D 51 36.94 6.20 -28.92
CA LEU D 51 36.72 5.37 -27.72
C LEU D 51 35.31 5.57 -27.17
N GLY D 52 34.72 6.74 -27.43
CA GLY D 52 33.38 7.03 -26.89
C GLY D 52 32.22 6.29 -27.54
N SER D 53 32.41 5.55 -28.61
CA SER D 53 31.33 4.88 -29.36
C SER D 53 31.15 3.46 -28.85
N VAL D 54 30.06 2.81 -29.20
CA VAL D 54 29.74 1.44 -28.71
C VAL D 54 30.87 0.47 -29.07
N SER D 55 31.60 0.69 -30.17
CA SER D 55 32.70 -0.19 -30.62
C SER D 55 34.00 0.20 -29.93
N GLY D 56 34.14 1.47 -29.56
CA GLY D 56 35.33 1.94 -28.84
C GLY D 56 35.37 1.34 -27.46
N GLU D 57 34.25 1.35 -26.73
CA GLU D 57 34.16 0.81 -25.38
C GLU D 57 35.10 1.48 -24.40
N LEU D 58 35.64 2.64 -24.73
CA LEU D 58 36.60 3.32 -23.87
C LEU D 58 37.82 2.47 -23.58
N GLY D 59 38.06 1.44 -24.40
CA GLY D 59 39.22 0.58 -24.22
C GLY D 59 39.21 -0.22 -22.93
N LEU D 60 38.04 -0.71 -22.52
CA LEU D 60 37.84 -1.25 -21.20
C LEU D 60 37.56 -2.75 -21.14
N ARG D 61 37.09 -3.36 -22.23
CA ARG D 61 36.54 -4.72 -22.14
C ARG D 61 37.61 -5.71 -21.71
N LYS D 62 38.79 -5.63 -22.33
CA LYS D 62 39.83 -6.61 -22.05
C LYS D 62 40.31 -6.50 -20.60
N TYR D 63 40.48 -5.27 -20.12
CA TYR D 63 40.82 -5.06 -18.71
C TYR D 63 39.78 -5.69 -17.79
N LEU D 64 38.51 -5.37 -18.02
CA LEU D 64 37.46 -5.75 -17.08
C LEU D 64 37.22 -7.25 -17.09
N GLU D 65 37.11 -7.85 -18.27
CA GLU D 65 36.86 -9.29 -18.33
C GLU D 65 38.04 -10.06 -17.78
N ALA D 66 39.25 -9.49 -17.83
CA ALA D 66 40.41 -10.14 -17.24
C ALA D 66 40.27 -10.29 -15.73
N ASN D 67 39.60 -9.34 -15.08
CA ASN D 67 39.43 -9.36 -13.63
C ASN D 67 38.08 -9.93 -13.19
N GLY D 68 37.42 -10.71 -14.04
CA GLY D 68 36.23 -11.43 -13.62
C GLY D 68 34.95 -10.62 -13.63
N HIS D 69 34.98 -9.42 -14.19
CA HIS D 69 33.81 -8.56 -14.23
C HIS D 69 33.04 -8.79 -15.52
N THR D 70 31.72 -8.67 -15.42
CA THR D 70 30.91 -8.59 -16.63
C THR D 70 30.91 -7.15 -17.10
N PHE D 71 30.97 -6.97 -18.41
CA PHE D 71 31.07 -5.64 -19.02
C PHE D 71 30.01 -5.58 -20.10
N VAL D 72 29.05 -4.69 -19.93
CA VAL D 72 27.92 -4.57 -20.82
C VAL D 72 27.97 -3.17 -21.42
N VAL D 73 27.97 -3.09 -22.74
CA VAL D 73 28.03 -1.82 -23.46
C VAL D 73 26.77 -1.75 -24.30
N THR D 74 26.07 -0.63 -24.20
CA THR D 74 24.87 -0.44 -24.99
C THR D 74 24.73 1.05 -25.27
N SER D 75 24.07 1.37 -26.37
CA SER D 75 23.70 2.74 -26.67
C SER D 75 22.21 2.96 -26.45
N ASP D 76 21.47 1.90 -26.11
CA ASP D 76 20.03 1.96 -25.92
C ASP D 76 19.77 2.37 -24.47
N LYS D 77 19.47 3.65 -24.27
CA LYS D 77 19.46 4.23 -22.93
C LYS D 77 18.16 4.89 -22.52
N ASP D 78 17.34 5.33 -23.45
CA ASP D 78 16.09 6.01 -23.14
C ASP D 78 14.91 5.07 -23.24
N GLY D 79 13.98 5.21 -22.30
CA GLY D 79 12.79 4.41 -22.27
C GLY D 79 12.80 3.46 -21.09
N PRO D 80 11.62 3.07 -20.61
CA PRO D 80 11.58 2.07 -19.54
C PRO D 80 11.96 0.69 -20.04
N ASP D 81 11.82 0.43 -21.35
CA ASP D 81 12.22 -0.82 -21.96
C ASP D 81 13.64 -0.81 -22.47
N SER D 82 14.37 0.29 -22.31
CA SER D 82 15.72 0.36 -22.85
C SER D 82 16.60 -0.72 -22.23
N VAL D 83 17.59 -1.17 -23.00
CA VAL D 83 18.55 -2.13 -22.48
C VAL D 83 19.16 -1.61 -21.20
N PHE D 84 19.34 -0.29 -21.10
CA PHE D 84 19.93 0.31 -19.91
C PHE D 84 19.08 0.08 -18.68
N GLU D 85 17.77 0.38 -18.75
CA GLU D 85 16.94 0.17 -17.57
C GLU D 85 16.87 -1.31 -17.20
N ARG D 86 16.86 -2.18 -18.21
CA ARG D 86 16.81 -3.61 -17.93
C ARG D 86 18.14 -4.13 -17.38
N GLU D 87 19.27 -3.63 -17.91
CA GLU D 87 20.57 -4.04 -17.36
C GLU D 87 20.85 -3.36 -16.01
N LEU D 88 20.14 -2.28 -15.69
CA LEU D 88 20.49 -1.45 -14.54
C LEU D 88 20.28 -2.15 -13.22
N VAL D 89 19.31 -3.06 -13.15
CA VAL D 89 18.80 -3.55 -11.88
C VAL D 89 19.90 -4.15 -11.01
N ASP D 90 20.90 -4.79 -11.60
CA ASP D 90 21.96 -5.43 -10.82
C ASP D 90 23.34 -4.90 -11.20
N ALA D 91 23.41 -3.73 -11.83
CA ALA D 91 24.71 -3.18 -12.18
C ALA D 91 25.38 -2.64 -10.93
N ASP D 92 26.66 -2.99 -10.76
CA ASP D 92 27.45 -2.48 -9.64
C ASP D 92 28.07 -1.13 -9.98
N VAL D 93 28.44 -0.93 -11.24
CA VAL D 93 28.99 0.33 -11.73
C VAL D 93 28.22 0.69 -12.99
N VAL D 94 27.91 1.98 -13.14
CA VAL D 94 27.28 2.51 -14.35
C VAL D 94 28.19 3.60 -14.89
N ILE D 95 28.56 3.49 -16.16
CA ILE D 95 29.36 4.50 -16.85
C ILE D 95 28.54 5.07 -17.99
N SER D 96 28.48 6.39 -18.08
CA SER D 96 27.89 7.06 -19.23
C SER D 96 28.64 8.38 -19.44
N GLN D 97 28.51 8.92 -20.66
CA GLN D 97 29.17 10.17 -21.00
C GLN D 97 28.14 11.30 -21.09
N PRO D 98 28.49 12.52 -20.67
CA PRO D 98 27.55 13.64 -20.82
C PRO D 98 26.97 13.79 -22.23
N PHE D 99 27.74 13.43 -23.25
CA PHE D 99 27.34 13.65 -24.64
C PHE D 99 26.25 12.67 -25.07
N TRP D 100 26.13 11.55 -24.38
CA TRP D 100 25.07 10.57 -24.62
C TRP D 100 24.72 9.98 -23.26
N PRO D 101 23.99 10.73 -22.43
CA PRO D 101 23.95 10.41 -21.00
C PRO D 101 22.89 9.39 -20.61
N ALA D 102 23.30 8.41 -19.81
CA ALA D 102 22.37 7.49 -19.16
C ALA D 102 21.86 8.19 -17.91
N TYR D 103 20.65 8.73 -17.98
CA TYR D 103 20.08 9.52 -16.88
C TYR D 103 19.74 8.62 -15.70
N LEU D 104 20.50 8.73 -14.64
CA LEU D 104 20.19 7.98 -13.40
C LEU D 104 19.19 8.83 -12.63
N THR D 105 17.90 8.73 -12.95
CA THR D 105 16.82 9.48 -12.29
C THR D 105 16.65 8.89 -10.90
N PRO D 106 15.87 9.51 -9.97
CA PRO D 106 15.65 8.88 -8.68
C PRO D 106 15.03 7.48 -8.85
N GLU D 107 14.15 7.32 -9.83
CA GLU D 107 13.43 6.03 -10.04
C GLU D 107 14.41 4.96 -10.48
N ARG D 108 15.29 5.30 -11.41
CA ARG D 108 16.25 4.31 -11.93
C ARG D 108 17.20 3.92 -10.81
N ILE D 109 17.61 4.88 -9.99
CA ILE D 109 18.56 4.60 -8.88
C ILE D 109 17.84 3.71 -7.87
N ALA D 110 16.53 3.92 -7.72
CA ALA D 110 15.74 3.05 -6.82
C ALA D 110 15.67 1.63 -7.39
N LYS D 111 15.72 1.48 -8.71
CA LYS D 111 15.73 0.12 -9.30
C LYS D 111 17.11 -0.51 -9.17
N ALA D 112 18.16 0.31 -9.22
CA ALA D 112 19.55 -0.19 -9.16
C ALA D 112 19.84 -0.68 -7.74
N LYS D 113 19.68 -1.98 -7.50
CA LYS D 113 19.81 -2.50 -6.12
C LYS D 113 21.27 -2.78 -5.77
N ASN D 114 22.13 -2.93 -6.77
CA ASN D 114 23.54 -3.29 -6.50
C ASN D 114 24.44 -2.13 -6.92
N LEU D 115 23.87 -0.99 -7.29
CA LEU D 115 24.68 0.11 -7.79
C LEU D 115 25.52 0.72 -6.67
N LYS D 116 26.84 0.75 -6.88
CA LYS D 116 27.73 1.42 -5.94
C LYS D 116 28.57 2.52 -6.57
N LEU D 117 28.66 2.60 -7.89
CA LEU D 117 29.45 3.67 -8.51
C LEU D 117 28.79 4.14 -9.79
N ALA D 118 28.68 5.47 -9.92
CA ALA D 118 28.20 6.13 -11.13
C ALA D 118 29.33 7.02 -11.64
N LEU D 119 29.90 6.65 -12.79
CA LEU D 119 31.16 7.19 -13.26
C LEU D 119 30.90 7.96 -14.55
N THR D 120 31.19 9.26 -14.53
CA THR D 120 31.00 10.14 -15.67
C THR D 120 32.26 10.18 -16.51
N ALA D 121 32.19 9.63 -17.72
CA ALA D 121 33.30 9.77 -18.67
C ALA D 121 33.23 11.17 -19.26
N GLY D 122 33.78 12.12 -18.53
CA GLY D 122 33.69 13.53 -18.85
C GLY D 122 33.61 14.35 -17.59
N ILE D 123 33.03 15.53 -17.69
CA ILE D 123 32.92 16.45 -16.56
C ILE D 123 31.46 16.88 -16.42
N GLY D 124 31.01 16.97 -15.17
CA GLY D 124 29.65 17.37 -14.89
C GLY D 124 28.80 16.13 -14.76
N SER D 125 28.28 15.86 -13.56
CA SER D 125 27.55 14.63 -13.29
C SER D 125 26.06 14.92 -13.04
N ASP D 126 25.56 15.99 -13.66
CA ASP D 126 24.18 16.43 -13.48
C ASP D 126 23.14 15.49 -14.08
N HIS D 127 23.56 14.49 -14.86
CA HIS D 127 22.62 13.47 -15.35
C HIS D 127 22.34 12.41 -14.30
N VAL D 128 23.07 12.46 -13.19
CA VAL D 128 22.84 11.59 -12.03
C VAL D 128 22.21 12.44 -10.94
N ASP D 129 21.05 12.03 -10.44
CA ASP D 129 20.38 12.82 -9.42
C ASP D 129 21.21 12.75 -8.15
N LEU D 130 21.84 13.87 -7.79
CA LEU D 130 22.79 13.89 -6.68
C LEU D 130 22.14 13.47 -5.38
N GLN D 131 20.93 13.95 -5.12
CA GLN D 131 20.24 13.65 -3.87
C GLN D 131 20.13 12.15 -3.63
N SER D 132 19.64 11.41 -4.63
CA SER D 132 19.51 9.96 -4.46
C SER D 132 20.87 9.33 -4.23
N ALA D 133 21.91 9.83 -4.89
CA ALA D 133 23.24 9.28 -4.69
C ALA D 133 23.71 9.50 -3.26
N ILE D 134 23.47 10.69 -2.71
CA ILE D 134 23.87 10.96 -1.33
C ILE D 134 23.11 10.07 -0.37
N ASP D 135 21.80 9.98 -0.53
CA ASP D 135 20.98 9.17 0.39
C ASP D 135 21.42 7.71 0.38
N ARG D 136 21.85 7.20 -0.77
CA ARG D 136 22.07 5.79 -0.95
C ARG D 136 23.54 5.40 -0.88
N GLY D 137 24.40 6.31 -0.43
CA GLY D 137 25.81 6.02 -0.24
C GLY D 137 26.58 5.76 -1.51
N ILE D 138 25.94 5.91 -2.67
CA ILE D 138 26.59 5.66 -3.96
C ILE D 138 27.72 6.66 -4.17
N THR D 139 28.81 6.18 -4.77
CA THR D 139 29.92 7.04 -5.15
C THR D 139 29.67 7.63 -6.54
N VAL D 140 29.97 8.92 -6.70
CA VAL D 140 29.84 9.60 -7.99
C VAL D 140 31.17 10.26 -8.31
N ALA D 141 31.75 9.90 -9.47
CA ALA D 141 33.04 10.39 -9.87
C ALA D 141 33.02 10.77 -11.34
N GLU D 142 33.90 11.70 -11.70
CA GLU D 142 34.04 12.20 -13.06
C GLU D 142 35.52 12.47 -13.30
N VAL D 143 35.90 12.59 -14.57
CA VAL D 143 37.32 12.71 -14.94
C VAL D 143 37.61 14.21 -15.03
N THR D 144 37.79 14.82 -13.87
CA THR D 144 38.01 16.26 -13.82
C THR D 144 39.18 16.68 -14.70
N TYR D 145 39.01 17.84 -15.36
CA TYR D 145 40.01 18.49 -16.25
C TYR D 145 40.26 17.70 -17.53
N CYS D 146 39.58 16.60 -17.79
CA CYS D 146 39.95 15.79 -18.94
C CYS D 146 39.71 16.52 -20.26
N ASN D 147 38.67 17.34 -20.33
CA ASN D 147 38.37 18.04 -21.58
C ASN D 147 37.99 19.50 -21.36
N SER D 148 38.46 20.10 -20.27
CA SER D 148 38.14 21.51 -20.03
C SER D 148 38.72 22.40 -21.13
N ILE D 149 39.95 22.10 -21.57
CA ILE D 149 40.58 22.90 -22.61
C ILE D 149 39.90 22.68 -23.95
N SER D 150 39.42 21.48 -24.20
CA SER D 150 38.65 21.24 -25.42
C SER D 150 37.43 22.14 -25.47
N VAL D 151 36.71 22.23 -24.34
CA VAL D 151 35.52 23.07 -24.30
C VAL D 151 35.91 24.54 -24.41
N ALA D 152 36.99 24.92 -23.74
CA ALA D 152 37.44 26.31 -23.82
C ALA D 152 37.77 26.70 -25.25
N GLU D 153 38.36 25.78 -26.02
CA GLU D 153 38.61 26.04 -27.42
C GLU D 153 37.29 26.16 -28.17
N HIS D 154 36.35 25.27 -27.88
CA HIS D 154 35.04 25.32 -28.51
C HIS D 154 34.32 26.63 -28.23
N VAL D 155 34.45 27.16 -27.02
CA VAL D 155 33.77 28.42 -26.68
C VAL D 155 34.29 29.56 -27.54
N VAL D 156 35.61 29.75 -27.56
CA VAL D 156 36.19 30.84 -28.32
C VAL D 156 35.83 30.73 -29.79
N MET D 157 35.83 29.50 -30.32
CA MET D 157 35.39 29.28 -31.68
C MET D 157 33.97 29.78 -31.88
N MET D 158 33.09 29.54 -30.90
CA MET D 158 31.69 29.87 -31.07
C MET D 158 31.41 31.34 -30.80
N ILE D 159 32.12 31.95 -29.85
CA ILE D 159 32.04 33.40 -29.68
C ILE D 159 32.32 34.09 -31.00
N LEU D 160 33.49 33.79 -31.59
CA LEU D 160 33.84 34.37 -32.88
C LEU D 160 32.82 34.00 -33.95
N GLY D 161 32.38 32.74 -33.96
CA GLY D 161 31.41 32.32 -34.96
C GLY D 161 30.14 33.15 -34.92
N LEU D 162 29.69 33.50 -33.71
CA LEU D 162 28.48 34.28 -33.55
C LEU D 162 28.71 35.75 -33.88
N VAL D 163 29.79 36.33 -33.36
CA VAL D 163 30.03 37.76 -33.56
C VAL D 163 30.24 38.08 -35.03
N ARG D 164 30.93 37.20 -35.75
CA ARG D 164 31.23 37.44 -37.15
C ARG D 164 30.18 36.85 -38.10
N ASN D 165 29.23 36.07 -37.56
CA ASN D 165 28.10 35.48 -38.33
C ASN D 165 28.57 34.36 -39.24
N TYR D 166 29.49 33.53 -38.77
CA TYR D 166 30.14 32.47 -39.57
C TYR D 166 29.19 31.43 -40.13
N ILE D 167 28.20 31.00 -39.40
CA ILE D 167 27.34 29.86 -39.84
C ILE D 167 26.45 30.33 -40.99
N PRO D 168 25.65 31.40 -40.89
CA PRO D 168 24.86 31.85 -42.03
C PRO D 168 25.69 32.22 -43.25
N SER D 169 26.95 32.60 -43.05
CA SER D 169 27.83 33.00 -44.18
C SER D 169 28.33 31.75 -44.92
N HIS D 170 28.57 30.65 -44.21
CA HIS D 170 28.98 29.38 -44.87
C HIS D 170 27.80 28.87 -45.70
N ASP D 171 26.60 28.98 -45.14
CA ASP D 171 25.39 28.55 -45.89
C ASP D 171 25.43 29.20 -47.27
N TRP D 172 25.65 30.52 -47.33
CA TRP D 172 25.65 31.17 -48.64
C TRP D 172 26.69 30.56 -49.56
N ALA D 173 27.86 30.21 -49.04
CA ALA D 173 28.93 29.60 -49.86
C ALA D 173 28.47 28.24 -50.38
N ARG D 174 27.95 27.37 -49.52
CA ARG D 174 27.51 26.01 -49.90
C ARG D 174 26.32 26.08 -50.85
N LYS D 175 25.40 27.00 -50.63
CA LYS D 175 24.16 27.17 -51.44
C LYS D 175 24.51 27.55 -52.87
N GLY D 176 25.70 28.09 -53.11
CA GLY D 176 26.15 28.50 -54.44
C GLY D 176 26.07 30.01 -54.58
N GLY D 177 26.05 30.71 -53.46
CA GLY D 177 25.86 32.17 -53.45
C GLY D 177 27.13 32.95 -53.18
N TRP D 178 26.99 34.26 -53.05
CA TRP D 178 28.08 35.17 -52.72
C TRP D 178 27.53 36.04 -51.61
N ASN D 179 26.65 36.98 -51.97
CA ASN D 179 25.71 37.61 -51.04
C ASN D 179 26.45 38.25 -49.87
N ILE D 180 27.41 39.11 -50.20
CA ILE D 180 28.24 39.75 -49.18
C ILE D 180 27.38 40.53 -48.20
N ALA D 181 26.55 41.44 -48.70
CA ALA D 181 25.76 42.30 -47.82
C ALA D 181 24.85 41.49 -46.92
N ASP D 182 24.34 40.36 -47.41
CA ASP D 182 23.52 39.50 -46.56
C ASP D 182 24.34 38.91 -45.42
N CYS D 183 25.62 38.60 -45.67
CA CYS D 183 26.45 38.04 -44.61
C CYS D 183 26.81 39.09 -43.57
N VAL D 184 27.29 40.25 -44.01
CA VAL D 184 27.95 41.18 -43.09
C VAL D 184 27.01 42.22 -42.49
N GLU D 185 25.75 42.26 -42.90
CA GLU D 185 24.81 43.13 -42.19
C GLU D 185 24.61 42.69 -40.75
N HIS D 186 25.16 41.53 -40.36
CA HIS D 186 25.11 40.98 -39.02
C HIS D 186 26.50 40.51 -38.58
N SER D 187 27.55 41.13 -39.12
CA SER D 187 28.92 40.70 -38.86
C SER D 187 29.72 41.83 -38.23
N TYR D 188 30.33 41.54 -37.07
CA TYR D 188 31.11 42.51 -36.33
C TYR D 188 32.47 41.92 -35.98
N ASP D 189 33.43 42.79 -35.71
CA ASP D 189 34.66 42.35 -35.09
C ASP D 189 34.41 42.11 -33.60
N LEU D 190 35.19 41.18 -33.04
CA LEU D 190 35.19 40.98 -31.59
C LEU D 190 36.07 42.01 -30.88
N GLU D 191 37.09 42.50 -31.57
CA GLU D 191 38.04 43.46 -31.02
C GLU D 191 37.34 44.62 -30.34
N GLY D 192 37.72 44.88 -29.09
CA GLY D 192 37.19 45.99 -28.33
C GLY D 192 35.96 45.70 -27.52
N MET D 193 35.31 44.56 -27.75
CA MET D 193 34.10 44.18 -27.05
C MET D 193 34.39 43.77 -25.60
N THR D 194 33.33 43.64 -24.82
CA THR D 194 33.40 43.18 -23.45
C THR D 194 32.89 41.74 -23.38
N VAL D 195 33.69 40.85 -22.82
CA VAL D 195 33.30 39.45 -22.66
C VAL D 195 33.31 39.13 -21.19
N GLY D 196 32.23 38.49 -20.73
CA GLY D 196 32.13 38.09 -19.34
C GLY D 196 31.85 36.60 -19.23
N SER D 197 32.58 35.91 -18.37
CA SER D 197 32.39 34.48 -18.16
C SER D 197 31.75 34.28 -16.80
N VAL D 198 30.65 33.53 -16.77
CA VAL D 198 30.07 33.07 -15.51
C VAL D 198 30.84 31.81 -15.13
N GLY D 199 31.77 31.95 -14.19
CA GLY D 199 32.66 30.87 -13.81
C GLY D 199 34.05 31.03 -14.39
N ALA D 200 35.06 31.05 -13.53
CA ALA D 200 36.46 31.08 -13.94
C ALA D 200 37.16 29.83 -13.46
N GLY D 201 36.48 28.69 -13.56
CA GLY D 201 37.06 27.41 -13.21
C GLY D 201 38.02 26.98 -14.29
N ARG D 202 38.11 25.66 -14.49
CA ARG D 202 39.06 25.13 -15.44
C ARG D 202 38.69 25.51 -16.87
N ILE D 203 37.41 25.46 -17.22
CA ILE D 203 36.99 25.95 -18.53
C ILE D 203 37.02 27.47 -18.55
N GLY D 204 36.47 28.11 -17.52
CA GLY D 204 36.32 29.56 -17.54
C GLY D 204 37.63 30.30 -17.69
N LEU D 205 38.62 29.95 -16.86
CA LEU D 205 39.87 30.71 -16.91
C LEU D 205 40.63 30.45 -18.20
N ALA D 206 40.52 29.24 -18.75
CA ALA D 206 41.14 28.96 -20.05
C ALA D 206 40.51 29.82 -21.14
N VAL D 207 39.18 30.00 -21.10
CA VAL D 207 38.55 30.88 -22.07
C VAL D 207 39.10 32.28 -21.97
N LEU D 208 39.26 32.77 -20.74
CA LEU D 208 39.72 34.15 -20.57
C LEU D 208 41.16 34.31 -21.02
N ARG D 209 42.01 33.31 -20.74
CA ARG D 209 43.38 33.36 -21.22
C ARG D 209 43.44 33.38 -22.73
N ARG D 210 42.52 32.68 -23.38
CA ARG D 210 42.51 32.62 -24.84
C ARG D 210 41.89 33.87 -25.47
N LEU D 211 41.01 34.55 -24.75
CA LEU D 211 40.43 35.78 -25.29
C LEU D 211 41.33 36.99 -25.11
N ALA D 212 42.22 36.95 -24.12
CA ALA D 212 43.05 38.11 -23.82
C ALA D 212 43.68 38.75 -25.06
N PRO D 213 44.39 38.01 -25.92
CA PRO D 213 45.07 38.66 -27.04
C PRO D 213 44.13 39.20 -28.11
N PHE D 214 42.82 38.97 -28.01
CA PHE D 214 41.87 39.57 -28.96
C PHE D 214 41.53 41.00 -28.61
N ASP D 215 42.11 41.55 -27.55
CA ASP D 215 41.85 42.91 -27.11
C ASP D 215 40.37 43.12 -26.81
N VAL D 216 39.81 42.22 -26.01
CA VAL D 216 38.47 42.38 -25.49
C VAL D 216 38.59 42.73 -24.02
N LYS D 217 37.56 43.37 -23.49
CA LYS D 217 37.49 43.65 -22.06
C LYS D 217 36.91 42.43 -21.37
N LEU D 218 37.74 41.81 -20.54
CA LEU D 218 37.40 40.52 -19.89
C LEU D 218 36.79 40.79 -18.53
N HIS D 219 35.34 40.18 -18.25
CA HIS D 219 34.82 40.28 -16.88
C HIS D 219 34.52 38.85 -16.44
N TYR D 220 34.32 38.72 -15.25
CA TYR D 220 33.97 37.40 -14.75
C TYR D 220 33.31 37.49 -13.39
N THR D 221 32.66 36.38 -13.01
CA THR D 221 32.06 36.23 -11.70
C THR D 221 32.00 34.76 -11.34
N GLN D 222 31.91 34.50 -10.04
CA GLN D 222 31.68 33.18 -9.47
C GLN D 222 31.50 33.44 -7.97
N ARG D 223 31.34 32.38 -7.19
CA ARG D 223 31.06 32.60 -5.78
C ARG D 223 32.31 33.07 -5.04
N HIS D 224 33.47 32.49 -5.32
CA HIS D 224 34.71 32.90 -4.69
C HIS D 224 35.66 33.48 -5.73
N ARG D 225 36.05 34.73 -5.51
CA ARG D 225 36.89 35.49 -6.42
C ARG D 225 38.26 34.83 -6.59
N LEU D 226 38.86 35.06 -7.76
CA LEU D 226 40.14 34.41 -8.14
C LEU D 226 41.31 35.04 -7.41
N PRO D 227 42.47 34.34 -7.33
CA PRO D 227 43.59 34.88 -6.65
C PRO D 227 43.79 36.25 -7.27
N GLU D 228 43.98 37.34 -6.53
CA GLU D 228 44.06 38.67 -7.19
C GLU D 228 45.07 38.71 -8.33
N ALA D 229 46.22 38.05 -8.18
CA ALA D 229 47.29 38.14 -9.20
C ALA D 229 46.85 37.51 -10.52
N VAL D 230 45.98 36.52 -10.48
CA VAL D 230 45.50 36.00 -11.78
C VAL D 230 44.80 37.14 -12.50
N GLU D 231 44.08 38.01 -11.82
CA GLU D 231 43.31 39.08 -12.50
C GLU D 231 44.23 40.18 -13.00
N LYS D 232 45.52 40.10 -12.73
CA LYS D 232 46.46 41.17 -13.11
C LYS D 232 47.01 40.84 -14.49
N GLU D 233 47.17 39.56 -14.77
CA GLU D 233 47.79 39.11 -16.04
C GLU D 233 46.79 39.27 -17.16
N LEU D 234 45.51 39.05 -16.90
CA LEU D 234 44.49 39.01 -17.93
C LEU D 234 43.69 40.29 -17.91
N GLY D 235 43.93 41.14 -16.90
CA GLY D 235 43.18 42.36 -16.79
C GLY D 235 41.73 42.08 -16.48
N LEU D 236 41.46 41.16 -15.57
CA LEU D 236 40.09 40.76 -15.32
C LEU D 236 39.36 41.82 -14.51
N VAL D 237 38.07 41.95 -14.79
CA VAL D 237 37.17 42.81 -14.05
C VAL D 237 36.18 41.89 -13.33
N TRP D 238 36.15 41.99 -12.01
CA TRP D 238 35.40 41.10 -11.15
C TRP D 238 34.00 41.64 -10.89
N HIS D 239 33.06 40.73 -10.63
CA HIS D 239 31.70 41.11 -10.27
C HIS D 239 31.20 40.22 -9.15
N ASP D 240 30.56 40.85 -8.15
CA ASP D 240 30.02 40.11 -7.02
C ASP D 240 28.97 39.10 -7.49
N THR D 241 28.12 39.51 -8.42
CA THR D 241 27.00 38.71 -8.89
C THR D 241 26.97 38.73 -10.42
N ARG D 242 26.24 37.77 -10.97
CA ARG D 242 26.03 37.74 -12.43
C ARG D 242 25.24 38.95 -12.88
N GLU D 243 24.12 39.22 -12.18
CA GLU D 243 23.24 40.30 -12.60
C GLU D 243 23.98 41.63 -12.63
N ASP D 244 25.02 41.77 -11.80
CA ASP D 244 25.86 42.95 -11.85
C ASP D 244 26.71 42.98 -13.11
N MET D 245 27.00 41.80 -13.69
CA MET D 245 27.93 41.71 -14.80
C MET D 245 27.26 41.85 -16.16
N TYR D 246 26.11 41.22 -16.34
CA TYR D 246 25.49 41.15 -17.66
C TYR D 246 25.36 42.48 -18.38
N PRO D 247 24.95 43.58 -17.73
CA PRO D 247 24.72 44.81 -18.48
C PRO D 247 25.97 45.36 -19.13
N HIS D 248 27.15 44.93 -18.69
CA HIS D 248 28.39 45.42 -19.25
C HIS D 248 28.83 44.66 -20.49
N CYS D 249 28.32 43.45 -20.69
CA CYS D 249 28.95 42.48 -21.58
C CYS D 249 28.31 42.48 -22.97
N ASP D 250 29.16 42.58 -23.99
CA ASP D 250 28.72 42.32 -25.35
C ASP D 250 28.55 40.83 -25.59
N VAL D 251 29.36 40.03 -24.92
CA VAL D 251 29.35 38.58 -25.04
C VAL D 251 29.42 38.00 -23.64
N VAL D 252 28.61 36.98 -23.38
CA VAL D 252 28.62 36.28 -22.11
C VAL D 252 28.75 34.79 -22.38
N THR D 253 29.70 34.15 -21.70
CA THR D 253 29.92 32.72 -21.81
C THR D 253 29.72 32.06 -20.47
N LEU D 254 29.01 30.93 -20.45
CA LEU D 254 28.68 30.22 -19.23
C LEU D 254 29.60 29.02 -19.07
N ASN D 255 30.21 28.89 -17.90
CA ASN D 255 31.23 27.88 -17.68
C ASN D 255 31.15 27.37 -16.25
N VAL D 256 29.95 27.06 -15.81
CA VAL D 256 29.69 26.58 -14.45
C VAL D 256 28.91 25.27 -14.53
N PRO D 257 28.97 24.45 -13.46
CA PRO D 257 28.23 23.20 -13.41
C PRO D 257 26.73 23.46 -13.31
N LEU D 258 25.89 22.44 -13.48
CA LEU D 258 24.42 22.54 -13.33
C LEU D 258 24.04 22.06 -11.94
N HIS D 259 23.70 22.98 -11.05
CA HIS D 259 23.20 22.70 -9.70
C HIS D 259 21.91 23.51 -9.62
N PRO D 260 21.03 23.36 -8.61
CA PRO D 260 19.85 24.21 -8.48
C PRO D 260 20.17 25.72 -8.47
N GLU D 261 21.28 26.07 -7.84
CA GLU D 261 21.72 27.49 -7.72
C GLU D 261 22.01 28.05 -9.11
N THR D 262 22.35 27.20 -10.09
CA THR D 262 22.72 27.61 -11.46
C THR D 262 21.62 27.30 -12.49
N GLU D 263 20.61 26.49 -12.18
CA GLU D 263 19.61 26.11 -13.17
C GLU D 263 18.72 27.30 -13.54
N HIS D 264 18.49 27.46 -14.84
CA HIS D 264 17.69 28.55 -15.40
C HIS D 264 18.14 29.92 -14.92
N MET D 265 19.45 30.07 -14.75
CA MET D 265 20.01 31.38 -14.46
C MET D 265 19.86 32.33 -15.65
N ILE D 266 19.65 31.81 -16.84
CA ILE D 266 19.30 32.61 -18.01
C ILE D 266 17.83 32.37 -18.28
N ASN D 267 17.00 33.36 -18.02
CA ASN D 267 15.54 33.22 -18.15
C ASN D 267 15.02 34.53 -18.70
N ASP D 268 13.71 34.67 -18.81
CA ASP D 268 13.09 35.88 -19.39
C ASP D 268 13.44 37.11 -18.57
N GLU D 269 13.68 36.97 -17.28
CA GLU D 269 13.90 38.16 -16.43
C GLU D 269 15.38 38.53 -16.45
N THR D 270 16.23 37.56 -16.21
CA THR D 270 17.69 37.80 -16.26
C THR D 270 18.05 38.43 -17.61
N LEU D 271 17.43 37.96 -18.69
CA LEU D 271 17.81 38.43 -20.05
C LEU D 271 17.51 39.91 -20.24
N LYS D 272 16.55 40.48 -19.52
CA LYS D 272 16.31 41.90 -19.72
C LYS D 272 17.50 42.74 -19.30
N LEU D 273 18.42 42.18 -18.53
CA LEU D 273 19.61 42.90 -18.09
C LEU D 273 20.69 42.97 -19.16
N PHE D 274 20.55 42.19 -20.24
CA PHE D 274 21.57 42.11 -21.26
C PHE D 274 21.41 43.27 -22.24
N LYS D 275 22.53 43.69 -22.82
CA LYS D 275 22.46 44.70 -23.86
C LYS D 275 21.70 44.16 -25.08
N ARG D 276 21.13 45.07 -25.85
CA ARG D 276 20.55 44.69 -27.13
C ARG D 276 21.67 44.31 -28.09
N GLY D 277 21.50 43.18 -28.78
CA GLY D 277 22.55 42.64 -29.61
C GLY D 277 23.63 41.93 -28.85
N ALA D 278 23.31 41.40 -27.68
CA ALA D 278 24.24 40.59 -26.90
C ALA D 278 24.33 39.18 -27.47
N TYR D 279 25.44 38.51 -27.17
CA TYR D 279 25.69 37.13 -27.55
C TYR D 279 25.85 36.28 -26.31
N ILE D 280 25.29 35.08 -26.33
CA ILE D 280 25.52 34.11 -25.25
C ILE D 280 26.14 32.88 -25.88
N VAL D 281 27.21 32.40 -25.27
CA VAL D 281 27.80 31.10 -25.59
C VAL D 281 27.68 30.24 -24.35
N ASN D 282 27.01 29.10 -24.49
CA ASN D 282 26.77 28.20 -23.37
C ASN D 282 27.21 26.79 -23.76
N THR D 283 28.42 26.42 -23.35
CA THR D 283 28.94 25.07 -23.56
C THR D 283 28.97 24.28 -22.26
N ALA D 284 28.23 24.73 -21.25
CA ALA D 284 28.29 24.11 -19.92
C ALA D 284 27.21 23.04 -19.78
N ARG D 285 25.96 23.47 -19.66
CA ARG D 285 24.82 22.56 -19.57
C ARG D 285 23.61 23.29 -20.11
N GLY D 286 22.73 22.56 -20.78
CA GLY D 286 21.62 23.19 -21.45
C GLY D 286 20.66 23.84 -20.47
N LYS D 287 20.49 23.24 -19.30
CA LYS D 287 19.54 23.72 -18.31
C LYS D 287 20.00 24.98 -17.61
N LEU D 288 21.22 25.47 -17.88
CA LEU D 288 21.56 26.79 -17.39
C LEU D 288 20.68 27.86 -17.99
N ALA D 289 20.06 27.58 -19.13
CA ALA D 289 19.25 28.54 -19.86
C ALA D 289 17.89 27.93 -20.16
N ASP D 290 16.84 28.66 -19.82
CA ASP D 290 15.48 28.26 -20.17
C ASP D 290 15.34 28.20 -21.69
N ARG D 291 14.93 27.04 -22.20
CA ARG D 291 14.91 26.81 -23.64
C ARG D 291 14.14 27.93 -24.34
N ASP D 292 12.89 28.15 -23.95
CA ASP D 292 12.04 29.12 -24.65
C ASP D 292 12.38 30.57 -24.32
N ALA D 293 13.01 30.85 -23.18
CA ALA D 293 13.43 32.22 -22.93
C ALA D 293 14.48 32.64 -23.95
N ILE D 294 15.41 31.74 -24.28
CA ILE D 294 16.41 32.04 -25.30
C ILE D 294 15.74 32.33 -26.63
N VAL D 295 14.85 31.44 -27.06
CA VAL D 295 14.18 31.62 -28.35
C VAL D 295 13.48 32.97 -28.39
N ARG D 296 12.68 33.25 -27.36
CA ARG D 296 12.00 34.55 -27.27
C ARG D 296 13.07 35.62 -27.48
N ALA D 297 14.13 35.66 -26.68
CA ALA D 297 15.19 36.69 -26.76
C ALA D 297 15.71 36.89 -28.18
N ILE D 298 15.90 35.85 -28.95
CA ILE D 298 16.49 35.94 -30.32
C ILE D 298 15.48 36.64 -31.22
N GLU D 299 14.22 36.25 -31.15
CA GLU D 299 13.15 36.79 -32.00
C GLU D 299 12.91 38.25 -31.64
N SER D 300 13.20 38.65 -30.40
CA SER D 300 12.99 40.02 -29.89
C SER D 300 14.16 40.93 -30.26
N GLY D 301 15.36 40.37 -30.42
CA GLY D 301 16.57 41.12 -30.76
C GLY D 301 17.46 41.29 -29.55
N GLN D 302 16.95 40.98 -28.36
CA GLN D 302 17.72 41.06 -27.11
C GLN D 302 19.06 40.38 -27.36
N LEU D 303 19.03 39.20 -27.97
CA LEU D 303 20.26 38.43 -28.28
C LEU D 303 20.53 38.47 -29.78
N ALA D 304 21.75 38.85 -30.17
CA ALA D 304 22.17 38.81 -31.56
C ALA D 304 22.69 37.44 -31.97
N GLY D 305 22.77 36.50 -31.03
CA GLY D 305 23.19 35.15 -31.33
C GLY D 305 23.22 34.29 -30.09
N TYR D 306 22.92 33.01 -30.23
CA TYR D 306 23.10 32.04 -29.16
C TYR D 306 23.81 30.82 -29.73
N ALA D 307 24.81 30.32 -29.02
CA ALA D 307 25.56 29.17 -29.50
C ALA D 307 26.05 28.32 -28.35
N GLY D 308 26.06 27.01 -28.57
CA GLY D 308 26.62 26.07 -27.62
C GLY D 308 26.50 24.67 -28.17
N ASP D 309 26.92 23.69 -27.36
CA ASP D 309 26.84 22.28 -27.75
C ASP D 309 25.98 21.52 -26.75
N VAL D 310 25.58 22.18 -25.67
CA VAL D 310 24.80 21.51 -24.59
C VAL D 310 23.31 21.85 -24.75
N TRP D 311 22.46 20.83 -24.62
CA TRP D 311 21.01 21.00 -24.77
C TRP D 311 20.31 20.22 -23.66
N PHE D 312 18.98 20.29 -23.62
CA PHE D 312 18.21 19.43 -22.69
C PHE D 312 16.82 19.22 -23.30
N PRO D 313 16.35 17.98 -23.50
CA PRO D 313 17.06 16.77 -23.10
C PRO D 313 18.18 16.37 -24.07
N GLN D 314 19.06 15.44 -23.68
CA GLN D 314 20.10 14.95 -24.61
C GLN D 314 19.89 13.44 -24.76
N PRO D 315 19.68 12.87 -25.96
CA PRO D 315 19.66 13.63 -27.21
C PRO D 315 18.52 14.63 -27.39
N ALA D 316 18.82 15.78 -27.98
CA ALA D 316 17.82 16.85 -28.16
C ALA D 316 16.79 16.44 -29.19
N PRO D 317 15.50 16.67 -28.90
CA PRO D 317 14.44 16.31 -29.82
C PRO D 317 14.64 16.92 -31.21
N LYS D 318 14.21 16.21 -32.24
CA LYS D 318 14.39 16.66 -33.63
C LYS D 318 13.82 18.07 -33.78
N ASP D 319 12.81 18.40 -33.00
CA ASP D 319 12.11 19.70 -33.17
C ASP D 319 12.59 20.73 -32.15
N HIS D 320 13.63 20.42 -31.39
CA HIS D 320 14.18 21.39 -30.42
C HIS D 320 14.31 22.74 -31.12
N PRO D 321 13.74 23.81 -30.54
CA PRO D 321 13.73 25.09 -31.21
C PRO D 321 15.11 25.73 -31.41
N TRP D 322 16.10 25.33 -30.62
CA TRP D 322 17.45 25.93 -30.73
C TRP D 322 18.09 25.52 -32.05
N ARG D 323 17.61 24.43 -32.64
CA ARG D 323 18.24 23.92 -33.87
C ARG D 323 17.98 24.86 -35.04
N THR D 324 16.78 25.42 -35.14
CA THR D 324 16.41 26.20 -36.34
C THR D 324 16.07 27.66 -36.04
N MET D 325 16.45 28.16 -34.87
CA MET D 325 16.21 29.57 -34.53
C MET D 325 17.25 30.44 -35.23
N LYS D 326 16.90 31.69 -35.51
CA LYS D 326 17.83 32.58 -36.24
C LYS D 326 19.06 32.86 -35.39
N TRP D 327 20.19 33.13 -36.03
CA TRP D 327 21.42 33.53 -35.30
C TRP D 327 21.84 32.45 -34.31
N GLU D 328 21.83 31.20 -34.73
CA GLU D 328 22.32 30.10 -33.87
C GLU D 328 23.63 29.54 -34.43
N GLY D 329 24.56 29.18 -33.55
CA GLY D 329 25.81 28.52 -33.97
C GLY D 329 25.92 27.25 -33.18
N MET D 330 24.83 26.49 -33.15
CA MET D 330 24.77 25.30 -32.28
C MET D 330 25.48 24.09 -32.89
N THR D 331 25.91 23.18 -32.04
CA THR D 331 26.50 21.91 -32.50
C THR D 331 25.95 20.85 -31.55
N PRO D 332 25.93 19.57 -31.90
CA PRO D 332 25.56 18.55 -30.92
C PRO D 332 26.64 18.56 -29.81
N HIS D 333 26.41 17.84 -28.71
CA HIS D 333 27.36 17.86 -27.58
C HIS D 333 28.66 17.19 -27.99
N ILE D 334 29.67 17.97 -28.41
CA ILE D 334 30.90 17.36 -28.96
C ILE D 334 32.17 17.99 -28.38
N SER D 335 32.09 19.18 -27.80
CA SER D 335 33.34 19.86 -27.37
C SER D 335 34.18 18.92 -26.53
N GLY D 336 33.54 18.20 -25.62
CA GLY D 336 34.28 17.39 -24.68
C GLY D 336 34.58 15.99 -25.14
N THR D 337 34.18 15.62 -26.35
CA THR D 337 34.41 14.28 -26.87
C THR D 337 35.17 14.31 -28.20
N SER D 338 35.90 15.40 -28.47
CA SER D 338 36.93 15.36 -29.49
C SER D 338 37.84 14.16 -29.26
N LEU D 339 38.43 13.64 -30.34
CA LEU D 339 39.25 12.44 -30.20
C LEU D 339 40.43 12.67 -29.27
N SER D 340 40.89 13.92 -29.16
CA SER D 340 41.94 14.25 -28.21
C SER D 340 41.44 14.11 -26.77
N ALA D 341 40.19 14.51 -26.52
CA ALA D 341 39.65 14.39 -25.17
C ALA D 341 39.32 12.95 -24.81
N GLN D 342 38.78 12.18 -25.75
CA GLN D 342 38.43 10.80 -25.47
C GLN D 342 39.64 10.01 -24.98
N ALA D 343 40.80 10.26 -25.55
CA ALA D 343 42.01 9.57 -25.10
C ALA D 343 42.22 9.77 -23.61
N ARG D 344 41.91 10.96 -23.10
CA ARG D 344 42.18 11.29 -21.71
C ARG D 344 41.12 10.74 -20.77
N TYR D 345 39.83 10.92 -21.09
CA TYR D 345 38.81 10.47 -20.15
C TYR D 345 38.55 8.97 -20.25
N ALA D 346 39.01 8.32 -21.31
CA ALA D 346 39.00 6.86 -21.31
C ALA D 346 40.08 6.32 -20.39
N ALA D 347 41.21 7.03 -20.28
CA ALA D 347 42.23 6.66 -19.31
C ALA D 347 41.78 6.97 -17.89
N GLY D 348 41.24 8.18 -17.68
CA GLY D 348 40.71 8.51 -16.36
C GLY D 348 39.65 7.55 -15.90
N THR D 349 38.76 7.13 -16.80
CA THR D 349 37.77 6.13 -16.45
C THR D 349 38.43 4.86 -15.93
N ARG D 350 39.46 4.40 -16.63
CA ARG D 350 40.14 3.18 -16.19
C ARG D 350 40.88 3.40 -14.88
N GLU D 351 41.50 4.57 -14.71
CA GLU D 351 42.14 4.84 -13.43
C GLU D 351 41.13 4.74 -12.29
N ILE D 352 39.94 5.32 -12.49
CA ILE D 352 38.95 5.33 -11.42
C ILE D 352 38.47 3.92 -11.12
N LEU D 353 38.16 3.16 -12.18
CA LEU D 353 37.71 1.78 -11.98
C LEU D 353 38.78 0.95 -11.27
N GLU D 354 40.04 1.13 -11.65
CA GLU D 354 41.10 0.42 -10.95
C GLU D 354 41.09 0.77 -9.48
N CYS D 355 41.12 2.08 -9.16
CA CYS D 355 41.07 2.48 -7.76
C CYS D 355 39.83 1.94 -7.08
N PHE D 356 38.67 2.03 -7.74
CA PHE D 356 37.45 1.52 -7.12
C PHE D 356 37.60 0.04 -6.78
N PHE D 357 38.01 -0.77 -7.75
CA PHE D 357 38.07 -2.21 -7.54
C PHE D 357 39.28 -2.62 -6.72
N GLU D 358 40.36 -1.84 -6.71
CA GLU D 358 41.61 -2.22 -6.01
C GLU D 358 41.48 -1.84 -4.53
N GLY D 359 40.44 -1.10 -4.16
CA GLY D 359 40.26 -0.62 -2.78
C GLY D 359 41.19 0.54 -2.53
N ARG D 360 41.67 1.17 -3.59
CA ARG D 360 42.57 2.33 -3.50
C ARG D 360 41.73 3.61 -3.62
N PRO D 361 42.17 4.75 -3.08
CA PRO D 361 41.37 5.95 -3.11
C PRO D 361 41.26 6.57 -4.51
N ILE D 362 40.05 6.91 -4.97
CA ILE D 362 39.90 7.66 -6.20
C ILE D 362 40.43 9.05 -5.94
N ARG D 363 41.10 9.63 -6.95
CA ARG D 363 41.67 10.96 -6.78
C ARG D 363 40.60 11.89 -6.21
N ASP D 364 41.01 12.74 -5.26
CA ASP D 364 40.04 13.64 -4.64
C ASP D 364 39.38 14.54 -5.69
N GLU D 365 40.17 15.07 -6.63
CA GLU D 365 39.59 15.93 -7.67
C GLU D 365 38.63 15.17 -8.58
N TYR D 366 38.70 13.84 -8.62
CA TYR D 366 37.75 13.08 -9.42
C TYR D 366 36.41 12.92 -8.71
N LEU D 367 36.40 13.04 -7.38
CA LEU D 367 35.26 12.64 -6.58
C LEU D 367 34.21 13.74 -6.50
N ILE D 368 32.94 13.35 -6.62
CA ILE D 368 31.81 14.24 -6.41
C ILE D 368 31.03 13.84 -5.16
N VAL D 369 30.62 12.58 -5.08
CA VAL D 369 29.91 12.05 -3.93
C VAL D 369 30.59 10.77 -3.49
N GLN D 370 30.73 10.59 -2.18
CA GLN D 370 31.21 9.32 -1.65
C GLN D 370 30.73 9.17 -0.22
N GLY D 371 30.29 7.97 0.13
CA GLY D 371 29.91 7.66 1.49
C GLY D 371 28.82 8.53 2.08
N GLY D 372 27.78 8.84 1.31
CA GLY D 372 26.65 9.55 1.87
C GLY D 372 26.88 11.02 2.05
N ALA D 373 27.88 11.59 1.39
CA ALA D 373 28.13 13.03 1.47
C ALA D 373 28.90 13.46 0.25
N LEU D 374 28.94 14.77 0.04
CA LEU D 374 29.76 15.34 -1.01
C LEU D 374 31.23 15.12 -0.70
N ALA D 375 32.05 15.09 -1.74
CA ALA D 375 33.46 14.74 -1.60
C ALA D 375 34.26 15.45 -2.67
N GLY D 376 35.53 15.69 -2.36
CA GLY D 376 36.47 16.26 -3.32
C GLY D 376 35.98 17.48 -4.07
N THR D 377 35.94 17.37 -5.41
CA THR D 377 35.49 18.47 -6.29
C THR D 377 34.02 18.72 -5.99
N GLY D 378 33.27 17.67 -5.67
CA GLY D 378 31.83 17.75 -5.39
C GLY D 378 31.54 18.50 -4.12
N ALA D 379 32.47 18.57 -3.19
CA ALA D 379 32.31 19.36 -1.95
C ALA D 379 32.36 20.83 -2.36
N LYS D 380 33.17 21.16 -3.37
CA LYS D 380 33.29 22.54 -3.90
C LYS D 380 32.30 22.74 -5.06
N VAL D 381 31.37 21.79 -5.28
CA VAL D 381 30.29 22.02 -6.28
C VAL D 381 30.69 23.11 -7.30
N ALA E 2 -9.91 25.25 -7.29
CA ALA E 2 -8.52 25.31 -6.83
C ALA E 2 -8.37 24.59 -5.48
N LYS E 3 -7.66 23.47 -5.48
CA LYS E 3 -7.53 22.63 -4.30
C LYS E 3 -6.28 22.92 -3.49
N ILE E 4 -6.46 23.11 -2.19
CA ILE E 4 -5.36 23.23 -1.22
C ILE E 4 -5.32 21.94 -0.40
N LEU E 5 -4.20 21.23 -0.44
CA LEU E 5 -3.98 20.04 0.36
C LEU E 5 -3.08 20.38 1.54
N CYS E 6 -3.54 20.08 2.76
CA CYS E 6 -2.87 20.52 3.97
C CYS E 6 -2.67 19.33 4.91
N VAL E 7 -1.44 19.09 5.31
CA VAL E 7 -1.08 17.99 6.19
C VAL E 7 -0.69 18.56 7.54
N LEU E 8 -1.45 18.20 8.58
CA LEU E 8 -1.19 18.67 9.93
C LEU E 8 -1.10 17.45 10.83
N TYR E 9 -0.49 17.63 12.00
CA TYR E 9 -0.34 16.48 12.87
C TYR E 9 -1.62 16.26 13.66
N ASP E 10 -1.73 15.08 14.25
CA ASP E 10 -2.92 14.69 14.97
C ASP E 10 -3.19 15.67 16.12
N ASP E 11 -4.44 15.68 16.57
CA ASP E 11 -4.78 16.36 17.80
C ASP E 11 -4.13 15.61 18.96
N PRO E 12 -4.10 16.21 20.15
CA PRO E 12 -3.61 15.46 21.32
C PRO E 12 -4.46 14.23 21.61
N VAL E 13 -3.85 13.24 22.27
CA VAL E 13 -4.61 12.05 22.64
C VAL E 13 -5.66 12.38 23.69
N ASP E 14 -5.31 13.24 24.65
CA ASP E 14 -6.28 13.56 25.67
C ASP E 14 -7.33 14.51 25.15
N GLY E 15 -7.33 14.73 23.84
CA GLY E 15 -8.34 15.49 23.17
C GLY E 15 -7.82 16.85 22.75
N TYR E 16 -8.49 17.42 21.76
CA TYR E 16 -8.20 18.80 21.39
C TYR E 16 -8.49 19.73 22.56
N PRO E 17 -7.62 20.69 22.85
CA PRO E 17 -7.82 21.48 24.07
C PRO E 17 -9.00 22.44 23.96
N LYS E 18 -9.76 22.54 25.04
CA LYS E 18 -10.79 23.56 25.20
C LYS E 18 -10.28 24.65 26.14
N THR E 19 -9.16 24.40 26.81
CA THR E 19 -8.53 25.31 27.77
C THR E 19 -7.02 25.35 27.57
N TYR E 20 -6.45 26.55 27.53
CA TYR E 20 -5.02 26.74 27.48
C TYR E 20 -4.49 27.24 28.84
N ALA E 21 -3.20 27.03 29.10
CA ALA E 21 -2.65 27.30 30.43
C ALA E 21 -2.65 28.78 30.77
N ARG E 22 -2.70 29.63 29.76
CA ARG E 22 -2.55 31.07 29.92
C ARG E 22 -3.47 31.75 28.92
N ASP E 23 -3.44 33.07 28.92
CA ASP E 23 -4.26 33.85 28.00
C ASP E 23 -3.55 35.12 27.51
N ASP E 24 -2.48 35.57 28.14
CA ASP E 24 -1.74 36.75 27.69
C ASP E 24 -0.51 36.29 26.92
N LEU E 25 -0.72 35.90 25.66
CA LEU E 25 0.42 35.51 24.82
C LEU E 25 1.15 36.80 24.44
N PRO E 26 2.47 36.87 24.66
CA PRO E 26 3.19 38.14 24.44
C PRO E 26 3.13 38.69 23.03
N LYS E 27 3.09 40.03 22.98
CA LYS E 27 3.06 40.79 21.74
C LYS E 27 4.49 41.10 21.29
N ILE E 28 4.76 40.86 20.01
CA ILE E 28 6.06 41.13 19.40
C ILE E 28 5.85 42.23 18.38
N ASP E 29 6.65 43.28 18.45
CA ASP E 29 6.47 44.38 17.52
C ASP E 29 6.96 43.97 16.14
N HIS E 30 8.17 43.40 16.10
CA HIS E 30 8.84 43.00 14.87
C HIS E 30 9.88 41.93 15.21
N TYR E 31 10.54 41.37 14.16
CA TYR E 31 11.66 40.46 14.39
C TYR E 31 12.98 41.21 14.51
N PRO E 32 13.97 40.63 15.17
CA PRO E 32 15.32 41.24 15.20
C PRO E 32 15.89 41.39 13.80
N GLY E 33 16.53 42.54 13.56
CA GLY E 33 17.05 42.86 12.26
C GLY E 33 16.11 43.64 11.37
N GLY E 34 14.82 43.64 11.69
CA GLY E 34 13.85 44.53 11.08
C GLY E 34 12.77 43.86 10.26
N GLN E 35 12.83 42.55 10.00
CA GLN E 35 11.78 41.91 9.22
C GLN E 35 10.44 42.03 9.93
N THR E 36 9.42 42.42 9.19
CA THR E 36 8.08 42.52 9.75
C THR E 36 7.48 41.14 9.96
N LEU E 37 6.60 41.03 10.95
CA LEU E 37 5.85 39.80 11.16
C LEU E 37 4.87 39.60 10.01
N PRO E 38 4.33 38.39 9.84
CA PRO E 38 3.41 38.15 8.73
C PRO E 38 2.28 39.17 8.69
N THR E 39 1.80 39.47 7.49
CA THR E 39 0.80 40.52 7.25
C THR E 39 -0.34 40.03 6.37
N PRO E 40 -1.15 39.05 6.83
CA PRO E 40 -2.32 38.67 6.07
C PRO E 40 -3.38 39.76 6.18
N LYS E 41 -4.29 39.82 5.21
CA LYS E 41 -5.41 40.82 5.29
C LYS E 41 -6.13 40.64 6.63
N ALA E 42 -6.20 39.40 7.13
CA ALA E 42 -6.90 39.11 8.39
C ALA E 42 -6.44 37.78 9.00
N ILE E 43 -6.91 37.46 10.20
CA ILE E 43 -6.59 36.16 10.85
C ILE E 43 -7.86 35.62 11.53
N ASP E 44 -8.27 34.42 11.18
CA ASP E 44 -9.41 33.78 11.85
C ASP E 44 -8.98 32.80 12.92
N PHE E 45 -8.19 33.26 13.88
CA PHE E 45 -7.77 32.44 15.01
C PHE E 45 -7.33 33.36 16.13
N THR E 46 -7.28 32.81 17.35
CA THR E 46 -6.77 33.56 18.48
C THR E 46 -5.33 33.18 18.73
N PRO E 47 -4.38 34.12 18.67
CA PRO E 47 -2.99 33.77 18.96
C PRO E 47 -2.88 33.02 20.28
N GLY E 48 -2.12 31.92 20.26
CA GLY E 48 -2.05 31.01 21.36
C GLY E 48 -2.88 29.76 21.18
N ALA E 49 -3.74 29.75 20.17
CA ALA E 49 -4.50 28.56 19.84
C ALA E 49 -3.59 27.49 19.24
N LEU E 50 -4.05 26.24 19.33
CA LEU E 50 -3.33 25.13 18.72
C LEU E 50 -3.72 25.07 17.26
N LEU E 51 -2.89 25.68 16.40
CA LEU E 51 -3.18 25.80 14.99
C LEU E 51 -2.62 24.67 14.15
N GLY E 52 -1.58 24.00 14.63
CA GLY E 52 -0.86 23.08 13.78
C GLY E 52 -1.39 21.67 13.72
N SER E 53 -2.46 21.35 14.45
CA SER E 53 -3.06 20.03 14.40
C SER E 53 -4.31 20.07 13.52
N VAL E 54 -4.88 18.89 13.29
CA VAL E 54 -5.93 18.79 12.29
C VAL E 54 -7.13 19.65 12.65
N SER E 55 -7.43 19.79 13.94
CA SER E 55 -8.56 20.63 14.32
C SER E 55 -8.22 22.11 14.22
N GLY E 56 -6.94 22.45 14.31
CA GLY E 56 -6.55 23.85 14.16
C GLY E 56 -6.68 24.34 12.72
N GLU E 57 -6.29 23.51 11.76
CA GLU E 57 -6.39 23.84 10.34
C GLU E 57 -5.66 25.14 9.99
N LEU E 58 -4.73 25.56 10.85
CA LEU E 58 -3.96 26.79 10.66
C LEU E 58 -4.85 28.02 10.49
N GLY E 59 -6.12 27.92 10.91
CA GLY E 59 -7.03 29.05 10.80
C GLY E 59 -7.30 29.48 9.37
N LEU E 60 -7.37 28.52 8.45
CA LEU E 60 -7.39 28.82 7.04
C LEU E 60 -8.71 28.47 6.37
N ARG E 61 -9.48 27.52 6.91
CA ARG E 61 -10.67 26.98 6.22
C ARG E 61 -11.71 28.03 5.87
N LYS E 62 -12.11 28.93 6.76
CA LYS E 62 -13.21 29.86 6.45
C LYS E 62 -12.73 30.80 5.36
N TYR E 63 -11.47 31.19 5.40
CA TYR E 63 -10.86 32.10 4.40
C TYR E 63 -10.78 31.38 3.07
N LEU E 64 -10.31 30.14 3.03
CA LEU E 64 -10.11 29.50 1.75
C LEU E 64 -11.46 29.22 1.10
N GLU E 65 -12.40 28.69 1.89
CA GLU E 65 -13.73 28.40 1.34
C GLU E 65 -14.48 29.67 0.95
N ALA E 66 -14.16 30.82 1.54
CA ALA E 66 -14.80 32.07 1.14
C ALA E 66 -14.43 32.46 -0.29
N ASN E 67 -13.19 32.21 -0.71
CA ASN E 67 -12.76 32.56 -2.06
C ASN E 67 -12.94 31.41 -3.03
N GLY E 68 -13.77 30.42 -2.68
CA GLY E 68 -14.15 29.35 -3.58
C GLY E 68 -13.17 28.20 -3.67
N HIS E 69 -12.16 28.16 -2.80
CA HIS E 69 -11.16 27.10 -2.87
C HIS E 69 -11.55 25.90 -2.02
N THR E 70 -11.13 24.73 -2.49
CA THR E 70 -11.23 23.49 -1.74
C THR E 70 -10.09 23.42 -0.74
N PHE E 71 -10.37 22.87 0.44
CA PHE E 71 -9.38 22.79 1.51
C PHE E 71 -9.49 21.42 2.14
N VAL E 72 -8.44 20.61 2.02
CA VAL E 72 -8.44 19.24 2.54
C VAL E 72 -7.35 19.15 3.59
N VAL E 73 -7.72 18.71 4.78
CA VAL E 73 -6.79 18.57 5.90
C VAL E 73 -6.76 17.12 6.32
N THR E 74 -5.56 16.57 6.42
CA THR E 74 -5.36 15.21 6.86
C THR E 74 -4.04 15.15 7.60
N SER E 75 -3.92 14.18 8.49
CA SER E 75 -2.65 13.87 9.12
C SER E 75 -2.02 12.61 8.56
N ASP E 76 -2.73 11.90 7.70
CA ASP E 76 -2.26 10.62 7.15
C ASP E 76 -1.41 10.89 5.92
N LYS E 77 -0.10 10.84 6.11
CA LYS E 77 0.83 11.33 5.10
C LYS E 77 1.88 10.33 4.65
N ASP E 78 2.20 9.31 5.43
CA ASP E 78 3.26 8.37 5.08
C ASP E 78 2.65 7.14 4.41
N GLY E 79 3.25 6.70 3.32
CA GLY E 79 2.79 5.56 2.58
C GLY E 79 2.25 5.94 1.21
N PRO E 80 2.31 5.00 0.26
CA PRO E 80 1.75 5.29 -1.08
C PRO E 80 0.23 5.24 -1.12
N ASP E 81 -0.41 4.49 -0.24
CA ASP E 81 -1.85 4.40 -0.18
C ASP E 81 -2.46 5.41 0.79
N SER E 82 -1.63 6.23 1.41
CA SER E 82 -2.09 7.22 2.38
C SER E 82 -3.00 8.26 1.72
N VAL E 83 -3.87 8.85 2.54
CA VAL E 83 -4.75 9.92 2.08
C VAL E 83 -3.97 11.06 1.45
N PHE E 84 -2.75 11.32 1.92
CA PHE E 84 -1.98 12.39 1.33
C PHE E 84 -1.71 12.12 -0.15
N GLU E 85 -1.20 10.93 -0.46
CA GLU E 85 -0.90 10.61 -1.85
C GLU E 85 -2.16 10.59 -2.71
N ARG E 86 -3.30 10.18 -2.14
CA ARG E 86 -4.53 10.13 -2.93
C ARG E 86 -5.02 11.52 -3.28
N GLU E 87 -5.04 12.42 -2.29
CA GLU E 87 -5.47 13.79 -2.52
C GLU E 87 -4.42 14.57 -3.29
N LEU E 88 -3.16 14.17 -3.29
CA LEU E 88 -2.07 14.98 -3.90
C LEU E 88 -2.24 15.07 -5.42
N VAL E 89 -2.78 14.04 -6.05
CA VAL E 89 -2.88 13.98 -7.53
C VAL E 89 -3.38 15.30 -8.10
N ASP E 90 -4.42 15.93 -7.54
CA ASP E 90 -5.05 17.14 -8.14
C ASP E 90 -4.98 18.33 -7.20
N ALA E 91 -4.03 18.34 -6.28
CA ALA E 91 -3.83 19.46 -5.34
C ALA E 91 -3.05 20.55 -6.06
N ASP E 92 -3.53 21.79 -6.04
CA ASP E 92 -2.86 22.92 -6.66
C ASP E 92 -1.76 23.44 -5.76
N VAL E 93 -2.02 23.40 -4.45
CA VAL E 93 -1.10 23.85 -3.42
C VAL E 93 -0.97 22.74 -2.39
N VAL E 94 0.23 22.55 -1.86
CA VAL E 94 0.46 21.62 -0.75
C VAL E 94 1.07 22.39 0.41
N ILE E 95 0.46 22.25 1.58
CA ILE E 95 0.94 22.84 2.83
C ILE E 95 1.30 21.70 3.77
N SER E 96 2.50 21.75 4.34
CA SER E 96 2.87 20.81 5.40
C SER E 96 3.83 21.50 6.35
N GLN E 97 3.92 20.93 7.57
CA GLN E 97 4.84 21.52 8.54
C GLN E 97 6.04 20.61 8.72
N PRO E 98 7.24 21.18 8.89
CA PRO E 98 8.42 20.33 9.12
C PRO E 98 8.25 19.30 10.21
N PHE E 99 7.44 19.60 11.24
CA PHE E 99 7.30 18.76 12.41
C PHE E 99 6.46 17.53 12.16
N TRP E 100 5.64 17.57 11.11
CA TRP E 100 4.88 16.41 10.64
C TRP E 100 4.88 16.56 9.13
N PRO E 101 6.01 16.29 8.50
CA PRO E 101 6.21 16.78 7.13
C PRO E 101 5.62 15.82 6.12
N ALA E 102 4.86 16.36 5.17
CA ALA E 102 4.38 15.59 4.03
C ALA E 102 5.53 15.55 3.04
N TYR E 103 6.26 14.43 3.02
CA TYR E 103 7.41 14.32 2.15
C TYR E 103 6.97 14.35 0.70
N LEU E 104 7.43 15.38 -0.03
CA LEU E 104 7.17 15.49 -1.46
C LEU E 104 8.35 14.92 -2.23
N THR E 105 8.37 13.60 -2.33
CA THR E 105 9.40 12.92 -3.08
C THR E 105 9.21 13.17 -4.58
N PRO E 106 10.26 12.96 -5.38
CA PRO E 106 10.12 13.10 -6.85
C PRO E 106 8.95 12.33 -7.42
N GLU E 107 8.81 11.07 -6.99
CA GLU E 107 7.78 10.19 -7.53
C GLU E 107 6.41 10.76 -7.22
N ARG E 108 6.31 11.50 -6.12
CA ARG E 108 5.06 12.15 -5.73
C ARG E 108 4.86 13.46 -6.47
N ILE E 109 5.92 14.27 -6.60
CA ILE E 109 5.81 15.50 -7.37
C ILE E 109 5.48 15.17 -8.81
N ALA E 110 5.97 14.03 -9.30
CA ALA E 110 5.61 13.60 -10.63
C ALA E 110 4.11 13.33 -10.72
N LYS E 111 3.53 12.78 -9.67
CA LYS E 111 2.10 12.49 -9.63
C LYS E 111 1.25 13.72 -9.37
N ALA E 112 1.77 14.73 -8.70
CA ALA E 112 1.04 15.98 -8.40
C ALA E 112 0.96 16.79 -9.69
N LYS E 113 0.04 16.47 -10.58
CA LYS E 113 -0.06 17.11 -11.92
C LYS E 113 -0.46 18.58 -11.87
N ASN E 114 -1.05 19.08 -10.77
CA ASN E 114 -1.55 20.47 -10.66
C ASN E 114 -0.74 21.29 -9.66
N LEU E 115 0.26 20.69 -9.01
CA LEU E 115 0.99 21.42 -7.95
C LEU E 115 1.64 22.66 -8.53
N LYS E 116 1.36 23.82 -7.92
CA LYS E 116 1.98 25.08 -8.37
C LYS E 116 2.66 25.74 -7.17
N LEU E 117 2.20 25.40 -5.97
CA LEU E 117 2.80 25.98 -4.73
C LEU E 117 2.98 24.90 -3.67
N ALA E 118 4.20 24.75 -3.18
CA ALA E 118 4.52 23.86 -2.07
C ALA E 118 4.93 24.77 -0.92
N LEU E 119 4.11 24.79 0.14
CA LEU E 119 4.19 25.82 1.15
C LEU E 119 4.57 25.19 2.48
N THR E 120 5.69 25.62 3.04
CA THR E 120 6.17 25.11 4.30
C THR E 120 5.59 25.98 5.42
N ALA E 121 4.65 25.42 6.18
CA ALA E 121 4.11 26.09 7.36
C ALA E 121 5.17 25.93 8.45
N GLY E 122 6.15 26.83 8.41
CA GLY E 122 7.33 26.74 9.24
C GLY E 122 8.53 27.24 8.45
N ILE E 123 9.73 26.75 8.77
CA ILE E 123 10.94 27.14 8.08
C ILE E 123 11.70 25.88 7.68
N GLY E 124 12.26 25.88 6.47
CA GLY E 124 13.03 24.75 5.99
C GLY E 124 12.21 23.83 5.10
N SER E 125 12.58 23.77 3.82
CA SER E 125 11.81 23.06 2.80
C SER E 125 12.51 21.79 2.31
N ASP E 126 13.35 21.19 3.15
CA ASP E 126 14.07 20.00 2.73
C ASP E 126 13.17 18.77 2.60
N HIS E 127 11.91 18.84 3.02
CA HIS E 127 10.99 17.74 2.75
C HIS E 127 10.46 17.79 1.32
N VAL E 128 10.78 18.85 0.59
CA VAL E 128 10.41 19.01 -0.81
C VAL E 128 11.65 18.78 -1.65
N ASP E 129 11.60 17.80 -2.55
CA ASP E 129 12.77 17.53 -3.38
C ASP E 129 12.93 18.73 -4.30
N LEU E 130 13.90 19.59 -4.00
CA LEU E 130 14.05 20.86 -4.76
C LEU E 130 14.21 20.52 -6.24
N GLN E 131 15.17 19.71 -6.65
CA GLN E 131 15.41 19.45 -8.09
C GLN E 131 14.11 19.30 -8.86
N SER E 132 13.12 18.57 -8.34
CA SER E 132 11.82 18.34 -9.01
C SER E 132 11.03 19.64 -9.06
N ALA E 133 11.02 20.40 -7.99
CA ALA E 133 10.29 21.68 -7.89
C ALA E 133 10.86 22.71 -8.87
N ILE E 134 12.19 22.80 -8.97
CA ILE E 134 12.82 23.71 -9.92
C ILE E 134 12.51 23.28 -11.34
N ASP E 135 12.61 21.98 -11.63
CA ASP E 135 12.34 21.46 -12.96
C ASP E 135 10.92 21.74 -13.41
N ARG E 136 9.97 21.80 -12.49
CA ARG E 136 8.55 21.85 -12.83
C ARG E 136 7.93 23.22 -12.63
N GLY E 137 8.71 24.21 -12.21
CA GLY E 137 8.20 25.55 -12.05
C GLY E 137 7.36 25.76 -10.80
N ILE E 138 7.29 24.76 -9.93
CA ILE E 138 6.50 24.88 -8.71
C ILE E 138 7.08 25.98 -7.85
N THR E 139 6.21 26.75 -7.20
CA THR E 139 6.67 27.72 -6.24
C THR E 139 6.85 27.01 -4.90
N VAL E 140 7.98 27.27 -4.25
CA VAL E 140 8.26 26.72 -2.93
C VAL E 140 8.54 27.91 -2.02
N ALA E 141 7.77 28.02 -0.94
CA ALA E 141 7.87 29.15 -0.05
C ALA E 141 7.78 28.66 1.39
N GLU E 142 8.37 29.45 2.29
CA GLU E 142 8.34 29.15 3.71
C GLU E 142 8.24 30.47 4.47
N VAL E 143 7.79 30.38 5.72
CA VAL E 143 7.51 31.59 6.50
C VAL E 143 8.81 31.91 7.25
N THR E 144 9.73 32.54 6.53
CA THR E 144 11.03 32.86 7.10
C THR E 144 10.88 33.69 8.36
N TYR E 145 11.71 33.37 9.36
CA TYR E 145 11.86 34.05 10.64
C TYR E 145 10.71 33.71 11.59
N CYS E 146 9.70 32.95 11.16
CA CYS E 146 8.51 32.76 11.98
C CYS E 146 8.84 32.07 13.30
N ASN E 147 9.82 31.17 13.33
CA ASN E 147 10.17 30.50 14.58
C ASN E 147 11.67 30.38 14.81
N SER E 148 12.49 31.25 14.19
CA SER E 148 13.93 31.20 14.42
C SER E 148 14.26 31.52 15.87
N ILE E 149 13.54 32.47 16.47
CA ILE E 149 13.78 32.81 17.87
C ILE E 149 13.28 31.70 18.79
N SER E 150 12.19 31.05 18.40
CA SER E 150 11.69 29.90 19.16
C SER E 150 12.73 28.80 19.22
N VAL E 151 13.36 28.50 18.08
CA VAL E 151 14.38 27.45 18.05
C VAL E 151 15.62 27.89 18.83
N ALA E 152 15.98 29.16 18.73
CA ALA E 152 17.16 29.67 19.43
C ALA E 152 17.04 29.50 20.93
N GLU E 153 15.83 29.68 21.48
CA GLU E 153 15.65 29.45 22.91
C GLU E 153 15.83 27.98 23.23
N HIS E 154 15.27 27.10 22.39
CA HIS E 154 15.41 25.66 22.57
C HIS E 154 16.87 25.26 22.59
N VAL E 155 17.69 25.89 21.77
CA VAL E 155 19.11 25.52 21.67
C VAL E 155 19.80 25.77 23.00
N VAL E 156 19.69 26.99 23.53
CA VAL E 156 20.35 27.32 24.79
C VAL E 156 19.82 26.45 25.91
N MET E 157 18.52 26.19 25.91
CA MET E 157 17.96 25.26 26.88
C MET E 157 18.65 23.91 26.78
N MET E 158 18.90 23.45 25.56
CA MET E 158 19.45 22.11 25.36
C MET E 158 20.96 22.09 25.58
N ILE E 159 21.66 23.15 25.17
CA ILE E 159 23.07 23.26 25.55
C ILE E 159 23.22 23.17 27.05
N LEU E 160 22.49 24.02 27.78
CA LEU E 160 22.52 23.97 29.23
C LEU E 160 22.10 22.60 29.74
N GLY E 161 21.07 22.02 29.14
CA GLY E 161 20.61 20.71 29.58
C GLY E 161 21.68 19.64 29.44
N LEU E 162 22.45 19.68 28.36
CA LEU E 162 23.49 18.68 28.15
C LEU E 162 24.70 18.91 29.04
N VAL E 163 25.16 20.16 29.14
CA VAL E 163 26.35 20.43 29.93
C VAL E 163 26.10 20.13 31.40
N ARG E 164 24.91 20.47 31.91
CA ARG E 164 24.56 20.34 33.35
C ARG E 164 23.78 19.05 33.66
N ASN E 165 23.53 18.19 32.69
CA ASN E 165 22.96 16.85 32.92
C ASN E 165 21.54 16.91 33.49
N TYR E 166 20.69 17.71 32.85
CA TYR E 166 19.31 17.90 33.28
C TYR E 166 18.47 16.63 33.16
N ILE E 167 18.37 16.07 31.95
CA ILE E 167 17.42 14.97 31.74
C ILE E 167 17.77 13.77 32.60
N PRO E 168 19.01 13.27 32.61
CA PRO E 168 19.32 12.15 33.51
C PRO E 168 19.09 12.50 34.97
N SER E 169 19.34 13.75 35.35
CA SER E 169 19.09 14.17 36.73
C SER E 169 17.60 14.23 37.04
N HIS E 170 16.81 14.76 36.11
CA HIS E 170 15.37 14.81 36.37
C HIS E 170 14.78 13.41 36.50
N ASP E 171 15.29 12.43 35.75
CA ASP E 171 14.81 11.07 35.94
C ASP E 171 14.99 10.63 37.38
N TRP E 172 16.13 10.99 37.98
CA TRP E 172 16.38 10.64 39.37
C TRP E 172 15.35 11.23 40.30
N ALA E 173 14.84 12.42 39.99
CA ALA E 173 13.81 13.03 40.86
C ALA E 173 12.53 12.22 40.76
N ARG E 174 12.11 11.91 39.54
CA ARG E 174 10.90 11.09 39.31
C ARG E 174 11.13 9.65 39.78
N LYS E 175 12.18 9.00 39.28
CA LYS E 175 12.45 7.57 39.64
C LYS E 175 12.20 7.39 41.13
N GLY E 176 12.27 8.46 41.90
CA GLY E 176 12.05 8.43 43.33
C GLY E 176 13.30 8.64 44.15
N GLY E 177 14.40 9.05 43.52
CA GLY E 177 15.71 9.03 44.13
C GLY E 177 16.24 10.39 44.55
N TRP E 178 17.53 10.39 44.88
CA TRP E 178 18.32 11.57 45.20
C TRP E 178 19.60 11.56 44.37
N ASN E 179 20.58 10.75 44.79
CA ASN E 179 21.69 10.31 43.96
C ASN E 179 22.47 11.49 43.37
N ILE E 180 22.94 12.35 44.26
CA ILE E 180 23.67 13.53 43.81
C ILE E 180 24.87 13.11 42.97
N ALA E 181 25.70 12.20 43.50
CA ALA E 181 26.93 11.84 42.79
C ALA E 181 26.63 11.28 41.41
N ASP E 182 25.54 10.52 41.27
CA ASP E 182 25.18 10.00 39.95
C ASP E 182 24.81 11.11 38.99
N CYS E 183 24.16 12.16 39.49
CA CYS E 183 23.78 13.27 38.62
C CYS E 183 25.02 14.05 38.21
N VAL E 184 25.87 14.40 39.18
CA VAL E 184 26.89 15.40 38.94
C VAL E 184 28.23 14.82 38.48
N GLU E 185 28.39 13.50 38.47
CA GLU E 185 29.60 12.96 37.87
C GLU E 185 29.66 13.25 36.38
N HIS E 186 28.59 13.82 35.81
CA HIS E 186 28.52 14.21 34.41
C HIS E 186 27.97 15.62 34.27
N SER E 187 28.22 16.46 35.26
CA SER E 187 27.67 17.82 35.32
C SER E 187 28.78 18.87 35.38
N TYR E 188 28.74 19.82 34.45
CA TYR E 188 29.70 20.91 34.40
C TYR E 188 28.94 22.23 34.27
N ASP E 189 29.61 23.32 34.68
CA ASP E 189 29.11 24.64 34.34
C ASP E 189 29.37 24.91 32.86
N LEU E 190 28.52 25.72 32.25
CA LEU E 190 28.82 26.17 30.90
C LEU E 190 29.84 27.31 30.93
N GLU E 191 29.88 28.04 32.05
CA GLU E 191 30.76 29.19 32.21
C GLU E 191 32.19 28.89 31.81
N GLY E 192 32.75 29.75 30.94
CA GLY E 192 34.13 29.65 30.52
C GLY E 192 34.37 28.76 29.34
N MET E 193 33.39 27.93 28.98
CA MET E 193 33.51 27.01 27.87
C MET E 193 33.47 27.74 26.54
N THR E 194 33.86 27.03 25.49
CA THR E 194 33.83 27.56 24.14
C THR E 194 32.68 26.92 23.36
N VAL E 195 31.83 27.76 22.77
CA VAL E 195 30.68 27.32 22.01
C VAL E 195 30.85 27.78 20.57
N GLY E 196 30.66 26.87 19.63
CA GLY E 196 30.78 27.20 18.23
C GLY E 196 29.49 26.88 17.49
N SER E 197 29.05 27.81 16.65
CA SER E 197 27.82 27.65 15.88
C SER E 197 28.15 27.44 14.41
N VAL E 198 27.57 26.41 13.82
CA VAL E 198 27.57 26.25 12.37
C VAL E 198 26.35 27.00 11.84
N GLY E 199 26.59 28.18 11.29
CA GLY E 199 25.51 29.03 10.85
C GLY E 199 25.26 30.11 11.87
N ALA E 200 25.39 31.36 11.45
CA ALA E 200 25.05 32.52 12.25
C ALA E 200 23.92 33.28 11.55
N GLY E 201 22.95 32.52 11.03
CA GLY E 201 21.81 33.10 10.38
C GLY E 201 20.83 33.66 11.38
N ARG E 202 19.54 33.53 11.10
CA ARG E 202 18.54 34.06 12.04
C ARG E 202 18.53 33.27 13.34
N ILE E 203 18.59 31.94 13.25
CA ILE E 203 18.68 31.14 14.48
C ILE E 203 20.07 31.23 15.09
N GLY E 204 21.10 31.00 14.28
CA GLY E 204 22.45 30.91 14.83
C GLY E 204 22.84 32.17 15.57
N LEU E 205 22.59 33.33 14.96
CA LEU E 205 22.97 34.58 15.61
C LEU E 205 22.09 34.86 16.82
N ALA E 206 20.82 34.46 16.77
CA ALA E 206 19.98 34.61 17.96
C ALA E 206 20.54 33.79 19.10
N VAL E 207 21.03 32.59 18.81
CA VAL E 207 21.69 31.77 19.82
C VAL E 207 22.93 32.47 20.36
N LEU E 208 23.71 33.07 19.47
CA LEU E 208 24.98 33.66 19.90
C LEU E 208 24.72 34.85 20.82
N ARG E 209 23.67 35.63 20.54
CA ARG E 209 23.31 36.72 21.45
C ARG E 209 22.93 36.21 22.83
N ARG E 210 22.21 35.10 22.89
CA ARG E 210 21.71 34.61 24.17
C ARG E 210 22.81 33.93 24.99
N LEU E 211 23.82 33.37 24.33
CA LEU E 211 24.91 32.72 25.05
C LEU E 211 25.98 33.69 25.52
N ALA E 212 26.11 34.85 24.88
CA ALA E 212 27.14 35.81 25.26
C ALA E 212 27.18 36.09 26.76
N PRO E 213 26.08 36.44 27.43
CA PRO E 213 26.17 36.76 28.86
C PRO E 213 26.49 35.58 29.75
N PHE E 214 26.63 34.37 29.20
CA PHE E 214 27.06 33.20 29.97
C PHE E 214 28.58 33.12 30.13
N ASP E 215 29.33 34.11 29.64
CA ASP E 215 30.79 34.08 29.69
C ASP E 215 31.32 32.82 29.00
N VAL E 216 30.85 32.58 27.80
CA VAL E 216 31.44 31.56 26.95
C VAL E 216 32.19 32.28 25.84
N LYS E 217 33.18 31.59 25.29
CA LYS E 217 33.88 32.05 24.10
C LYS E 217 33.13 31.54 22.89
N LEU E 218 32.82 32.45 21.97
CA LEU E 218 31.82 32.24 20.93
C LEU E 218 32.49 32.15 19.57
N HIS E 219 32.41 30.98 18.94
CA HIS E 219 32.95 30.79 17.61
C HIS E 219 31.82 30.53 16.62
N TYR E 220 32.09 30.79 15.34
CA TYR E 220 31.06 30.57 14.35
C TYR E 220 31.72 30.38 12.98
N THR E 221 30.94 29.85 12.05
CA THR E 221 31.40 29.65 10.69
C THR E 221 30.21 29.67 9.74
N GLN E 222 30.49 30.04 8.48
CA GLN E 222 29.52 29.90 7.40
C GLN E 222 30.12 30.39 6.09
N ARG E 223 29.33 30.40 5.02
CA ARG E 223 29.94 30.76 3.72
C ARG E 223 30.15 32.28 3.66
N HIS E 224 29.14 33.05 4.07
CA HIS E 224 29.22 34.55 4.02
C HIS E 224 29.50 35.06 5.44
N ARG E 225 30.66 35.68 5.65
CA ARG E 225 31.08 36.15 6.99
C ARG E 225 30.24 37.33 7.48
N LEU E 226 30.15 37.50 8.79
CA LEU E 226 29.46 38.64 9.37
C LEU E 226 30.38 39.86 9.36
N PRO E 227 29.80 41.07 9.46
CA PRO E 227 30.58 42.27 9.40
C PRO E 227 31.59 42.31 10.53
N GLU E 228 32.88 42.58 10.27
CA GLU E 228 33.87 42.80 11.36
C GLU E 228 33.33 44.00 12.10
N ALA E 229 32.32 43.80 12.93
CA ALA E 229 31.56 44.87 13.59
C ALA E 229 30.48 44.20 14.42
N VAL E 230 29.64 43.37 13.82
CA VAL E 230 28.67 42.57 14.61
C VAL E 230 29.51 41.57 15.39
N GLU E 231 30.57 41.09 14.77
CA GLU E 231 31.46 40.12 15.45
C GLU E 231 31.99 40.75 16.74
N LYS E 232 32.39 42.01 16.69
CA LYS E 232 32.99 42.68 17.87
C LYS E 232 31.91 42.92 18.92
N GLU E 233 30.69 43.24 18.49
CA GLU E 233 29.55 43.42 19.43
C GLU E 233 29.47 42.23 20.39
N LEU E 234 29.54 41.00 19.86
CA LEU E 234 29.36 39.75 20.66
C LEU E 234 30.71 39.08 20.95
N GLY E 235 31.79 39.59 20.38
CA GLY E 235 33.14 39.01 20.57
C GLY E 235 33.27 37.69 19.84
N LEU E 236 32.89 37.61 18.57
CA LEU E 236 32.87 36.37 17.82
C LEU E 236 34.25 36.01 17.26
N VAL E 237 34.49 34.71 17.13
CA VAL E 237 35.70 34.17 16.51
C VAL E 237 35.30 33.45 15.23
N TRP E 238 35.83 33.90 14.10
CA TRP E 238 35.44 33.43 12.79
C TRP E 238 36.32 32.28 12.30
N HIS E 239 35.72 31.40 11.50
CA HIS E 239 36.42 30.26 10.92
C HIS E 239 36.00 30.06 9.47
N ASP E 240 37.00 29.82 8.61
CA ASP E 240 36.72 29.63 7.18
C ASP E 240 35.84 28.41 6.96
N THR E 241 36.14 27.32 7.66
CA THR E 241 35.49 26.04 7.45
C THR E 241 35.03 25.50 8.78
N ARG E 242 34.10 24.55 8.72
CA ARG E 242 33.62 23.90 9.93
C ARG E 242 34.73 23.12 10.60
N GLU E 243 35.48 22.34 9.83
CA GLU E 243 36.54 21.50 10.38
C GLU E 243 37.60 22.34 11.08
N ASP E 244 37.75 23.61 10.67
CA ASP E 244 38.64 24.55 11.32
C ASP E 244 38.17 24.87 12.73
N MET E 245 36.88 24.75 12.98
CA MET E 245 36.26 25.20 14.21
C MET E 245 36.17 24.10 15.27
N TYR E 246 35.81 22.89 14.87
CA TYR E 246 35.45 21.84 15.83
C TYR E 246 36.46 21.62 16.95
N PRO E 247 37.78 21.61 16.71
CA PRO E 247 38.70 21.29 17.82
C PRO E 247 38.70 22.32 18.94
N HIS E 248 38.22 23.53 18.68
CA HIS E 248 38.25 24.58 19.71
C HIS E 248 37.05 24.48 20.65
N CYS E 249 36.00 23.80 20.22
CA CYS E 249 34.67 23.96 20.81
C CYS E 249 34.41 22.87 21.84
N ASP E 250 34.02 23.30 23.04
CA ASP E 250 33.48 22.36 24.02
C ASP E 250 32.07 21.95 23.61
N VAL E 251 31.38 22.84 22.92
CA VAL E 251 30.00 22.66 22.48
C VAL E 251 29.90 23.12 21.02
N VAL E 252 29.19 22.35 20.19
CA VAL E 252 28.90 22.75 18.82
C VAL E 252 27.41 22.63 18.55
N THR E 253 26.81 23.67 18.01
CA THR E 253 25.40 23.66 17.64
C THR E 253 25.24 23.96 16.15
N LEU E 254 24.33 23.24 15.51
CA LEU E 254 24.10 23.37 14.08
C LEU E 254 22.86 24.23 13.82
N ASN E 255 23.01 25.20 12.93
CA ASN E 255 21.96 26.17 12.67
C ASN E 255 21.99 26.55 11.19
N VAL E 256 22.03 25.54 10.32
CA VAL E 256 22.08 25.76 8.88
C VAL E 256 20.97 24.94 8.24
N PRO E 257 20.57 25.28 7.01
CA PRO E 257 19.57 24.47 6.29
C PRO E 257 20.19 23.15 5.83
N LEU E 258 19.31 22.25 5.39
CA LEU E 258 19.74 20.96 4.86
C LEU E 258 19.81 21.05 3.34
N HIS E 259 21.03 21.04 2.80
CA HIS E 259 21.22 20.76 1.40
C HIS E 259 22.24 19.63 1.29
N PRO E 260 22.59 19.16 0.07
CA PRO E 260 23.67 18.20 -0.07
C PRO E 260 24.98 18.69 0.53
N GLU E 261 25.21 20.00 0.50
CA GLU E 261 26.47 20.61 0.97
C GLU E 261 26.58 20.41 2.48
N THR E 262 25.46 20.39 3.17
CA THR E 262 25.39 20.26 4.64
C THR E 262 24.89 18.86 5.03
N GLU E 263 24.55 17.97 4.10
CA GLU E 263 24.05 16.68 4.54
C GLU E 263 25.20 15.83 5.07
N HIS E 264 24.95 15.18 6.20
CA HIS E 264 25.92 14.30 6.86
C HIS E 264 27.25 15.01 7.10
N MET E 265 27.19 16.32 7.42
CA MET E 265 28.41 17.03 7.76
C MET E 265 29.01 16.55 9.08
N ILE E 266 28.20 15.91 9.92
CA ILE E 266 28.68 15.28 11.15
C ILE E 266 28.66 13.79 10.89
N ASN E 267 29.83 13.18 10.89
CA ASN E 267 29.96 11.77 10.59
C ASN E 267 31.15 11.22 11.35
N ASP E 268 31.40 9.92 11.19
CA ASP E 268 32.50 9.30 11.91
C ASP E 268 33.82 9.99 11.63
N GLU E 269 33.97 10.58 10.44
CA GLU E 269 35.20 11.29 10.11
C GLU E 269 35.24 12.67 10.77
N THR E 270 34.24 13.53 10.52
CA THR E 270 34.27 14.85 11.14
C THR E 270 34.27 14.74 12.66
N LEU E 271 33.67 13.68 13.20
CA LEU E 271 33.62 13.55 14.65
C LEU E 271 35.00 13.36 15.26
N LYS E 272 35.96 12.84 14.50
CA LYS E 272 37.31 12.70 15.03
C LYS E 272 37.95 14.04 15.29
N LEU E 273 37.40 15.13 14.74
CA LEU E 273 37.91 16.46 14.96
C LEU E 273 37.46 17.08 16.28
N PHE E 274 36.50 16.47 16.97
CA PHE E 274 35.95 17.06 18.18
C PHE E 274 36.81 16.73 19.39
N LYS E 275 36.69 17.57 20.40
CA LYS E 275 37.41 17.29 21.67
C LYS E 275 36.67 16.18 22.39
N ARG E 276 37.39 15.38 23.16
CA ARG E 276 36.72 14.36 23.97
C ARG E 276 35.77 15.07 24.93
N GLY E 277 34.56 14.53 25.04
CA GLY E 277 33.54 15.18 25.83
C GLY E 277 32.92 16.40 25.19
N ALA E 278 32.90 16.46 23.86
CA ALA E 278 32.23 17.57 23.21
C ALA E 278 30.72 17.38 23.30
N TYR E 279 30.00 18.48 23.19
CA TYR E 279 28.55 18.48 23.18
C TYR E 279 28.10 19.00 21.83
N ILE E 280 27.11 18.34 21.24
CA ILE E 280 26.48 18.82 20.01
C ILE E 280 25.00 19.00 20.26
N VAL E 281 24.47 20.15 19.88
CA VAL E 281 23.04 20.40 19.85
C VAL E 281 22.66 20.62 18.39
N ASN E 282 21.73 19.82 17.89
CA ASN E 282 21.33 19.89 16.48
C ASN E 282 19.83 20.11 16.44
N THR E 283 19.44 21.37 16.28
CA THR E 283 18.05 21.76 16.13
C THR E 283 17.73 22.13 14.69
N ALA E 284 18.61 21.78 13.74
CA ALA E 284 18.45 22.23 12.37
C ALA E 284 17.69 21.18 11.56
N ARG E 285 18.36 20.08 11.22
CA ARG E 285 17.75 18.97 10.49
C ARG E 285 18.53 17.72 10.84
N GLY E 286 17.82 16.60 10.89
CA GLY E 286 18.43 15.37 11.37
C GLY E 286 19.55 14.88 10.48
N LYS E 287 19.40 15.04 9.17
CA LYS E 287 20.39 14.51 8.23
C LYS E 287 21.65 15.37 8.17
N LEU E 288 21.73 16.47 8.94
CA LEU E 288 23.03 17.10 9.11
C LEU E 288 24.00 16.18 9.83
N ALA E 289 23.50 15.16 10.52
CA ALA E 289 24.29 14.25 11.32
C ALA E 289 24.02 12.82 10.91
N ASP E 290 25.08 12.07 10.62
CA ASP E 290 24.93 10.64 10.37
C ASP E 290 24.41 9.98 11.63
N ARG E 291 23.23 9.36 11.53
CA ARG E 291 22.58 8.84 12.73
C ARG E 291 23.50 7.92 13.52
N ASP E 292 24.05 6.90 12.85
CA ASP E 292 24.84 5.90 13.56
C ASP E 292 26.20 6.45 14.00
N ALA E 293 26.71 7.48 13.32
CA ALA E 293 27.94 8.12 13.77
C ALA E 293 27.73 8.79 15.13
N ILE E 294 26.57 9.41 15.32
CA ILE E 294 26.28 10.04 16.61
C ILE E 294 26.31 9.00 17.71
N VAL E 295 25.56 7.92 17.53
CA VAL E 295 25.50 6.87 18.54
C VAL E 295 26.89 6.32 18.82
N ARG E 296 27.62 5.98 17.76
CA ARG E 296 28.97 5.46 17.95
C ARG E 296 29.83 6.44 18.73
N ALA E 297 29.68 7.74 18.47
CA ALA E 297 30.49 8.73 19.18
C ALA E 297 30.06 8.90 20.63
N ILE E 298 28.77 8.72 20.93
CA ILE E 298 28.31 8.80 22.31
C ILE E 298 28.84 7.61 23.11
N GLU E 299 28.71 6.41 22.57
CA GLU E 299 29.14 5.21 23.30
C GLU E 299 30.62 5.23 23.56
N SER E 300 31.40 5.87 22.68
CA SER E 300 32.85 5.87 22.80
C SER E 300 33.37 6.96 23.73
N GLY E 301 32.54 7.94 24.07
CA GLY E 301 32.99 9.03 24.89
C GLY E 301 33.52 10.22 24.11
N GLN E 302 33.61 10.12 22.78
CA GLN E 302 33.95 11.29 21.98
C GLN E 302 32.99 12.43 22.29
N LEU E 303 31.71 12.11 22.42
CA LEU E 303 30.67 13.07 22.76
C LEU E 303 30.21 12.83 24.19
N ALA E 304 30.09 13.89 24.97
CA ALA E 304 29.49 13.83 26.29
C ALA E 304 27.99 14.11 26.24
N GLY E 305 27.45 14.43 25.07
CA GLY E 305 26.03 14.66 24.92
C GLY E 305 25.64 15.02 23.51
N TYR E 306 24.45 14.58 23.10
CA TYR E 306 23.83 15.03 21.86
C TYR E 306 22.39 15.38 22.17
N ALA E 307 21.93 16.50 21.63
CA ALA E 307 20.56 16.94 21.88
C ALA E 307 20.03 17.67 20.66
N GLY E 308 18.74 17.49 20.41
CA GLY E 308 18.05 18.24 19.38
C GLY E 308 16.60 17.83 19.35
N ASP E 309 15.85 18.46 18.47
CA ASP E 309 14.48 18.06 18.22
C ASP E 309 14.26 17.57 16.79
N VAL E 310 15.30 17.56 15.95
CA VAL E 310 15.16 17.20 14.55
C VAL E 310 15.75 15.81 14.33
N TRP E 311 15.03 15.00 13.53
CA TRP E 311 15.40 13.61 13.24
C TRP E 311 15.14 13.30 11.78
N PHE E 312 15.49 12.10 11.33
CA PHE E 312 15.17 11.60 9.98
C PHE E 312 14.98 10.08 10.10
N PRO E 313 13.86 9.45 9.73
CA PRO E 313 12.71 10.13 9.11
C PRO E 313 12.00 10.98 10.17
N GLN E 314 11.05 11.81 9.77
CA GLN E 314 10.52 12.77 10.78
C GLN E 314 9.60 12.11 11.80
N PRO E 315 8.54 11.38 11.44
CA PRO E 315 7.75 10.76 12.48
C PRO E 315 8.79 10.11 13.40
N ALA E 316 9.91 9.59 12.90
CA ALA E 316 11.06 9.00 13.64
C ALA E 316 10.58 7.67 14.20
N PRO E 317 11.11 6.54 13.73
CA PRO E 317 10.61 5.22 14.12
C PRO E 317 10.74 4.99 15.61
N LYS E 318 9.84 4.15 16.14
CA LYS E 318 9.80 3.88 17.57
C LYS E 318 11.17 3.48 18.10
N ASP E 319 11.99 2.84 17.27
CA ASP E 319 13.27 2.27 17.66
C ASP E 319 14.47 3.16 17.31
N HIS E 320 14.25 4.40 16.92
CA HIS E 320 15.34 5.27 16.51
C HIS E 320 16.39 5.33 17.61
N PRO E 321 17.67 5.06 17.31
CA PRO E 321 18.66 4.91 18.39
C PRO E 321 18.95 6.18 19.17
N TRP E 322 18.65 7.35 18.62
CA TRP E 322 18.84 8.58 19.37
C TRP E 322 17.92 8.66 20.56
N ARG E 323 16.81 7.93 20.53
CA ARG E 323 15.82 8.02 21.59
C ARG E 323 16.40 7.60 22.93
N THR E 324 17.24 6.56 22.94
CA THR E 324 17.60 5.88 24.17
C THR E 324 19.11 5.80 24.38
N MET E 325 19.84 6.52 23.54
CA MET E 325 21.31 6.53 23.67
C MET E 325 21.66 7.31 24.95
N LYS E 326 22.85 7.04 25.47
CA LYS E 326 23.28 7.71 26.73
C LYS E 326 23.46 9.21 26.47
N TRP E 327 23.34 10.01 27.52
CA TRP E 327 23.60 11.47 27.40
C TRP E 327 22.80 12.04 26.23
N GLU E 328 21.51 11.78 26.24
CA GLU E 328 20.58 12.25 25.20
C GLU E 328 19.62 13.26 25.80
N GLY E 329 19.42 14.38 25.13
CA GLY E 329 18.47 15.37 25.57
C GLY E 329 17.46 15.72 24.48
N MET E 330 16.98 14.68 23.80
CA MET E 330 16.14 14.85 22.63
C MET E 330 14.73 15.28 23.02
N THR E 331 14.06 15.94 22.08
CA THR E 331 12.61 16.09 22.08
C THR E 331 12.14 15.75 20.68
N PRO E 332 10.85 15.45 20.50
CA PRO E 332 10.31 15.40 19.13
C PRO E 332 10.46 16.76 18.50
N HIS E 333 10.14 16.91 17.23
CA HIS E 333 10.36 18.18 16.54
C HIS E 333 9.29 19.15 16.98
N ILE E 334 9.58 19.90 18.05
CA ILE E 334 8.58 20.77 18.65
C ILE E 334 9.03 22.23 18.78
N SER E 335 10.32 22.53 18.65
CA SER E 335 10.79 23.87 18.98
C SER E 335 10.14 24.93 18.09
N GLY E 336 9.93 24.60 16.82
CA GLY E 336 9.38 25.56 15.89
C GLY E 336 7.88 25.62 15.84
N THR E 337 7.21 24.81 16.66
CA THR E 337 5.75 24.76 16.71
C THR E 337 5.23 25.02 18.12
N SER E 338 6.02 25.68 18.97
CA SER E 338 5.46 26.27 20.17
C SER E 338 4.25 27.11 19.79
N LEU E 339 3.31 27.26 20.73
CA LEU E 339 2.09 27.98 20.41
C LEU E 339 2.37 29.41 19.98
N SER E 340 3.47 30.00 20.47
CA SER E 340 3.84 31.35 20.04
C SER E 340 4.22 31.37 18.57
N ALA E 341 4.95 30.36 18.10
CA ALA E 341 5.36 30.34 16.71
C ALA E 341 4.19 30.06 15.79
N GLN E 342 3.30 29.14 16.19
CA GLN E 342 2.17 28.78 15.35
C GLN E 342 1.35 30.00 14.99
N ALA E 343 1.15 30.91 15.94
CA ALA E 343 0.42 32.14 15.64
C ALA E 343 1.10 32.89 14.51
N ARG E 344 2.42 32.91 14.53
CA ARG E 344 3.20 33.67 13.53
C ARG E 344 3.20 32.90 12.21
N TYR E 345 3.42 31.59 12.19
CA TYR E 345 3.54 30.83 10.92
C TYR E 345 2.17 30.48 10.37
N ALA E 346 1.09 30.54 11.11
CA ALA E 346 -0.27 30.34 10.57
C ALA E 346 -0.66 31.60 9.82
N ALA E 347 -0.24 32.76 10.31
CA ALA E 347 -0.49 34.03 9.63
C ALA E 347 0.39 34.13 8.38
N GLY E 348 1.67 33.77 8.51
CA GLY E 348 2.53 33.74 7.34
C GLY E 348 1.99 32.85 6.24
N THR E 349 1.47 31.67 6.62
CA THR E 349 0.84 30.80 5.63
C THR E 349 -0.31 31.52 4.94
N ARG E 350 -1.14 32.21 5.71
CA ARG E 350 -2.27 32.92 5.13
C ARG E 350 -1.81 34.10 4.28
N GLU E 351 -0.79 34.82 4.73
CA GLU E 351 -0.25 35.91 3.92
C GLU E 351 0.21 35.40 2.56
N ILE E 352 0.92 34.26 2.55
CA ILE E 352 1.45 33.73 1.30
C ILE E 352 0.33 33.28 0.39
N LEU E 353 -0.66 32.57 0.93
CA LEU E 353 -1.76 32.13 0.09
C LEU E 353 -2.50 33.32 -0.51
N GLU E 354 -2.70 34.37 0.28
CA GLU E 354 -3.34 35.56 -0.26
C GLU E 354 -2.55 36.10 -1.44
N CYS E 355 -1.24 36.28 -1.27
CA CYS E 355 -0.41 36.78 -2.36
C CYS E 355 -0.49 35.86 -3.57
N PHE E 356 -0.38 34.55 -3.34
CA PHE E 356 -0.40 33.62 -4.46
C PHE E 356 -1.71 33.72 -5.24
N PHE E 357 -2.84 33.61 -4.55
CA PHE E 357 -4.11 33.52 -5.26
C PHE E 357 -4.54 34.84 -5.86
N GLU E 358 -4.12 35.95 -5.26
CA GLU E 358 -4.49 37.28 -5.76
C GLU E 358 -3.50 37.84 -6.76
N GLY E 359 -2.46 37.08 -7.12
CA GLY E 359 -1.49 37.58 -8.07
C GLY E 359 -0.60 38.67 -7.55
N ARG E 360 -0.44 38.76 -6.25
CA ARG E 360 0.54 39.68 -5.71
C ARG E 360 1.83 38.95 -5.36
N PRO E 361 2.97 39.65 -5.42
CA PRO E 361 4.25 39.00 -5.15
C PRO E 361 4.29 38.42 -3.74
N ILE E 362 4.77 37.17 -3.65
CA ILE E 362 5.16 36.62 -2.37
C ILE E 362 6.42 37.34 -1.91
N ARG E 363 6.51 37.63 -0.61
CA ARG E 363 7.72 38.27 -0.05
C ARG E 363 8.93 37.59 -0.67
N ASP E 364 9.91 38.36 -1.08
CA ASP E 364 11.19 37.81 -1.61
C ASP E 364 11.81 37.03 -0.47
N GLU E 365 11.55 37.46 0.76
CA GLU E 365 12.09 36.82 1.97
C GLU E 365 11.47 35.43 2.11
N TYR E 366 10.24 35.24 1.69
CA TYR E 366 9.55 33.95 1.77
C TYR E 366 9.94 33.01 0.65
N LEU E 367 10.47 33.52 -0.44
CA LEU E 367 10.58 32.72 -1.65
C LEU E 367 11.81 31.82 -1.59
N ILE E 368 11.62 30.57 -1.97
CA ILE E 368 12.70 29.61 -2.14
C ILE E 368 12.88 29.24 -3.60
N VAL E 369 11.80 28.82 -4.25
CA VAL E 369 11.79 28.52 -5.67
C VAL E 369 10.59 29.23 -6.27
N GLN E 370 10.78 29.86 -7.43
CA GLN E 370 9.67 30.42 -8.17
C GLN E 370 10.04 30.51 -9.63
N GLY E 371 9.12 30.12 -10.49
CA GLY E 371 9.33 30.22 -11.92
C GLY E 371 10.56 29.51 -12.41
N GLY E 372 10.84 28.32 -11.87
CA GLY E 372 11.93 27.52 -12.40
C GLY E 372 13.32 27.90 -11.98
N ALA E 373 13.46 28.61 -10.86
CA ALA E 373 14.79 28.97 -10.37
C ALA E 373 14.71 29.28 -8.88
N LEU E 374 15.88 29.32 -8.25
CA LEU E 374 15.96 29.79 -6.87
C LEU E 374 15.62 31.27 -6.84
N ALA E 375 14.98 31.72 -5.76
CA ALA E 375 14.45 33.10 -5.68
C ALA E 375 14.71 33.74 -4.32
N GLY E 376 15.02 35.04 -4.31
CA GLY E 376 15.23 35.79 -3.06
C GLY E 376 16.06 35.04 -2.05
N THR E 377 15.50 34.70 -0.88
CA THR E 377 16.24 34.04 0.21
C THR E 377 16.68 32.64 -0.20
N GLY E 378 15.86 31.93 -0.96
CA GLY E 378 16.16 30.54 -1.37
C GLY E 378 17.44 30.47 -2.16
N ALA E 379 17.73 31.48 -2.96
CA ALA E 379 18.94 31.52 -3.78
C ALA E 379 20.13 31.84 -2.89
N LYS E 380 19.91 32.63 -1.84
CA LYS E 380 20.97 33.02 -0.88
C LYS E 380 21.40 31.83 -0.03
N VAL E 381 20.59 30.76 0.05
CA VAL E 381 20.86 29.56 0.90
C VAL E 381 20.15 28.35 0.30
N SER F 1 -9.50 47.54 -29.74
CA SER F 1 -10.73 47.40 -30.52
C SER F 1 -11.83 46.69 -29.74
N ALA F 2 -12.23 45.53 -30.23
CA ALA F 2 -13.24 44.69 -29.60
C ALA F 2 -12.54 43.53 -28.92
N LYS F 3 -12.65 43.46 -27.59
CA LYS F 3 -11.99 42.40 -26.85
C LYS F 3 -12.94 41.22 -26.78
N ILE F 4 -12.47 40.04 -27.18
CA ILE F 4 -13.20 38.79 -27.07
C ILE F 4 -12.60 38.01 -25.92
N LEU F 5 -13.40 37.76 -24.89
CA LEU F 5 -12.98 37.02 -23.71
C LEU F 5 -13.49 35.59 -23.83
N CYS F 6 -12.59 34.61 -23.77
CA CYS F 6 -12.92 33.24 -24.09
C CYS F 6 -12.45 32.32 -22.97
N VAL F 7 -13.37 31.56 -22.40
CA VAL F 7 -13.08 30.69 -21.26
C VAL F 7 -13.13 29.24 -21.72
N LEU F 8 -12.01 28.55 -21.62
CA LEU F 8 -11.86 27.16 -22.04
C LEU F 8 -11.29 26.37 -20.88
N TYR F 9 -11.48 25.06 -20.92
CA TYR F 9 -10.99 24.25 -19.81
C TYR F 9 -9.51 23.93 -19.99
N ASP F 10 -8.88 23.51 -18.89
CA ASP F 10 -7.46 23.22 -18.93
C ASP F 10 -7.16 22.13 -19.95
N ASP F 11 -5.91 22.11 -20.43
CA ASP F 11 -5.41 21.03 -21.24
C ASP F 11 -5.33 19.75 -20.41
N PRO F 12 -5.10 18.60 -21.04
CA PRO F 12 -4.90 17.38 -20.25
C PRO F 12 -3.74 17.57 -19.27
N VAL F 13 -3.80 16.81 -18.17
CA VAL F 13 -2.82 16.99 -17.11
C VAL F 13 -1.42 16.60 -17.57
N ASP F 14 -1.29 15.51 -18.32
CA ASP F 14 0.01 15.14 -18.86
C ASP F 14 0.31 15.82 -20.20
N GLY F 15 -0.43 16.86 -20.54
CA GLY F 15 -0.07 17.76 -21.62
C GLY F 15 -1.03 17.72 -22.80
N TYR F 16 -1.04 18.83 -23.55
CA TYR F 16 -1.81 18.92 -24.78
C TYR F 16 -1.30 17.90 -25.79
N PRO F 17 -2.19 17.16 -26.44
CA PRO F 17 -1.71 16.07 -27.30
C PRO F 17 -1.10 16.60 -28.60
N LYS F 18 -0.03 15.93 -29.03
CA LYS F 18 0.55 16.12 -30.35
C LYS F 18 0.18 14.94 -31.24
N THR F 19 -0.49 13.95 -30.65
CA THR F 19 -0.89 12.71 -31.30
C THR F 19 -2.31 12.34 -30.87
N TYR F 20 -3.19 12.05 -31.83
CA TYR F 20 -4.53 11.56 -31.55
C TYR F 20 -4.66 10.08 -31.90
N ALA F 21 -5.72 9.46 -31.37
CA ALA F 21 -5.88 8.01 -31.51
C ALA F 21 -6.14 7.59 -32.96
N ARG F 22 -6.63 8.51 -33.78
CA ARG F 22 -7.01 8.22 -35.18
C ARG F 22 -6.68 9.42 -36.05
N ASP F 23 -7.18 9.43 -37.29
CA ASP F 23 -6.95 10.56 -38.23
C ASP F 23 -8.18 10.75 -39.11
N ASP F 24 -8.76 9.64 -39.61
CA ASP F 24 -9.95 9.72 -40.50
C ASP F 24 -10.93 10.79 -40.05
N LEU F 25 -11.49 10.71 -38.84
CA LEU F 25 -12.59 11.58 -38.33
C LEU F 25 -13.76 11.53 -39.34
N PRO F 26 -14.91 10.93 -38.99
CA PRO F 26 -15.98 10.71 -39.97
C PRO F 26 -16.55 12.01 -40.53
N LYS F 27 -17.04 11.94 -41.77
CA LYS F 27 -17.63 13.09 -42.44
C LYS F 27 -19.15 13.12 -42.25
N ILE F 28 -19.69 14.26 -41.84
CA ILE F 28 -21.12 14.45 -41.67
C ILE F 28 -21.59 15.51 -42.66
N ASP F 29 -22.62 15.17 -43.44
CA ASP F 29 -23.14 16.09 -44.45
C ASP F 29 -24.11 17.10 -43.85
N HIS F 30 -25.06 16.66 -43.05
CA HIS F 30 -26.08 17.55 -42.51
C HIS F 30 -26.62 16.97 -41.21
N TYR F 31 -27.40 17.78 -40.49
CA TYR F 31 -28.05 17.24 -39.31
C TYR F 31 -29.36 16.58 -39.69
N PRO F 32 -29.83 15.62 -38.89
CA PRO F 32 -31.14 15.02 -39.17
C PRO F 32 -32.22 16.10 -39.18
N GLY F 33 -33.11 16.00 -40.16
CA GLY F 33 -34.11 17.02 -40.37
C GLY F 33 -33.72 18.09 -41.36
N GLY F 34 -32.43 18.22 -41.66
CA GLY F 34 -31.96 19.03 -42.77
C GLY F 34 -31.12 20.23 -42.38
N GLN F 35 -30.96 20.56 -41.11
CA GLN F 35 -30.13 21.71 -40.76
C GLN F 35 -28.71 21.50 -41.23
N THR F 36 -28.17 22.52 -41.90
CA THR F 36 -26.80 22.44 -42.39
C THR F 36 -25.80 22.60 -41.25
N LEU F 37 -24.63 22.00 -41.44
CA LEU F 37 -23.53 22.16 -40.50
C LEU F 37 -23.03 23.60 -40.54
N PRO F 38 -22.27 24.01 -39.52
CA PRO F 38 -21.81 25.41 -39.47
C PRO F 38 -21.10 25.83 -40.75
N THR F 39 -21.22 27.10 -41.08
CA THR F 39 -20.72 27.66 -42.33
C THR F 39 -19.91 28.92 -42.07
N PRO F 40 -18.77 28.81 -41.37
CA PRO F 40 -17.84 29.94 -41.28
C PRO F 40 -17.20 30.18 -42.64
N LYS F 41 -16.51 31.32 -42.76
CA LYS F 41 -15.84 31.57 -44.03
C LYS F 41 -14.57 30.76 -44.17
N ALA F 42 -14.06 30.19 -43.08
CA ALA F 42 -12.89 29.33 -43.09
C ALA F 42 -12.70 28.79 -41.69
N ILE F 43 -11.80 27.82 -41.55
CA ILE F 43 -11.39 27.30 -40.26
C ILE F 43 -9.86 27.18 -40.24
N ASP F 44 -9.25 27.58 -39.14
CA ASP F 44 -7.80 27.41 -38.96
C ASP F 44 -7.52 26.27 -37.99
N PHE F 45 -8.10 25.11 -38.25
CA PHE F 45 -7.86 23.94 -37.42
C PHE F 45 -8.18 22.70 -38.23
N THR F 46 -7.68 21.56 -37.75
CA THR F 46 -7.98 20.28 -38.35
C THR F 46 -9.05 19.55 -37.53
N PRO F 47 -10.15 19.14 -38.14
CA PRO F 47 -11.14 18.33 -37.41
C PRO F 47 -10.45 17.16 -36.72
N GLY F 48 -10.78 16.96 -35.45
CA GLY F 48 -10.11 15.98 -34.62
C GLY F 48 -9.11 16.55 -33.67
N ALA F 49 -8.73 17.83 -33.85
CA ALA F 49 -7.87 18.49 -32.88
C ALA F 49 -8.67 18.77 -31.61
N LEU F 50 -7.97 18.97 -30.49
CA LEU F 50 -8.64 19.37 -29.23
C LEU F 50 -8.74 20.89 -29.22
N LEU F 51 -9.94 21.43 -29.35
CA LEU F 51 -10.10 22.90 -29.51
C LEU F 51 -10.68 23.54 -28.25
N GLY F 52 -11.36 22.77 -27.42
CA GLY F 52 -12.03 23.34 -26.24
C GLY F 52 -11.10 23.55 -25.06
N SER F 53 -9.83 23.20 -25.19
CA SER F 53 -8.96 23.49 -24.07
C SER F 53 -8.20 24.78 -24.36
N VAL F 54 -7.49 25.27 -23.35
CA VAL F 54 -6.90 26.61 -23.45
C VAL F 54 -5.88 26.68 -24.59
N SER F 55 -5.24 25.56 -24.92
CA SER F 55 -4.29 25.57 -26.03
C SER F 55 -4.97 25.49 -27.39
N GLY F 56 -6.15 24.89 -27.47
CA GLY F 56 -6.85 24.81 -28.75
C GLY F 56 -7.41 26.13 -29.20
N GLU F 57 -7.95 26.93 -28.29
CA GLU F 57 -8.48 28.25 -28.56
C GLU F 57 -9.57 28.23 -29.62
N LEU F 58 -10.19 27.08 -29.86
CA LEU F 58 -11.24 26.93 -30.85
C LEU F 58 -10.80 27.34 -32.25
N GLY F 59 -9.50 27.42 -32.49
CA GLY F 59 -9.01 27.83 -33.80
C GLY F 59 -9.41 29.25 -34.14
N LEU F 60 -9.44 30.13 -33.14
CA LEU F 60 -10.02 31.45 -33.27
C LEU F 60 -9.00 32.57 -33.24
N ARG F 61 -7.79 32.31 -32.76
CA ARG F 61 -6.83 33.40 -32.51
C ARG F 61 -6.42 34.07 -33.81
N LYS F 62 -6.06 33.28 -34.83
CA LYS F 62 -5.53 33.91 -36.05
C LYS F 62 -6.59 34.76 -36.73
N TYR F 63 -7.83 34.24 -36.82
CA TYR F 63 -8.93 35.01 -37.37
C TYR F 63 -9.12 36.33 -36.63
N LEU F 64 -9.25 36.27 -35.31
CA LEU F 64 -9.67 37.44 -34.56
C LEU F 64 -8.59 38.52 -34.54
N GLU F 65 -7.33 38.14 -34.29
CA GLU F 65 -6.28 39.16 -34.28
C GLU F 65 -6.05 39.75 -35.67
N ALA F 66 -6.33 38.98 -36.72
CA ALA F 66 -6.19 39.50 -38.08
C ALA F 66 -7.19 40.61 -38.38
N ASN F 67 -8.40 40.55 -37.81
CA ASN F 67 -9.40 41.57 -38.03
C ASN F 67 -9.36 42.66 -36.96
N GLY F 68 -8.24 42.79 -36.26
CA GLY F 68 -8.02 43.89 -35.34
C GLY F 68 -8.59 43.72 -33.96
N HIS F 69 -9.06 42.53 -33.60
CA HIS F 69 -9.64 42.29 -32.30
C HIS F 69 -8.61 41.77 -31.31
N THR F 70 -8.80 42.11 -30.04
CA THR F 70 -8.06 41.50 -28.95
C THR F 70 -8.72 40.18 -28.59
N PHE F 71 -7.90 39.18 -28.26
CA PHE F 71 -8.41 37.83 -28.00
C PHE F 71 -7.75 37.31 -26.74
N VAL F 72 -8.56 37.04 -25.71
CA VAL F 72 -8.07 36.61 -24.40
C VAL F 72 -8.66 35.24 -24.08
N VAL F 73 -7.78 34.29 -23.74
CA VAL F 73 -8.18 32.94 -23.39
C VAL F 73 -7.66 32.62 -21.99
N THR F 74 -8.57 32.15 -21.12
CA THR F 74 -8.20 31.73 -19.77
C THR F 74 -9.15 30.62 -19.35
N SER F 75 -8.69 29.80 -18.40
CA SER F 75 -9.54 28.80 -17.77
C SER F 75 -9.93 29.20 -16.36
N ASP F 76 -9.45 30.35 -15.88
CA ASP F 76 -9.69 30.84 -14.53
C ASP F 76 -10.99 31.63 -14.54
N LYS F 77 -12.08 31.00 -14.11
CA LYS F 77 -13.41 31.54 -14.30
C LYS F 77 -14.23 31.67 -13.01
N ASP F 78 -13.89 30.94 -11.96
CA ASP F 78 -14.64 31.00 -10.71
C ASP F 78 -13.92 31.95 -9.75
N GLY F 79 -14.70 32.80 -9.09
CA GLY F 79 -14.14 33.74 -8.14
C GLY F 79 -14.18 35.17 -8.64
N PRO F 80 -14.23 36.15 -7.73
CA PRO F 80 -14.16 37.55 -8.16
C PRO F 80 -12.76 38.00 -8.53
N ASP F 81 -11.73 37.33 -8.02
CA ASP F 81 -10.34 37.61 -8.36
C ASP F 81 -9.93 36.83 -9.60
N SER F 82 -10.85 36.07 -10.17
CA SER F 82 -10.54 35.27 -11.35
C SER F 82 -10.14 36.17 -12.51
N VAL F 83 -9.27 35.65 -13.37
CA VAL F 83 -8.93 36.38 -14.58
C VAL F 83 -10.19 36.67 -15.38
N PHE F 84 -11.19 35.80 -15.30
CA PHE F 84 -12.43 36.04 -16.04
C PHE F 84 -13.13 37.29 -15.54
N GLU F 85 -13.35 37.40 -14.22
CA GLU F 85 -14.07 38.56 -13.70
C GLU F 85 -13.31 39.85 -13.95
N ARG F 86 -11.97 39.81 -13.94
CA ARG F 86 -11.21 41.03 -14.16
C ARG F 86 -11.31 41.49 -15.62
N GLU F 87 -11.30 40.56 -16.56
CA GLU F 87 -11.31 40.89 -18.01
C GLU F 87 -12.73 41.16 -18.52
N LEU F 88 -13.75 40.77 -17.79
CA LEU F 88 -15.17 40.89 -18.22
C LEU F 88 -15.61 42.35 -18.27
N VAL F 89 -15.00 43.22 -17.47
CA VAL F 89 -15.43 44.64 -17.32
C VAL F 89 -15.34 45.42 -18.64
N ASP F 90 -14.55 45.00 -19.63
CA ASP F 90 -14.53 45.67 -20.93
C ASP F 90 -14.58 44.71 -22.11
N ALA F 91 -15.02 43.47 -21.92
CA ALA F 91 -15.14 42.53 -23.04
C ALA F 91 -16.37 42.86 -23.88
N ASP F 92 -16.19 42.86 -25.21
CA ASP F 92 -17.33 43.03 -26.11
C ASP F 92 -18.03 41.71 -26.39
N VAL F 93 -17.29 40.61 -26.42
CA VAL F 93 -17.85 39.27 -26.58
C VAL F 93 -17.28 38.39 -25.48
N VAL F 94 -18.11 37.53 -24.92
CA VAL F 94 -17.68 36.51 -23.96
C VAL F 94 -18.08 35.16 -24.52
N ILE F 95 -17.10 34.26 -24.63
CA ILE F 95 -17.34 32.89 -25.09
C ILE F 95 -16.95 31.93 -23.97
N SER F 96 -17.82 30.96 -23.69
CA SER F 96 -17.46 29.83 -22.85
C SER F 96 -18.29 28.65 -23.31
N GLN F 97 -17.86 27.46 -22.91
CA GLN F 97 -18.56 26.23 -23.26
C GLN F 97 -19.30 25.72 -22.04
N PRO F 98 -20.49 25.11 -22.21
CA PRO F 98 -21.20 24.57 -21.04
C PRO F 98 -20.34 23.69 -20.14
N PHE F 99 -19.35 23.01 -20.69
CA PHE F 99 -18.55 22.03 -19.95
C PHE F 99 -17.57 22.68 -18.98
N TRP F 100 -17.26 23.95 -19.19
CA TRP F 100 -16.43 24.73 -18.26
C TRP F 100 -16.97 26.15 -18.34
N PRO F 101 -18.13 26.40 -17.71
CA PRO F 101 -18.92 27.58 -18.06
C PRO F 101 -18.54 28.84 -17.29
N ALA F 102 -18.39 29.95 -18.02
CA ALA F 102 -18.20 31.25 -17.39
C ALA F 102 -19.59 31.74 -16.98
N TYR F 103 -19.92 31.55 -15.71
CA TYR F 103 -21.25 31.93 -15.23
C TYR F 103 -21.40 33.43 -15.35
N LEU F 104 -22.34 33.86 -16.20
CA LEU F 104 -22.66 35.26 -16.34
C LEU F 104 -23.86 35.53 -15.43
N THR F 105 -23.52 35.75 -14.16
CA THR F 105 -24.53 36.02 -13.14
C THR F 105 -24.97 37.47 -13.29
N PRO F 106 -26.19 37.84 -12.85
CA PRO F 106 -26.64 39.22 -12.91
C PRO F 106 -25.57 40.24 -12.50
N GLU F 107 -24.80 39.93 -11.46
CA GLU F 107 -23.76 40.86 -10.95
C GLU F 107 -22.62 40.98 -11.96
N ARG F 108 -22.24 39.87 -12.59
CA ARG F 108 -21.11 39.89 -13.55
C ARG F 108 -21.59 40.56 -14.84
N ILE F 109 -22.83 40.29 -15.24
CA ILE F 109 -23.39 40.93 -16.45
C ILE F 109 -23.37 42.42 -16.14
N ALA F 110 -23.73 42.84 -14.93
CA ALA F 110 -23.74 44.26 -14.51
C ALA F 110 -22.33 44.86 -14.59
N LYS F 111 -21.29 44.14 -14.20
CA LYS F 111 -19.92 44.63 -14.24
C LYS F 111 -19.37 44.74 -15.67
N ALA F 112 -19.97 44.01 -16.59
CA ALA F 112 -19.53 44.01 -18.00
C ALA F 112 -20.15 45.20 -18.71
N LYS F 113 -19.42 46.30 -18.79
CA LYS F 113 -19.99 47.55 -19.35
C LYS F 113 -19.92 47.57 -20.87
N ASN F 114 -19.15 46.67 -21.48
CA ASN F 114 -18.98 46.68 -22.95
C ASN F 114 -19.62 45.43 -23.55
N LEU F 115 -20.18 44.56 -22.72
CA LEU F 115 -20.71 43.26 -23.23
C LEU F 115 -21.87 43.46 -24.19
N LYS F 116 -21.81 42.82 -25.35
CA LYS F 116 -22.86 42.89 -26.39
C LYS F 116 -23.14 41.52 -27.01
N LEU F 117 -22.35 40.49 -26.68
CA LEU F 117 -22.59 39.13 -27.17
C LEU F 117 -22.10 38.12 -26.14
N ALA F 118 -22.92 37.15 -25.78
CA ALA F 118 -22.53 36.02 -24.95
C ALA F 118 -22.70 34.76 -25.79
N LEU F 119 -21.60 34.09 -26.12
CA LEU F 119 -21.60 33.06 -27.15
C LEU F 119 -21.29 31.72 -26.51
N THR F 120 -22.25 30.80 -26.58
CA THR F 120 -22.11 29.48 -26.00
C THR F 120 -21.53 28.55 -27.05
N ALA F 121 -20.28 28.15 -26.87
CA ALA F 121 -19.66 27.13 -27.71
C ALA F 121 -20.19 25.78 -27.21
N GLY F 122 -21.36 25.41 -27.73
CA GLY F 122 -22.10 24.25 -27.26
C GLY F 122 -23.58 24.55 -27.36
N ILE F 123 -24.38 23.84 -26.57
CA ILE F 123 -25.83 24.03 -26.57
C ILE F 123 -26.30 24.25 -25.15
N GLY F 124 -27.21 25.21 -24.98
CA GLY F 124 -27.74 25.52 -23.67
C GLY F 124 -26.99 26.67 -23.01
N SER F 125 -27.67 27.80 -22.81
CA SER F 125 -27.07 29.01 -22.30
C SER F 125 -27.53 29.34 -20.88
N ASP F 126 -27.83 28.30 -20.10
CA ASP F 126 -28.36 28.49 -18.75
C ASP F 126 -27.37 29.10 -17.78
N HIS F 127 -26.08 29.16 -18.16
CA HIS F 127 -25.06 29.83 -17.35
C HIS F 127 -25.02 31.34 -17.57
N VAL F 128 -25.78 31.83 -18.55
CA VAL F 128 -25.93 33.26 -18.79
C VAL F 128 -27.30 33.61 -18.25
N ASP F 129 -27.43 34.54 -17.30
CA ASP F 129 -28.75 34.87 -16.72
C ASP F 129 -29.63 35.43 -17.82
N LEU F 130 -30.71 34.73 -18.18
CA LEU F 130 -31.59 35.12 -19.31
C LEU F 130 -32.26 36.45 -19.03
N GLN F 131 -32.54 36.78 -17.79
CA GLN F 131 -33.27 38.01 -17.44
C GLN F 131 -32.37 39.23 -17.57
N SER F 132 -31.11 39.20 -17.16
CA SER F 132 -30.19 40.32 -17.34
C SER F 132 -29.83 40.53 -18.80
N ALA F 133 -29.66 39.44 -19.55
CA ALA F 133 -29.38 39.56 -20.97
C ALA F 133 -30.56 40.22 -21.68
N ILE F 134 -31.79 39.84 -21.31
CA ILE F 134 -32.96 40.50 -21.84
C ILE F 134 -32.98 41.96 -21.41
N ASP F 135 -32.72 42.19 -20.12
CA ASP F 135 -32.74 43.55 -19.61
C ASP F 135 -31.75 44.43 -20.36
N ARG F 136 -30.49 44.00 -20.43
CA ARG F 136 -29.40 44.85 -20.86
C ARG F 136 -29.26 44.92 -22.37
N GLY F 137 -30.11 44.23 -23.13
CA GLY F 137 -30.05 44.29 -24.58
C GLY F 137 -28.98 43.42 -25.21
N ILE F 138 -28.29 42.61 -24.40
CA ILE F 138 -27.24 41.74 -24.88
C ILE F 138 -27.78 40.69 -25.83
N THR F 139 -26.98 40.34 -26.84
CA THR F 139 -27.28 39.23 -27.73
C THR F 139 -26.75 37.94 -27.13
N VAL F 140 -27.56 36.87 -27.18
CA VAL F 140 -27.18 35.56 -26.66
C VAL F 140 -27.41 34.51 -27.73
N ALA F 141 -26.34 33.77 -28.07
CA ALA F 141 -26.41 32.78 -29.13
C ALA F 141 -25.66 31.52 -28.72
N GLU F 142 -26.06 30.41 -29.33
CA GLU F 142 -25.45 29.10 -29.09
C GLU F 142 -25.44 28.36 -30.42
N VAL F 143 -24.60 27.32 -30.49
CA VAL F 143 -24.38 26.60 -31.75
C VAL F 143 -25.38 25.45 -31.79
N THR F 144 -26.57 25.72 -32.30
CA THR F 144 -27.66 24.72 -32.30
C THR F 144 -27.32 23.48 -33.13
N TYR F 145 -27.66 22.28 -32.61
CA TYR F 145 -27.45 20.98 -33.29
C TYR F 145 -25.97 20.54 -33.25
N CYS F 146 -25.06 21.41 -32.80
CA CYS F 146 -23.61 21.10 -32.83
C CYS F 146 -23.35 19.74 -32.19
N ASN F 147 -24.03 19.43 -31.10
CA ASN F 147 -23.68 18.18 -30.44
C ASN F 147 -24.91 17.42 -29.95
N SER F 148 -26.08 17.67 -30.56
CA SER F 148 -27.28 16.95 -30.14
C SER F 148 -27.14 15.45 -30.39
N ILE F 149 -26.49 15.07 -31.49
CA ILE F 149 -26.28 13.66 -31.78
C ILE F 149 -25.22 13.07 -30.88
N SER F 150 -24.19 13.84 -30.54
CA SER F 150 -23.18 13.36 -29.61
C SER F 150 -23.81 12.98 -28.27
N VAL F 151 -24.72 13.83 -27.78
CA VAL F 151 -25.36 13.57 -26.50
C VAL F 151 -26.30 12.38 -26.59
N ALA F 152 -27.01 12.23 -27.71
CA ALA F 152 -27.94 11.11 -27.86
C ALA F 152 -27.21 9.78 -27.75
N GLU F 153 -26.00 9.70 -28.28
CA GLU F 153 -25.23 8.47 -28.12
C GLU F 153 -24.88 8.24 -26.67
N HIS F 154 -24.47 9.31 -25.99
CA HIS F 154 -24.16 9.23 -24.56
C HIS F 154 -25.37 8.76 -23.75
N VAL F 155 -26.56 9.21 -24.12
CA VAL F 155 -27.76 8.84 -23.38
C VAL F 155 -27.99 7.34 -23.47
N VAL F 156 -28.02 6.81 -24.70
CA VAL F 156 -28.25 5.39 -24.91
C VAL F 156 -27.16 4.57 -24.24
N MET F 157 -25.91 5.03 -24.31
CA MET F 157 -24.84 4.35 -23.61
C MET F 157 -25.13 4.24 -22.12
N MET F 158 -25.64 5.32 -21.52
CA MET F 158 -25.86 5.33 -20.08
C MET F 158 -27.13 4.60 -19.66
N ILE F 159 -28.18 4.65 -20.48
CA ILE F 159 -29.34 3.81 -20.20
C ILE F 159 -28.89 2.37 -20.06
N LEU F 160 -28.18 1.87 -21.06
CA LEU F 160 -27.68 0.50 -21.02
C LEU F 160 -26.75 0.29 -19.82
N GLY F 161 -25.85 1.23 -19.58
CA GLY F 161 -24.92 1.09 -18.47
C GLY F 161 -25.62 0.92 -17.14
N LEU F 162 -26.72 1.63 -16.95
CA LEU F 162 -27.47 1.56 -15.70
C LEU F 162 -28.29 0.27 -15.59
N VAL F 163 -29.00 -0.08 -16.66
CA VAL F 163 -29.86 -1.27 -16.62
C VAL F 163 -29.02 -2.53 -16.50
N ARG F 164 -27.90 -2.62 -17.21
CA ARG F 164 -27.04 -3.82 -17.23
C ARG F 164 -26.06 -3.79 -16.05
N ASN F 165 -25.88 -2.65 -15.43
CA ASN F 165 -24.99 -2.47 -14.24
C ASN F 165 -23.55 -2.33 -14.70
N TYR F 166 -23.27 -1.79 -15.89
CA TYR F 166 -21.89 -1.73 -16.44
C TYR F 166 -20.85 -1.16 -15.48
N ILE F 167 -21.12 -0.08 -14.75
CA ILE F 167 -20.06 0.60 -13.96
C ILE F 167 -19.60 -0.31 -12.83
N PRO F 168 -20.46 -0.78 -11.91
CA PRO F 168 -20.01 -1.72 -10.88
C PRO F 168 -19.34 -3.00 -11.38
N SER F 169 -19.76 -3.56 -12.51
CA SER F 169 -19.17 -4.78 -13.05
C SER F 169 -17.75 -4.53 -13.50
N HIS F 170 -17.49 -3.41 -14.17
CA HIS F 170 -16.14 -3.11 -14.60
C HIS F 170 -15.20 -2.92 -13.41
N ASP F 171 -15.71 -2.34 -12.32
CA ASP F 171 -14.89 -2.22 -11.11
C ASP F 171 -14.43 -3.60 -10.65
N TRP F 172 -15.31 -4.59 -10.73
CA TRP F 172 -14.94 -5.96 -10.35
C TRP F 172 -13.87 -6.52 -11.28
N ALA F 173 -13.99 -6.27 -12.58
CA ALA F 173 -12.96 -6.70 -13.51
C ALA F 173 -11.66 -5.98 -13.20
N ARG F 174 -11.71 -4.65 -13.09
CA ARG F 174 -10.51 -3.87 -12.82
C ARG F 174 -9.84 -4.33 -11.53
N LYS F 175 -10.62 -4.60 -10.50
CA LYS F 175 -10.09 -4.83 -9.16
C LYS F 175 -9.48 -6.22 -8.98
N GLY F 176 -9.59 -7.11 -9.97
CA GLY F 176 -9.07 -8.45 -9.84
C GLY F 176 -10.09 -9.51 -9.49
N GLY F 177 -11.38 -9.19 -9.59
CA GLY F 177 -12.43 -10.08 -9.16
C GLY F 177 -13.10 -10.80 -10.32
N TRP F 178 -14.18 -11.49 -9.98
CA TRP F 178 -15.06 -12.13 -10.95
C TRP F 178 -16.48 -11.77 -10.57
N ASN F 179 -17.01 -12.45 -9.55
CA ASN F 179 -18.16 -11.98 -8.79
C ASN F 179 -19.40 -11.80 -9.69
N ILE F 180 -19.74 -12.87 -10.40
CA ILE F 180 -20.85 -12.80 -11.34
C ILE F 180 -22.14 -12.41 -10.60
N ALA F 181 -22.47 -13.14 -9.53
CA ALA F 181 -23.73 -12.88 -8.84
C ALA F 181 -23.78 -11.47 -8.28
N ASP F 182 -22.64 -10.95 -7.80
CA ASP F 182 -22.62 -9.57 -7.31
C ASP F 182 -22.92 -8.58 -8.43
N CYS F 183 -22.46 -8.89 -9.63
CA CYS F 183 -22.67 -8.00 -10.77
C CYS F 183 -24.13 -8.02 -11.19
N VAL F 184 -24.69 -9.21 -11.39
CA VAL F 184 -25.97 -9.35 -12.08
C VAL F 184 -27.17 -9.38 -11.15
N GLU F 185 -26.96 -9.39 -9.83
CA GLU F 185 -28.11 -9.24 -8.95
C GLU F 185 -28.78 -7.89 -9.12
N HIS F 186 -28.18 -7.00 -9.91
CA HIS F 186 -28.72 -5.69 -10.25
C HIS F 186 -28.59 -5.46 -11.75
N SER F 187 -28.62 -6.54 -12.54
CA SER F 187 -28.42 -6.47 -13.99
C SER F 187 -29.66 -7.00 -14.69
N TYR F 188 -30.23 -6.18 -15.56
CA TYR F 188 -31.42 -6.52 -16.32
C TYR F 188 -31.16 -6.23 -17.79
N ASP F 189 -31.91 -6.91 -18.66
CA ASP F 189 -31.97 -6.50 -20.05
C ASP F 189 -32.84 -5.27 -20.18
N LEU F 190 -32.53 -4.45 -21.19
CA LEU F 190 -33.41 -3.33 -21.53
C LEU F 190 -34.60 -3.81 -22.37
N GLU F 191 -34.43 -4.90 -23.10
CA GLU F 191 -35.47 -5.41 -23.99
C GLU F 191 -36.80 -5.53 -23.25
N GLY F 192 -37.84 -4.96 -23.85
CA GLY F 192 -39.18 -5.05 -23.32
C GLY F 192 -39.55 -3.96 -22.33
N MET F 193 -38.57 -3.23 -21.82
CA MET F 193 -38.82 -2.17 -20.88
C MET F 193 -39.51 -1.00 -21.57
N THR F 194 -40.06 -0.10 -20.77
CA THR F 194 -40.67 1.13 -21.27
C THR F 194 -39.74 2.29 -20.99
N VAL F 195 -39.42 3.06 -22.03
CA VAL F 195 -38.52 4.20 -21.93
C VAL F 195 -39.29 5.46 -22.28
N GLY F 196 -39.15 6.48 -21.45
CA GLY F 196 -39.81 7.76 -21.67
C GLY F 196 -38.83 8.91 -21.71
N SER F 197 -39.00 9.79 -22.68
CA SER F 197 -38.15 10.96 -22.82
C SER F 197 -38.92 12.22 -22.45
N VAL F 198 -38.35 13.03 -21.58
CA VAL F 198 -38.82 14.40 -21.39
C VAL F 198 -38.12 15.23 -22.46
N GLY F 199 -38.86 15.56 -23.52
CA GLY F 199 -38.27 16.26 -24.65
C GLY F 199 -37.98 15.33 -25.80
N ALA F 200 -38.56 15.64 -26.96
CA ALA F 200 -38.26 14.96 -28.21
C ALA F 200 -37.71 15.94 -29.23
N GLY F 201 -36.87 16.85 -28.77
CA GLY F 201 -36.22 17.80 -29.64
C GLY F 201 -35.12 17.13 -30.42
N ARG F 202 -34.02 17.87 -30.65
CA ARG F 202 -32.90 17.33 -31.40
C ARG F 202 -32.21 16.21 -30.64
N ILE F 203 -32.01 16.38 -29.33
CA ILE F 203 -31.46 15.28 -28.53
C ILE F 203 -32.51 14.21 -28.32
N GLY F 204 -33.70 14.62 -27.89
CA GLY F 204 -34.71 13.65 -27.52
C GLY F 204 -35.06 12.72 -28.66
N LEU F 205 -35.31 13.27 -29.85
CA LEU F 205 -35.74 12.43 -30.95
C LEU F 205 -34.62 11.53 -31.46
N ALA F 206 -33.37 11.98 -31.41
CA ALA F 206 -32.27 11.09 -31.78
C ALA F 206 -32.18 9.91 -30.81
N VAL F 207 -32.39 10.16 -29.52
CA VAL F 207 -32.41 9.07 -28.55
C VAL F 207 -33.54 8.09 -28.88
N LEU F 208 -34.71 8.61 -29.24
CA LEU F 208 -35.85 7.74 -29.49
C LEU F 208 -35.65 6.92 -30.75
N ARG F 209 -35.07 7.53 -31.79
CA ARG F 209 -34.74 6.76 -32.99
C ARG F 209 -33.73 5.66 -32.68
N ARG F 210 -32.78 5.95 -31.79
CA ARG F 210 -31.73 4.98 -31.50
C ARG F 210 -32.22 3.86 -30.59
N LEU F 211 -33.22 4.13 -29.75
CA LEU F 211 -33.75 3.10 -28.87
C LEU F 211 -34.76 2.20 -29.56
N ALA F 212 -35.37 2.68 -30.65
CA ALA F 212 -36.42 1.90 -31.31
C ALA F 212 -36.03 0.46 -31.54
N PRO F 213 -34.89 0.13 -32.17
CA PRO F 213 -34.60 -1.28 -32.45
C PRO F 213 -34.26 -2.10 -31.21
N PHE F 214 -34.19 -1.50 -30.03
CA PHE F 214 -33.99 -2.28 -28.82
C PHE F 214 -35.26 -2.94 -28.32
N ASP F 215 -36.36 -2.78 -29.04
CA ASP F 215 -37.63 -3.41 -28.66
C ASP F 215 -38.08 -2.97 -27.27
N VAL F 216 -38.07 -1.66 -27.07
CA VAL F 216 -38.62 -1.03 -25.88
C VAL F 216 -39.89 -0.29 -26.27
N LYS F 217 -40.74 -0.03 -25.27
CA LYS F 217 -41.90 0.82 -25.46
C LYS F 217 -41.47 2.27 -25.27
N LEU F 218 -41.80 3.14 -26.24
CA LEU F 218 -41.21 4.47 -26.32
C LEU F 218 -42.30 5.51 -26.03
N HIS F 219 -42.16 6.21 -24.91
CA HIS F 219 -43.07 7.28 -24.51
C HIS F 219 -42.32 8.61 -24.50
N TYR F 220 -43.07 9.71 -24.61
CA TYR F 220 -42.43 11.03 -24.56
C TYR F 220 -43.45 12.11 -24.21
N THR F 221 -42.92 13.28 -23.84
CA THR F 221 -43.74 14.44 -23.54
C THR F 221 -42.95 15.71 -23.84
N GLN F 222 -43.70 16.79 -24.06
CA GLN F 222 -43.13 18.13 -24.18
C GLN F 222 -44.31 19.09 -24.33
N ARG F 223 -44.04 20.37 -24.54
CA ARG F 223 -45.14 21.33 -24.59
C ARG F 223 -45.98 21.14 -25.84
N HIS F 224 -45.33 20.88 -26.98
CA HIS F 224 -46.02 20.71 -28.27
C HIS F 224 -45.76 19.32 -28.82
N ARG F 225 -46.84 18.58 -29.09
CA ARG F 225 -46.76 17.22 -29.61
C ARG F 225 -46.14 17.20 -31.01
N LEU F 226 -45.54 16.06 -31.36
CA LEU F 226 -44.91 15.86 -32.65
C LEU F 226 -45.95 15.52 -33.72
N PRO F 227 -45.60 15.66 -35.00
CA PRO F 227 -46.52 15.20 -36.05
C PRO F 227 -46.85 13.73 -35.82
N GLU F 228 -48.14 13.40 -35.92
CA GLU F 228 -48.55 11.99 -35.84
C GLU F 228 -47.63 11.12 -36.71
N ALA F 229 -47.23 11.61 -37.88
CA ALA F 229 -46.37 10.83 -38.77
C ALA F 229 -45.08 10.39 -38.07
N VAL F 230 -44.39 11.32 -37.40
CA VAL F 230 -43.19 10.93 -36.67
C VAL F 230 -43.54 9.91 -35.60
N GLU F 231 -44.66 10.09 -34.91
CA GLU F 231 -45.04 9.17 -33.82
C GLU F 231 -45.29 7.76 -34.36
N LYS F 232 -45.87 7.62 -35.54
CA LYS F 232 -46.22 6.29 -36.10
C LYS F 232 -44.94 5.54 -36.51
N GLU F 233 -43.94 6.26 -36.97
CA GLU F 233 -42.67 5.66 -37.44
C GLU F 233 -41.99 4.91 -36.30
N LEU F 234 -41.78 5.57 -35.16
CA LEU F 234 -41.03 5.00 -34.01
C LEU F 234 -41.99 4.32 -33.04
N GLY F 235 -43.30 4.48 -33.22
CA GLY F 235 -44.30 3.90 -32.30
C GLY F 235 -44.32 4.67 -31.01
N LEU F 236 -44.24 5.98 -31.09
CA LEU F 236 -44.14 6.87 -29.91
C LEU F 236 -45.50 6.97 -29.22
N VAL F 237 -45.52 6.96 -27.90
CA VAL F 237 -46.72 7.14 -27.11
C VAL F 237 -46.62 8.48 -26.39
N TRP F 238 -47.57 9.36 -26.65
CA TRP F 238 -47.57 10.74 -26.20
C TRP F 238 -48.27 10.91 -24.85
N HIS F 239 -47.79 11.89 -24.08
CA HIS F 239 -48.37 12.24 -22.79
C HIS F 239 -48.46 13.75 -22.65
N ASP F 240 -49.60 14.23 -22.14
CA ASP F 240 -49.83 15.67 -22.02
C ASP F 240 -48.81 16.33 -21.09
N THR F 241 -48.51 15.67 -19.97
CA THR F 241 -47.69 16.24 -18.92
C THR F 241 -46.60 15.24 -18.56
N ARG F 242 -45.55 15.74 -17.90
CA ARG F 242 -44.52 14.83 -17.40
C ARG F 242 -45.10 13.91 -16.35
N GLU F 243 -45.82 14.47 -15.38
CA GLU F 243 -46.36 13.70 -14.28
C GLU F 243 -47.29 12.60 -14.78
N ASP F 244 -47.90 12.79 -15.95
CA ASP F 244 -48.70 11.74 -16.57
C ASP F 244 -47.84 10.58 -17.06
N MET F 245 -46.57 10.84 -17.39
CA MET F 245 -45.73 9.86 -18.05
C MET F 245 -44.94 8.98 -17.10
N TYR F 246 -44.38 9.57 -16.06
CA TYR F 246 -43.44 8.86 -15.20
C TYR F 246 -43.90 7.48 -14.72
N PRO F 247 -45.17 7.28 -14.32
CA PRO F 247 -45.55 5.96 -13.77
C PRO F 247 -45.47 4.82 -14.77
N HIS F 248 -45.45 5.12 -16.07
CA HIS F 248 -45.40 4.07 -17.08
C HIS F 248 -43.98 3.60 -17.34
N CYS F 249 -42.98 4.38 -16.94
CA CYS F 249 -41.64 4.31 -17.49
C CYS F 249 -40.73 3.47 -16.59
N ASP F 250 -40.05 2.49 -17.20
CA ASP F 250 -38.96 1.80 -16.52
C ASP F 250 -37.69 2.65 -16.53
N VAL F 251 -37.51 3.43 -17.58
CA VAL F 251 -36.38 4.33 -17.76
C VAL F 251 -36.95 5.67 -18.18
N VAL F 252 -36.43 6.75 -17.61
CA VAL F 252 -36.79 8.10 -18.04
C VAL F 252 -35.50 8.85 -18.31
N THR F 253 -35.43 9.50 -19.47
CA THR F 253 -34.28 10.31 -19.85
C THR F 253 -34.74 11.74 -20.08
N LEU F 254 -33.96 12.69 -19.60
CA LEU F 254 -34.31 14.11 -19.66
C LEU F 254 -33.54 14.78 -20.78
N ASN F 255 -34.25 15.51 -21.64
CA ASN F 255 -33.66 16.08 -22.84
C ASN F 255 -34.32 17.42 -23.16
N VAL F 256 -34.44 18.26 -22.15
CA VAL F 256 -35.03 19.59 -22.30
C VAL F 256 -34.07 20.61 -21.74
N PRO F 257 -34.18 21.87 -22.16
CA PRO F 257 -33.30 22.91 -21.63
C PRO F 257 -33.67 23.29 -20.20
N LEU F 258 -32.74 24.00 -19.57
CA LEU F 258 -32.92 24.43 -18.18
C LEU F 258 -33.56 25.82 -18.20
N HIS F 259 -34.84 25.87 -17.82
CA HIS F 259 -35.52 27.11 -17.53
C HIS F 259 -36.19 27.05 -16.17
N PRO F 260 -36.86 28.13 -15.75
CA PRO F 260 -37.77 28.01 -14.61
C PRO F 260 -38.84 26.96 -14.81
N GLU F 261 -39.37 26.80 -16.03
CA GLU F 261 -40.41 25.79 -16.21
C GLU F 261 -39.88 24.37 -16.04
N THR F 262 -38.55 24.18 -16.12
CA THR F 262 -37.95 22.86 -16.00
C THR F 262 -37.04 22.69 -14.79
N GLU F 263 -36.69 23.77 -14.10
CA GLU F 263 -35.72 23.64 -13.01
C GLU F 263 -36.30 22.77 -11.89
N HIS F 264 -35.49 21.81 -11.44
CA HIS F 264 -35.87 20.87 -10.39
C HIS F 264 -37.19 20.17 -10.70
N MET F 265 -37.42 19.85 -11.96
CA MET F 265 -38.61 19.09 -12.30
C MET F 265 -38.59 17.69 -11.70
N ILE F 266 -37.42 17.21 -11.30
CA ILE F 266 -37.27 15.96 -10.56
C ILE F 266 -36.93 16.32 -9.13
N ASN F 267 -37.82 15.98 -8.20
CA ASN F 267 -37.68 16.35 -6.81
C ASN F 267 -38.35 15.28 -5.97
N ASP F 268 -38.29 15.42 -4.65
CA ASP F 268 -38.89 14.39 -3.80
C ASP F 268 -40.35 14.20 -4.14
N GLU F 269 -41.02 15.25 -4.62
CA GLU F 269 -42.44 15.16 -4.95
C GLU F 269 -42.66 14.37 -6.23
N THR F 270 -42.09 14.84 -7.35
CA THR F 270 -42.27 14.16 -8.62
C THR F 270 -41.72 12.73 -8.57
N LEU F 271 -40.69 12.50 -7.77
CA LEU F 271 -40.07 11.18 -7.71
C LEU F 271 -41.02 10.12 -7.16
N LYS F 272 -42.02 10.51 -6.37
CA LYS F 272 -42.98 9.54 -5.85
C LYS F 272 -43.84 8.93 -6.95
N LEU F 273 -43.87 9.54 -8.14
CA LEU F 273 -44.66 9.05 -9.27
C LEU F 273 -43.99 7.91 -10.03
N PHE F 274 -42.72 7.63 -9.75
CA PHE F 274 -41.95 6.66 -10.52
C PHE F 274 -42.17 5.25 -10.03
N LYS F 275 -42.00 4.28 -10.93
CA LYS F 275 -42.02 2.90 -10.51
C LYS F 275 -40.86 2.63 -9.56
N ARG F 276 -41.02 1.61 -8.73
CA ARG F 276 -39.91 1.18 -7.89
C ARG F 276 -38.80 0.62 -8.77
N GLY F 277 -37.57 1.01 -8.49
CA GLY F 277 -36.47 0.58 -9.34
C GLY F 277 -36.43 1.29 -10.66
N ALA F 278 -36.91 2.53 -10.73
CA ALA F 278 -36.82 3.27 -11.96
C ALA F 278 -35.38 3.71 -12.20
N TYR F 279 -35.06 3.98 -13.47
CA TYR F 279 -33.77 4.50 -13.87
C TYR F 279 -33.99 5.88 -14.47
N ILE F 280 -33.12 6.82 -14.11
CA ILE F 280 -33.12 8.17 -14.69
C ILE F 280 -31.76 8.41 -15.32
N VAL F 281 -31.75 8.87 -16.57
CA VAL F 281 -30.55 9.35 -17.23
C VAL F 281 -30.75 10.82 -17.54
N ASN F 282 -29.85 11.67 -17.06
CA ASN F 282 -29.96 13.12 -17.25
C ASN F 282 -28.69 13.66 -17.88
N THR F 283 -28.74 13.89 -19.19
CA THR F 283 -27.64 14.49 -19.93
C THR F 283 -27.94 15.93 -20.36
N ALA F 284 -28.94 16.56 -19.76
CA ALA F 284 -29.38 17.88 -20.18
C ALA F 284 -28.75 19.01 -19.37
N ARG F 285 -29.14 19.13 -18.11
CA ARG F 285 -28.56 20.10 -17.19
C ARG F 285 -28.76 19.56 -15.78
N GLY F 286 -27.79 19.84 -14.91
CA GLY F 286 -27.81 19.25 -13.59
C GLY F 286 -29.00 19.70 -12.77
N LYS F 287 -29.40 20.97 -12.91
CA LYS F 287 -30.49 21.51 -12.11
C LYS F 287 -31.86 21.05 -12.57
N LEU F 288 -31.96 20.22 -13.62
CA LEU F 288 -33.23 19.55 -13.86
C LEU F 288 -33.61 18.64 -12.70
N ALA F 289 -32.63 18.27 -11.88
CA ALA F 289 -32.82 17.33 -10.79
C ALA F 289 -32.35 17.95 -9.49
N ASP F 290 -33.22 17.91 -8.48
CA ASP F 290 -32.83 18.30 -7.13
C ASP F 290 -31.70 17.39 -6.68
N ARG F 291 -30.54 17.97 -6.38
CA ARG F 291 -29.36 17.15 -6.11
C ARG F 291 -29.64 16.10 -5.04
N ASP F 292 -30.06 16.56 -3.86
CA ASP F 292 -30.22 15.67 -2.73
C ASP F 292 -31.44 14.77 -2.87
N ALA F 293 -32.43 15.18 -3.67
CA ALA F 293 -33.56 14.30 -3.93
C ALA F 293 -33.12 13.02 -4.64
N ILE F 294 -32.18 13.16 -5.58
CA ILE F 294 -31.66 12.00 -6.30
C ILE F 294 -30.97 11.03 -5.34
N VAL F 295 -30.10 11.55 -4.49
CA VAL F 295 -29.40 10.67 -3.54
C VAL F 295 -30.42 9.92 -2.68
N ARG F 296 -31.36 10.66 -2.09
CA ARG F 296 -32.38 10.04 -1.25
C ARG F 296 -33.16 8.97 -2.02
N ALA F 297 -33.44 9.23 -3.30
CA ALA F 297 -34.19 8.26 -4.09
C ALA F 297 -33.35 7.04 -4.42
N ILE F 298 -32.03 7.20 -4.56
CA ILE F 298 -31.18 6.02 -4.72
C ILE F 298 -31.17 5.21 -3.44
N GLU F 299 -30.95 5.88 -2.30
CA GLU F 299 -30.86 5.17 -1.04
C GLU F 299 -32.17 4.47 -0.68
N SER F 300 -33.31 5.01 -1.09
CA SER F 300 -34.57 4.38 -0.72
C SER F 300 -34.97 3.27 -1.69
N GLY F 301 -34.34 3.19 -2.86
CA GLY F 301 -34.72 2.21 -3.85
C GLY F 301 -35.77 2.69 -4.83
N GLN F 302 -36.30 3.89 -4.64
CA GLN F 302 -37.19 4.45 -5.66
C GLN F 302 -36.50 4.46 -7.01
N LEU F 303 -35.21 4.79 -7.03
CA LEU F 303 -34.38 4.76 -8.23
C LEU F 303 -33.41 3.60 -8.12
N ALA F 304 -33.31 2.81 -9.18
CA ALA F 304 -32.31 1.75 -9.28
C ALA F 304 -31.03 2.22 -9.98
N GLY F 305 -31.00 3.46 -10.44
CA GLY F 305 -29.80 4.02 -11.04
C GLY F 305 -30.02 5.45 -11.47
N TYR F 306 -28.98 6.28 -11.36
CA TYR F 306 -28.99 7.63 -11.93
C TYR F 306 -27.70 7.82 -12.70
N ALA F 307 -27.81 8.41 -13.88
CA ALA F 307 -26.64 8.61 -14.72
C ALA F 307 -26.78 9.90 -15.50
N GLY F 308 -25.66 10.57 -15.68
CA GLY F 308 -25.60 11.72 -16.55
C GLY F 308 -24.19 12.26 -16.58
N ASP F 309 -24.02 13.31 -17.37
CA ASP F 309 -22.69 13.98 -17.45
C ASP F 309 -22.86 15.43 -16.99
N VAL F 310 -24.08 15.82 -16.65
CA VAL F 310 -24.34 17.24 -16.28
C VAL F 310 -24.55 17.33 -14.76
N TRP F 311 -23.99 18.37 -14.15
CA TRP F 311 -24.07 18.56 -12.68
C TRP F 311 -24.29 20.04 -12.38
N PHE F 312 -24.32 20.41 -11.10
CA PHE F 312 -24.36 21.84 -10.69
C PHE F 312 -23.78 21.92 -9.27
N PRO F 313 -22.82 22.80 -8.97
CA PRO F 313 -22.20 23.67 -9.98
C PRO F 313 -21.19 22.96 -10.88
N GLN F 314 -20.75 23.62 -11.94
CA GLN F 314 -19.70 23.02 -12.81
C GLN F 314 -18.52 23.99 -12.88
N PRO F 315 -17.33 23.67 -12.35
CA PRO F 315 -16.97 22.33 -11.90
C PRO F 315 -17.66 21.82 -10.62
N ALA F 316 -18.06 20.54 -10.62
CA ALA F 316 -18.78 19.95 -9.47
C ALA F 316 -17.86 19.82 -8.27
N PRO F 317 -18.32 20.19 -7.07
CA PRO F 317 -17.49 20.10 -5.89
C PRO F 317 -17.01 18.65 -5.72
N LYS F 318 -15.79 18.47 -5.23
CA LYS F 318 -15.19 17.12 -5.09
C LYS F 318 -16.10 16.23 -4.26
N ASP F 319 -16.93 16.83 -3.42
CA ASP F 319 -17.80 16.06 -2.50
C ASP F 319 -19.22 16.00 -3.04
N HIS F 320 -19.42 16.36 -4.29
CA HIS F 320 -20.77 16.26 -4.90
C HIS F 320 -21.29 14.85 -4.62
N PRO F 321 -22.49 14.70 -4.03
CA PRO F 321 -22.99 13.38 -3.64
C PRO F 321 -23.21 12.38 -4.78
N TRP F 322 -23.34 12.89 -6.00
CA TRP F 322 -23.61 12.03 -7.18
C TRP F 322 -22.34 11.29 -7.58
N ARG F 323 -21.19 11.75 -7.11
CA ARG F 323 -19.92 11.12 -7.53
C ARG F 323 -19.77 9.77 -6.84
N THR F 324 -20.35 9.60 -5.65
CA THR F 324 -20.12 8.37 -4.87
C THR F 324 -21.43 7.72 -4.40
N MET F 325 -22.56 8.13 -4.93
CA MET F 325 -23.83 7.46 -4.57
C MET F 325 -23.87 6.09 -5.25
N LYS F 326 -24.67 5.18 -4.71
CA LYS F 326 -24.72 3.81 -5.26
C LYS F 326 -25.50 3.85 -6.56
N TRP F 327 -25.28 2.88 -7.45
CA TRP F 327 -26.02 2.81 -8.73
C TRP F 327 -25.85 4.13 -9.47
N GLU F 328 -24.61 4.58 -9.59
CA GLU F 328 -24.30 5.84 -10.31
C GLU F 328 -23.49 5.51 -11.56
N GLY F 329 -23.81 6.14 -12.68
CA GLY F 329 -23.02 5.98 -13.91
C GLY F 329 -22.64 7.33 -14.46
N MET F 330 -22.14 8.19 -13.60
CA MET F 330 -21.87 9.58 -14.01
C MET F 330 -20.58 9.73 -14.80
N THR F 331 -20.42 10.85 -15.50
CA THR F 331 -19.17 11.19 -16.19
C THR F 331 -19.09 12.71 -16.07
N PRO F 332 -17.92 13.36 -16.18
CA PRO F 332 -17.92 14.81 -16.17
C PRO F 332 -18.65 15.32 -17.42
N HIS F 333 -18.84 16.62 -17.54
CA HIS F 333 -19.62 17.16 -18.70
C HIS F 333 -18.79 16.96 -19.96
N ILE F 334 -18.93 15.79 -20.59
CA ILE F 334 -18.05 15.43 -21.74
C ILE F 334 -18.84 15.01 -22.97
N SER F 335 -20.15 14.78 -22.87
CA SER F 335 -20.92 14.22 -24.02
C SER F 335 -20.89 15.18 -25.19
N GLY F 336 -21.02 16.46 -24.91
CA GLY F 336 -21.13 17.45 -25.96
C GLY F 336 -19.82 18.04 -26.42
N THR F 337 -18.70 17.58 -25.86
CA THR F 337 -17.39 18.10 -26.21
C THR F 337 -16.42 16.99 -26.63
N SER F 338 -16.95 15.84 -27.06
CA SER F 338 -16.17 14.84 -27.78
C SER F 338 -15.44 15.51 -28.93
N LEU F 339 -14.33 14.92 -29.38
CA LEU F 339 -13.53 15.57 -30.41
C LEU F 339 -14.31 15.77 -31.70
N SER F 340 -15.27 14.90 -31.99
CA SER F 340 -16.10 15.07 -33.18
C SER F 340 -17.01 16.28 -33.04
N ALA F 341 -17.61 16.47 -31.87
CA ALA F 341 -18.52 17.58 -31.67
C ALA F 341 -17.76 18.90 -31.61
N GLN F 342 -16.57 18.89 -31.00
CA GLN F 342 -15.78 20.12 -30.92
C GLN F 342 -15.52 20.71 -32.29
N ALA F 343 -15.24 19.85 -33.28
CA ALA F 343 -14.98 20.35 -34.63
C ALA F 343 -16.13 21.19 -35.14
N ARG F 344 -17.34 20.71 -34.89
CA ARG F 344 -18.57 21.35 -35.42
C ARG F 344 -18.81 22.66 -34.68
N TYR F 345 -18.76 22.69 -33.34
CA TYR F 345 -19.13 23.91 -32.58
C TYR F 345 -17.96 24.89 -32.55
N ALA F 346 -16.74 24.55 -32.92
CA ALA F 346 -15.64 25.52 -33.03
C ALA F 346 -15.87 26.27 -34.34
N ALA F 347 -16.39 25.59 -35.36
CA ALA F 347 -16.75 26.23 -36.62
C ALA F 347 -17.96 27.13 -36.42
N GLY F 348 -18.98 26.62 -35.70
CA GLY F 348 -20.12 27.45 -35.37
C GLY F 348 -19.76 28.71 -34.59
N THR F 349 -18.85 28.59 -33.62
CA THR F 349 -18.41 29.78 -32.90
C THR F 349 -17.84 30.81 -33.87
N ARG F 350 -17.01 30.37 -34.82
CA ARG F 350 -16.46 31.31 -35.78
C ARG F 350 -17.52 31.85 -36.73
N GLU F 351 -18.46 31.00 -37.16
CA GLU F 351 -19.53 31.52 -38.00
C GLU F 351 -20.26 32.66 -37.29
N ILE F 352 -20.58 32.46 -36.01
CA ILE F 352 -21.35 33.46 -35.28
C ILE F 352 -20.53 34.72 -35.05
N LEU F 353 -19.25 34.57 -34.69
CA LEU F 353 -18.41 35.76 -34.52
C LEU F 353 -18.29 36.55 -35.82
N GLU F 354 -18.15 35.85 -36.95
CA GLU F 354 -18.07 36.53 -38.24
C GLU F 354 -19.35 37.31 -38.53
N CYS F 355 -20.50 36.66 -38.39
CA CYS F 355 -21.78 37.35 -38.65
C CYS F 355 -21.92 38.57 -37.75
N PHE F 356 -21.56 38.44 -36.48
CA PHE F 356 -21.68 39.54 -35.53
C PHE F 356 -20.83 40.74 -35.96
N PHE F 357 -19.55 40.52 -36.24
CA PHE F 357 -18.64 41.63 -36.52
C PHE F 357 -18.84 42.21 -37.92
N GLU F 358 -19.33 41.40 -38.86
CA GLU F 358 -19.57 41.84 -40.22
C GLU F 358 -20.97 42.39 -40.43
N GLY F 359 -21.79 42.46 -39.39
CA GLY F 359 -23.13 42.99 -39.50
C GLY F 359 -24.11 42.15 -40.25
N ARG F 360 -23.86 40.84 -40.38
CA ARG F 360 -24.86 39.94 -40.95
C ARG F 360 -25.64 39.22 -39.85
N PRO F 361 -26.90 38.86 -40.12
CA PRO F 361 -27.69 38.18 -39.10
C PRO F 361 -27.04 36.87 -38.69
N ILE F 362 -27.01 36.63 -37.39
CA ILE F 362 -26.75 35.29 -36.88
C ILE F 362 -27.96 34.43 -37.22
N ARG F 363 -27.71 33.17 -37.57
CA ARG F 363 -28.78 32.28 -37.96
C ARG F 363 -29.89 32.31 -36.91
N ASP F 364 -31.14 32.31 -37.36
CA ASP F 364 -32.25 32.33 -36.41
C ASP F 364 -32.17 31.17 -35.44
N GLU F 365 -31.81 29.98 -35.94
CA GLU F 365 -31.73 28.81 -35.07
C GLU F 365 -30.64 28.95 -34.01
N TYR F 366 -29.65 29.82 -34.22
CA TYR F 366 -28.62 30.04 -33.23
C TYR F 366 -29.05 30.99 -32.13
N LEU F 367 -30.04 31.84 -32.39
CA LEU F 367 -30.31 32.98 -31.52
C LEU F 367 -31.15 32.57 -30.32
N ILE F 368 -30.79 33.10 -29.17
CA ILE F 368 -31.55 32.95 -27.94
C ILE F 368 -32.15 34.28 -27.48
N VAL F 369 -31.30 35.33 -27.39
CA VAL F 369 -31.72 36.67 -27.02
C VAL F 369 -31.12 37.66 -28.00
N GLN F 370 -31.92 38.67 -28.41
CA GLN F 370 -31.36 39.74 -29.22
C GLN F 370 -32.22 40.99 -29.21
N GLY F 371 -31.57 42.15 -29.20
CA GLY F 371 -32.32 43.40 -29.34
C GLY F 371 -33.43 43.53 -28.34
N GLY F 372 -33.19 43.12 -27.10
CA GLY F 372 -34.11 43.29 -26.00
C GLY F 372 -35.23 42.27 -25.88
N ALA F 373 -35.10 41.06 -26.43
CA ALA F 373 -36.12 40.01 -26.24
C ALA F 373 -35.70 38.65 -26.81
N LEU F 374 -36.31 37.57 -26.34
CA LEU F 374 -36.04 36.22 -26.88
C LEU F 374 -36.13 36.28 -28.41
N ALA F 375 -35.37 35.46 -29.13
CA ALA F 375 -35.29 35.52 -30.61
C ALA F 375 -34.96 34.16 -31.20
N GLY F 376 -35.48 33.82 -32.38
CA GLY F 376 -35.20 32.55 -33.03
C GLY F 376 -35.47 31.32 -32.20
N THR F 377 -34.45 30.53 -31.88
CA THR F 377 -34.61 29.28 -31.08
C THR F 377 -35.07 29.68 -29.67
N GLY F 378 -34.70 30.87 -29.20
CA GLY F 378 -35.10 31.38 -27.88
C GLY F 378 -36.60 31.56 -27.77
N ALA F 379 -37.25 32.05 -28.82
CA ALA F 379 -38.72 32.18 -28.86
C ALA F 379 -39.32 30.84 -28.47
N LYS F 380 -38.66 29.74 -28.83
CA LYS F 380 -39.08 28.36 -28.44
C LYS F 380 -38.26 28.00 -27.21
N VAL F 381 -38.39 28.74 -26.11
CA VAL F 381 -37.58 28.53 -24.87
C VAL F 381 -37.74 27.07 -24.45
PA NAP G . -18.48 -33.41 31.03
O1A NAP G . -17.72 -34.68 30.92
O2A NAP G . -19.97 -33.44 30.88
O5B NAP G . -18.11 -32.64 32.39
C5B NAP G . -18.91 -31.49 32.79
C4B NAP G . -18.67 -31.22 34.27
O4B NAP G . -19.44 -30.08 34.75
C3B NAP G . -19.05 -32.36 35.22
O3B NAP G . -17.94 -32.73 36.02
C2B NAP G . -20.16 -31.79 36.11
O2B NAP G . -20.11 -32.38 37.39
C1B NAP G . -19.71 -30.32 36.11
N9A NAP G . -20.69 -29.38 36.59
C8A NAP G . -20.51 -28.57 37.68
N7A NAP G . -21.53 -27.78 37.91
C5A NAP G . -22.42 -28.08 36.90
C6A NAP G . -23.70 -27.59 36.58
N6A NAP G . -24.31 -26.64 37.29
N1A NAP G . -24.32 -28.13 35.51
C2A NAP G . -23.70 -29.08 34.80
N3A NAP G . -22.51 -29.62 35.00
C4A NAP G . -21.92 -29.07 36.07
O3 NAP G . -17.91 -32.39 29.93
PN NAP G . -16.45 -32.03 29.37
O1N NAP G . -16.15 -32.97 28.25
O2N NAP G . -15.49 -31.90 30.49
O5D NAP G . -16.77 -30.58 28.77
C5D NAP G . -17.34 -29.59 29.64
C4D NAP G . -17.78 -28.44 28.79
O4D NAP G . -16.61 -27.84 28.17
C3D NAP G . -18.66 -28.80 27.59
O3D NAP G . -20.01 -29.04 27.97
C2D NAP G . -18.48 -27.55 26.70
O2D NAP G . -19.33 -26.51 27.13
C1D NAP G . -17.01 -27.18 26.98
N1N NAP G . -16.12 -27.60 25.87
C2N NAP G . -15.32 -26.69 25.22
C3N NAP G . -14.51 -27.12 24.17
C7N NAP G . -13.63 -26.16 23.43
O7N NAP G . -13.46 -25.01 23.87
N7N NAP G . -13.09 -26.56 22.29
C4N NAP G . -14.48 -28.46 23.82
C5N NAP G . -15.28 -29.35 24.50
C6N NAP G . -16.09 -28.92 25.51
P2B NAP G . -21.59 -32.58 38.02
O1X NAP G . -22.66 -32.30 36.99
O2X NAP G . -21.59 -34.03 38.47
O3X NAP G . -21.68 -31.63 39.19
PA NAP H . 21.93 -29.74 35.92
O1A NAP H . 21.18 -30.10 37.18
O2A NAP H . 23.42 -29.63 35.98
O5B NAP H . 21.53 -30.76 34.75
C5B NAP H . 22.29 -30.73 33.50
C4B NAP H . 22.03 -32.03 32.77
O4B NAP H . 22.75 -32.10 31.52
C3B NAP H . 22.49 -33.28 33.53
O3B NAP H . 21.38 -34.15 33.75
C2B NAP H . 23.49 -33.98 32.60
O2B NAP H . 23.42 -35.39 32.82
C1B NAP H . 22.98 -33.46 31.27
N9A NAP H . 23.93 -33.62 30.20
C8A NAP H . 23.67 -34.35 29.06
N7A NAP H . 24.66 -34.35 28.21
C5A NAP H . 25.63 -33.58 28.83
C6A NAP H . 26.93 -33.21 28.44
N6A NAP H . 27.47 -33.59 27.28
N1A NAP H . 27.65 -32.45 29.28
C2A NAP H . 27.10 -32.08 30.44
N3A NAP H . 25.89 -32.36 30.93
C4A NAP H . 25.21 -33.13 30.06
O3 NAP H . 21.32 -28.38 35.34
PN NAP H . 19.85 -27.79 35.16
O1N NAP H . 19.46 -27.08 36.41
O2N NAP H . 18.94 -28.86 34.64
O5D NAP H . 20.13 -26.73 34.00
C5D NAP H . 20.70 -27.17 32.76
C4D NAP H . 21.06 -25.94 31.97
O4D NAP H . 19.87 -25.20 31.67
C3D NAP H . 21.96 -24.92 32.69
O3D NAP H . 23.32 -25.31 32.73
C2D NAP H . 21.69 -23.66 31.86
O2D NAP H . 22.50 -23.67 30.69
C1D NAP H . 20.21 -23.84 31.46
N1N NAP H . 19.32 -22.98 32.27
C2N NAP H . 18.52 -22.03 31.67
C3N NAP H . 17.71 -21.21 32.45
C7N NAP H . 16.84 -20.16 31.83
O7N NAP H . 16.32 -19.29 32.56
N7N NAP H . 16.62 -20.22 30.53
C4N NAP H . 17.65 -21.40 33.82
C5N NAP H . 18.43 -22.37 34.41
C6N NAP H . 19.27 -23.15 33.63
P2B NAP H . 24.80 -36.17 32.52
O1X NAP H . 25.10 -35.95 31.05
O2X NAP H . 25.91 -35.64 33.41
O3X NAP H . 24.46 -37.61 32.83
N1 AZI I . 19.82 -19.04 32.77
N2 AZI I . 19.54 -18.87 33.88
N3 AZI I . 19.26 -18.68 34.99
N1 AZI J . 31.10 -13.71 23.99
N2 AZI J . 30.49 -12.81 23.58
N3 AZI J . 29.88 -11.91 23.17
N1 AZI K . 5.51 -7.82 46.92
N2 AZI K . 6.36 -7.13 47.26
N3 AZI K . 7.23 -6.42 47.60
N1 AZI L . 4.15 -14.13 52.87
N2 AZI L . 3.34 -13.32 52.70
N3 AZI L . 2.53 -12.51 52.54
N1 AZI M . 37.68 -22.91 53.26
N2 AZI M . 37.58 -22.25 52.31
N3 AZI M . 37.48 -21.58 51.37
N1 AZI N . 20.01 -23.60 47.17
N2 AZI N . 19.63 -23.23 46.13
N3 AZI N . 19.26 -22.86 45.10
N1 AZI O . 31.18 -39.44 29.73
N2 AZI O . 31.44 -38.97 30.76
N3 AZI O . 31.70 -38.50 31.79
PA NAP P . -25.72 -18.12 -33.63
O1A NAP P . -27.12 -17.65 -33.80
O2A NAP P . -25.44 -19.57 -33.86
O5B NAP P . -24.77 -17.25 -34.56
C5B NAP P . -23.35 -17.58 -34.75
C4B NAP P . -22.90 -16.90 -36.03
O4B NAP P . -21.50 -17.14 -36.31
C3B NAP P . -23.63 -17.40 -37.28
O3B NAP P . -24.27 -16.31 -37.95
C2B NAP P . -22.52 -17.96 -38.19
O2B NAP P . -22.94 -17.79 -39.54
C1B NAP P . -21.37 -17.10 -37.72
N9A NAP P . -20.07 -17.61 -38.08
C8A NAP P . -19.15 -16.91 -38.82
N7A NAP P . -18.03 -17.55 -39.01
C5A NAP P . -18.24 -18.77 -38.36
C6A NAP P . -17.41 -19.89 -38.21
N6A NAP P . -16.19 -19.98 -38.70
N1A NAP P . -17.92 -20.93 -37.50
C2A NAP P . -19.16 -20.84 -37.00
N3A NAP P . -20.02 -19.83 -37.08
C4A NAP P . -19.49 -18.81 -37.78
O3 NAP P . -25.17 -17.74 -32.18
PN NAP P . -25.29 -16.44 -31.23
O1N NAP P . -26.51 -16.58 -30.38
O2N NAP P . -25.15 -15.21 -32.06
O5D NAP P . -24.00 -16.62 -30.33
C5D NAP P . -22.71 -16.72 -30.98
C4D NAP P . -21.69 -17.07 -29.93
O4D NAP P . -21.61 -16.01 -28.96
C3D NAP P . -22.00 -18.32 -29.07
O3D NAP P . -21.70 -19.53 -29.76
C2D NAP P . -21.10 -18.06 -27.85
O2D NAP P . -19.77 -18.45 -28.11
C1D NAP P . -21.16 -16.53 -27.72
N1N NAP P . -22.12 -16.09 -26.68
C2N NAP P . -21.72 -15.25 -25.66
C3N NAP P . -22.64 -14.87 -24.67
C7N NAP P . -22.22 -13.95 -23.57
O7N NAP P . -21.12 -13.37 -23.63
N7N NAP P . -23.03 -13.82 -22.53
C4N NAP P . -23.95 -15.30 -24.75
C5N NAP P . -24.34 -16.13 -25.78
C6N NAP P . -23.42 -16.52 -26.73
P2B NAP P . -22.43 -18.91 -40.58
O1X NAP P . -20.93 -19.08 -40.42
O2X NAP P . -22.80 -18.31 -41.92
O3X NAP P . -23.18 -20.21 -40.31
N1 AZI Q . -24.13 -17.85 -22.54
N2 AZI Q . -23.03 -17.58 -22.75
N3 AZI Q . -21.93 -17.30 -22.95
N1 AZI R . -32.16 -41.24 -20.91
N2 AZI R . -32.34 -41.22 -19.77
N3 AZI R . -32.53 -41.21 -18.63
N1 AZI S . -38.66 -11.72 -7.71
N2 AZI S . -38.66 -10.84 -8.46
N3 AZI S . -38.66 -9.95 -9.20
N1 AZI T . -8.43 -23.47 -16.51
N2 AZI T . -7.48 -24.05 -16.16
N3 AZI T . -6.55 -24.62 -15.81
N1 AZI U . -36.86 -21.02 -35.78
N2 AZI U . -37.94 -20.85 -36.16
N3 AZI U . -39.03 -20.67 -36.54
N1 AZI V . -31.67 1.85 -46.54
N2 AZI V . -31.35 1.62 -45.44
N3 AZI V . -31.04 1.39 -44.36
N1 AZI W . -24.46 5.19 -43.96
N2 AZI W . -25.41 5.53 -43.36
N3 AZI W . -26.35 5.87 -42.77
PA NAP X . 35.39 23.58 -12.60
O1A NAP X . 36.87 23.61 -12.75
O2A NAP X . 34.81 22.86 -11.43
O5B NAP X . 34.84 25.09 -12.61
C5B NAP X . 33.44 25.45 -12.32
C4B NAP X . 33.42 26.91 -11.94
O4B NAP X . 32.09 27.40 -11.67
C3B NAP X . 34.19 27.22 -10.64
O3B NAP X . 35.23 28.15 -10.93
C2B NAP X . 33.16 27.86 -9.71
O2B NAP X . 33.83 28.80 -8.88
C1B NAP X . 32.20 28.44 -10.73
N9A NAP X . 30.88 28.74 -10.23
C8A NAP X . 30.25 29.94 -10.39
N7A NAP X . 29.05 29.96 -9.86
C5A NAP X . 28.89 28.69 -9.33
C6A NAP X . 27.82 28.10 -8.62
N6A NAP X . 26.68 28.73 -8.35
N1A NAP X . 27.99 26.82 -8.22
C2A NAP X . 29.13 26.19 -8.50
N3A NAP X . 30.20 26.64 -9.15
C4A NAP X . 30.01 27.92 -9.53
O3 NAP X . 34.73 23.00 -13.95
PN NAP X . 35.00 23.16 -15.52
O1N NAP X . 36.05 22.19 -15.95
O2N NAP X . 35.21 24.61 -15.82
O5D NAP X . 33.59 22.71 -16.11
C5D NAP X . 32.42 23.44 -15.67
C4D NAP X . 31.20 22.74 -16.20
O4D NAP X . 31.22 22.76 -17.64
C3D NAP X . 31.04 21.25 -15.87
O3D NAP X . 30.59 21.02 -14.54
C2D NAP X . 30.03 20.82 -16.94
O2D NAP X . 28.71 21.14 -16.51
C1D NAP X . 30.42 21.70 -18.14
N1N NAP X . 31.16 20.93 -19.15
C2N NAP X . 30.70 20.83 -20.44
C3N NAP X . 31.40 20.07 -21.39
C7N NAP X . 30.93 19.95 -22.80
O7N NAP X . 31.51 19.18 -23.58
N7N NAP X . 29.90 20.70 -23.18
C4N NAP X . 32.59 19.45 -21.03
C5N NAP X . 33.05 19.56 -19.73
C6N NAP X . 32.33 20.29 -18.81
P2B NAP X . 33.12 28.99 -7.45
O1X NAP X . 32.98 27.65 -6.75
O2X NAP X . 34.06 29.93 -6.70
O3X NAP X . 31.79 29.64 -7.74
PA NAP Y . 18.77 31.43 7.87
O1A NAP Y . 18.36 32.74 8.45
O2A NAP Y . 18.67 31.25 6.39
O5B NAP Y . 20.27 31.08 8.33
C5B NAP Y . 20.90 29.93 7.71
C4B NAP Y . 22.39 30.07 7.82
O4B NAP Y . 23.00 28.91 7.19
C3B NAP Y . 23.03 31.27 7.11
O3B NAP Y . 23.72 32.02 8.09
C2B NAP Y . 24.00 30.66 6.11
O2B NAP Y . 25.15 31.50 6.04
C1B NAP Y . 24.25 29.28 6.67
N9A NAP Y . 24.54 28.33 5.61
C8A NAP Y . 23.74 28.10 4.52
N7A NAP Y . 24.21 27.20 3.70
C5A NAP Y . 25.40 26.81 4.29
C6A NAP Y . 26.37 25.86 3.90
N6A NAP Y . 26.28 25.14 2.79
N1A NAP Y . 27.45 25.71 4.69
C2A NAP Y . 27.53 26.45 5.81
N3A NAP Y . 26.68 27.37 6.28
C4A NAP Y . 25.62 27.50 5.46
O3 NAP Y . 17.91 30.27 8.57
PN NAP Y . 17.41 30.01 10.07
O1N NAP Y . 16.11 30.71 10.26
O2N NAP Y . 18.52 30.30 11.02
O5D NAP Y . 17.16 28.44 10.00
C5D NAP Y . 18.24 27.59 9.61
C4D NAP Y . 17.69 26.21 9.42
O4D NAP Y . 17.19 25.72 10.68
C3D NAP Y . 16.48 26.08 8.49
O3D NAP Y . 16.85 26.13 7.12
C2D NAP Y . 15.90 24.73 8.93
O2D NAP Y . 16.61 23.65 8.33
C1D NAP Y . 16.20 24.72 10.44
N1N NAP Y . 15.00 25.05 11.25
C2N NAP Y . 14.61 24.22 12.28
C3N NAP Y . 13.47 24.53 13.03
C7N NAP Y . 13.05 23.67 14.17
O7N NAP Y . 11.97 23.90 14.74
N7N NAP Y . 13.88 22.71 14.58
C4N NAP Y . 12.74 25.67 12.73
C5N NAP Y . 13.14 26.49 11.70
C6N NAP Y . 14.26 26.17 10.96
P2B NAP Y . 25.94 31.51 4.65
O1X NAP Y . 25.05 32.16 3.62
O2X NAP Y . 27.14 32.35 5.00
O3X NAP Y . 26.30 30.08 4.30
PA NAP Z . -33.89 21.43 -28.76
O1A NAP Z . -33.71 20.87 -30.12
O2A NAP Z . -34.24 22.87 -28.63
O5B NAP Z . -34.94 20.55 -27.92
C5B NAP Z . -35.42 21.07 -26.63
C4B NAP Z . -36.70 20.35 -26.26
O4B NAP Z . -37.26 20.77 -24.99
C3B NAP Z . -37.86 20.56 -27.25
O3B NAP Z . -38.30 19.30 -27.74
C2B NAP Z . -38.97 21.22 -26.43
O2B NAP Z . -40.22 20.81 -26.98
C1B NAP Z . -38.65 20.59 -25.08
N9A NAP Z . -39.30 21.14 -23.92
C8A NAP Z . -40.22 20.42 -23.22
N7A NAP Z . -40.68 21.03 -22.17
C5A NAP Z . -40.03 22.26 -22.19
C6A NAP Z . -40.11 23.37 -21.33
N6A NAP Z . -40.90 23.41 -20.27
N1A NAP Z . -39.33 24.43 -21.63
C2A NAP Z . -38.54 24.37 -22.72
N3A NAP Z . -38.38 23.39 -23.59
C4A NAP Z . -39.17 22.34 -23.27
O3 NAP Z . -32.54 21.17 -27.93
PN NAP Z . -31.53 19.93 -27.88
O1N NAP Z . -30.48 20.12 -28.92
O2N NAP Z . -32.33 18.66 -27.92
O5D NAP Z . -30.89 20.10 -26.43
C5D NAP Z . -31.79 20.11 -25.29
C4D NAP Z . -30.98 20.51 -24.09
O4D NAP Z . -29.97 19.51 -23.83
C3D NAP Z . -30.16 21.80 -24.23
O3D NAP Z . -30.97 22.97 -24.08
C2D NAP Z . -29.11 21.63 -23.12
O2D NAP Z . -29.65 22.04 -21.87
C1D NAP Z . -28.91 20.11 -23.11
N1N NAP Z . -27.62 19.73 -23.75
C2N NAP Z . -26.69 18.99 -23.05
C3N NAP Z . -25.49 18.66 -23.67
C7N NAP Z . -24.49 17.85 -22.90
O7N NAP Z . -24.80 17.36 -21.79
N7N NAP Z . -23.26 17.72 -23.39
C4N NAP Z . -25.24 19.03 -24.98
C5N NAP Z . -26.19 19.77 -25.66
C6N NAP Z . -27.37 20.12 -25.04
P2B NAP Z . -41.40 21.92 -26.90
O1X NAP Z . -40.84 23.27 -26.50
O2X NAP Z . -42.09 21.94 -28.26
O3X NAP Z . -42.30 21.34 -25.82
#